data_5WX6
#
_entry.id   5WX6
#
_cell.length_a   164.080
_cell.length_b   84.660
_cell.length_c   137.860
_cell.angle_alpha   90.000
_cell.angle_beta   124.630
_cell.angle_gamma   90.000
#
_symmetry.space_group_name_H-M   'C 1 2 1'
#
loop_
_entity.id
_entity.type
_entity.pdbx_description
1 polymer 'Alkyldiketide-CoA synthase'
2 non-polymer 'SULFATE ION'
3 non-polymer 'COENZYME A'
4 water water
#
_entity_poly.entity_id   1
_entity_poly.type   'polypeptide(L)'
_entity_poly.pdbx_seq_one_letter_code
;MRGSHHHHHHGSMASKVESRQAAVLAIATANPPNIFYQADYPDFYFRVTKSEHMTQLKDKFKRMCEKSMIRKRHMYLTED
VIKENPNIGILNAPSFNARQEIMVEEVPKLGKEAALKAIKEWGQPLSKLTHLIFCTSSGVNMPSADYHLAKIMGLPPYVQ
RTMIYQQGCFAGATALRLAKDIAENNGGHTRILIVCVELMVVCFQAPSDTYLDLLVGNAIFSDGAAAAIVGADLDTTTER
PIFNIVSANQTTIPDSEDGIVGHIREMGMKYYLSRTVPQVIGNNIVQCCRDTFTPLGINDWNSMFYIVHPGGPAVLRMME
EKLGLSKERMRASWHVLSEYGNMQGPSVLFILDEMRNKSMEEGKSTTGEGLEWGVMFGFGPGLTVETVVLRSVAIN
;
_entity_poly.pdbx_strand_id   A,B,C,D
#
loop_
_chem_comp.id
_chem_comp.type
_chem_comp.name
_chem_comp.formula
COA non-polymer 'COENZYME A' 'C21 H36 N7 O16 P3 S'
SO4 non-polymer 'SULFATE ION' 'O4 S -2'
#
# COMPACT_ATOMS: atom_id res chain seq x y z
N GLN A 21 -18.12 19.52 -10.50
CA GLN A 21 -17.35 18.39 -11.05
C GLN A 21 -17.60 16.98 -10.44
N ALA A 22 -17.62 15.96 -11.29
CA ALA A 22 -17.99 14.61 -10.88
C ALA A 22 -17.00 14.00 -9.89
N ALA A 23 -17.52 13.31 -8.88
CA ALA A 23 -16.70 12.65 -7.86
C ALA A 23 -17.24 11.25 -7.57
N VAL A 24 -16.34 10.37 -7.15
CA VAL A 24 -16.71 9.06 -6.63
C VAL A 24 -17.09 9.22 -5.16
N LEU A 25 -18.31 8.83 -4.81
CA LEU A 25 -18.84 9.05 -3.46
C LEU A 25 -18.82 7.81 -2.60
N ALA A 26 -18.65 6.62 -3.19
CA ALA A 26 -18.65 5.34 -2.52
C ALA A 26 -18.12 4.28 -3.47
N ILE A 27 -17.47 3.24 -2.92
CA ILE A 27 -17.00 2.07 -3.66
C ILE A 27 -17.13 0.83 -2.78
N ALA A 28 -17.58 -0.28 -3.37
CA ALA A 28 -17.61 -1.56 -2.67
C ALA A 28 -17.51 -2.68 -3.68
N THR A 29 -17.17 -3.88 -3.18
CA THR A 29 -16.87 -5.00 -4.04
C THR A 29 -17.52 -6.27 -3.49
N ALA A 30 -17.65 -7.28 -4.35
CA ALA A 30 -18.08 -8.61 -3.95
C ALA A 30 -17.42 -9.64 -4.88
N ASN A 31 -17.36 -10.89 -4.41
CA ASN A 31 -16.81 -12.02 -5.17
C ASN A 31 -17.58 -13.28 -4.83
N PRO A 32 -17.65 -14.25 -5.75
CA PRO A 32 -18.18 -15.58 -5.37
C PRO A 32 -17.40 -16.18 -4.23
N PRO A 33 -18.05 -16.98 -3.36
CA PRO A 33 -17.39 -17.39 -2.11
C PRO A 33 -16.28 -18.43 -2.28
N ASN A 34 -16.28 -19.19 -3.37
CA ASN A 34 -15.34 -20.31 -3.53
C ASN A 34 -13.97 -19.81 -3.95
N ILE A 35 -12.96 -20.09 -3.14
CA ILE A 35 -11.60 -19.64 -3.40
C ILE A 35 -10.81 -20.76 -4.07
N PHE A 36 -10.06 -20.40 -5.10
CA PHE A 36 -9.17 -21.29 -5.83
C PHE A 36 -7.75 -20.75 -5.70
N TYR A 37 -6.96 -21.36 -4.81
CA TYR A 37 -5.55 -20.97 -4.70
C TYR A 37 -4.80 -21.40 -5.94
N GLN A 38 -3.99 -20.49 -6.49
CA GLN A 38 -3.33 -20.75 -7.77
C GLN A 38 -2.39 -21.95 -7.72
N ALA A 39 -1.80 -22.23 -6.55
CA ALA A 39 -0.89 -23.37 -6.45
C ALA A 39 -1.60 -24.68 -6.77
N ASP A 40 -2.92 -24.73 -6.53
CA ASP A 40 -3.72 -25.93 -6.72
C ASP A 40 -4.39 -25.99 -8.08
N TYR A 41 -4.32 -24.91 -8.86
CA TYR A 41 -5.24 -24.76 -9.99
C TYR A 41 -4.87 -25.62 -11.19
N PRO A 42 -3.60 -25.75 -11.59
CA PRO A 42 -3.29 -26.71 -12.68
C PRO A 42 -3.82 -28.11 -12.40
N ASP A 43 -3.63 -28.62 -11.17
CA ASP A 43 -4.19 -29.92 -10.81
C ASP A 43 -5.70 -29.93 -10.95
N PHE A 44 -6.36 -28.91 -10.41
CA PHE A 44 -7.81 -28.85 -10.47
C PHE A 44 -8.32 -28.75 -11.90
N TYR A 45 -7.77 -27.81 -12.67
CA TYR A 45 -8.23 -27.55 -14.04
C TYR A 45 -8.10 -28.78 -14.94
N PHE A 46 -6.96 -29.46 -14.90
CA PHE A 46 -6.78 -30.67 -15.70
C PHE A 46 -7.57 -31.86 -15.16
N ARG A 47 -7.90 -31.87 -13.87
CA ARG A 47 -8.69 -32.97 -13.34
C ARG A 47 -10.16 -32.86 -13.74
N VAL A 48 -10.77 -31.68 -13.56
CA VAL A 48 -12.21 -31.54 -13.83
C VAL A 48 -12.52 -31.60 -15.31
N THR A 49 -11.54 -31.31 -16.17
CA THR A 49 -11.69 -31.46 -17.62
C THR A 49 -11.19 -32.82 -18.12
N LYS A 50 -10.83 -33.74 -17.21
CA LYS A 50 -10.39 -35.08 -17.57
C LYS A 50 -9.32 -35.05 -18.68
N SER A 51 -8.32 -34.19 -18.48
CA SER A 51 -7.24 -33.97 -19.44
C SER A 51 -5.86 -34.18 -18.85
N GLU A 52 -5.75 -34.88 -17.71
CA GLU A 52 -4.45 -34.95 -17.03
C GLU A 52 -3.41 -35.80 -17.77
N HIS A 53 -3.81 -36.62 -18.75
CA HIS A 53 -2.84 -37.31 -19.60
C HIS A 53 -2.12 -36.38 -20.54
N MET A 54 -2.61 -35.16 -20.73
CA MET A 54 -1.95 -34.15 -21.55
C MET A 54 -0.83 -33.52 -20.72
N THR A 55 0.20 -34.32 -20.46
CA THR A 55 1.15 -33.96 -19.41
C THR A 55 2.05 -32.81 -19.81
N GLN A 56 2.44 -32.71 -21.08
CA GLN A 56 3.28 -31.58 -21.48
C GLN A 56 2.49 -30.28 -21.50
N LEU A 57 1.23 -30.35 -21.94
CA LEU A 57 0.35 -29.19 -21.85
C LEU A 57 0.15 -28.77 -20.39
N LYS A 58 0.00 -29.74 -19.49
CA LYS A 58 -0.20 -29.39 -18.10
C LYS A 58 1.03 -28.73 -17.49
N ASP A 59 2.24 -29.17 -17.88
CA ASP A 59 3.45 -28.52 -17.37
C ASP A 59 3.58 -27.10 -17.91
N LYS A 60 3.17 -26.86 -19.16
CA LYS A 60 3.13 -25.50 -19.67
C LYS A 60 2.15 -24.63 -18.87
N PHE A 61 0.97 -25.18 -18.54
CA PHE A 61 0.00 -24.46 -17.73
C PHE A 61 0.53 -24.17 -16.34
N LYS A 62 1.23 -25.13 -15.72
CA LYS A 62 1.87 -24.90 -14.43
C LYS A 62 2.84 -23.72 -14.48
N ARG A 63 3.70 -23.69 -15.50
CA ARG A 63 4.60 -22.56 -15.63
C ARG A 63 3.85 -21.25 -15.80
N MET A 64 2.71 -21.25 -16.50
CA MET A 64 1.93 -20.02 -16.65
C MET A 64 1.33 -19.57 -15.32
N CYS A 65 0.75 -20.50 -14.55
CA CYS A 65 0.20 -20.15 -13.25
C CYS A 65 1.30 -19.67 -12.29
N GLU A 66 2.47 -20.30 -12.35
CA GLU A 66 3.55 -19.97 -11.44
C GLU A 66 4.15 -18.61 -11.73
N LYS A 67 4.01 -18.10 -12.95
CA LYS A 67 4.53 -16.78 -13.32
C LYS A 67 3.47 -15.69 -13.32
N SER A 68 2.23 -16.02 -12.94
CA SER A 68 1.10 -15.10 -13.09
C SER A 68 1.06 -14.01 -12.03
N MET A 69 1.75 -14.20 -10.90
CA MET A 69 1.64 -13.35 -9.71
C MET A 69 0.22 -13.33 -9.13
N ILE A 70 -0.57 -14.37 -9.39
CA ILE A 70 -1.88 -14.53 -8.79
C ILE A 70 -1.79 -15.59 -7.70
N ARG A 71 -2.21 -15.21 -6.48
CA ARG A 71 -2.21 -16.13 -5.35
C ARG A 71 -3.53 -16.88 -5.25
N LYS A 72 -4.65 -16.21 -5.47
CA LYS A 72 -5.95 -16.86 -5.39
C LYS A 72 -6.94 -16.14 -6.29
N ARG A 73 -8.00 -16.88 -6.65
CA ARG A 73 -9.09 -16.36 -7.45
C ARG A 73 -10.40 -16.86 -6.88
N HIS A 74 -11.42 -16.01 -6.91
CA HIS A 74 -12.78 -16.40 -6.57
C HIS A 74 -13.53 -16.73 -7.84
N MET A 75 -14.32 -17.80 -7.79
CA MET A 75 -14.94 -18.27 -9.01
C MET A 75 -16.29 -18.90 -8.70
N TYR A 76 -17.29 -18.55 -9.54
CA TYR A 76 -18.61 -19.18 -9.48
C TYR A 76 -18.55 -20.64 -9.96
N LEU A 77 -17.88 -20.87 -11.08
CA LEU A 77 -17.79 -22.19 -11.70
C LEU A 77 -16.96 -23.11 -10.82
N THR A 78 -17.63 -23.95 -10.05
CA THR A 78 -16.97 -24.96 -9.25
C THR A 78 -17.06 -26.30 -9.96
N GLU A 79 -16.38 -27.30 -9.37
CA GLU A 79 -16.50 -28.67 -9.87
C GLU A 79 -17.95 -29.11 -9.90
N ASP A 80 -18.73 -28.74 -8.87
CA ASP A 80 -20.14 -29.12 -8.84
C ASP A 80 -20.93 -28.45 -9.97
N VAL A 81 -20.62 -27.20 -10.29
CA VAL A 81 -21.32 -26.53 -11.40
C VAL A 81 -20.91 -27.15 -12.74
N ILE A 82 -19.66 -27.61 -12.87
CA ILE A 82 -19.28 -28.33 -14.08
C ILE A 82 -20.00 -29.67 -14.18
N LYS A 83 -20.12 -30.40 -13.07
CA LYS A 83 -20.85 -31.65 -13.07
C LYS A 83 -22.32 -31.46 -13.45
N GLU A 84 -22.93 -30.37 -12.96
CA GLU A 84 -24.32 -30.08 -13.32
C GLU A 84 -24.44 -29.69 -14.80
N ASN A 85 -23.38 -29.14 -15.38
CA ASN A 85 -23.38 -28.63 -16.75
C ASN A 85 -22.21 -29.23 -17.51
N PRO A 86 -22.20 -30.55 -17.70
CA PRO A 86 -20.95 -31.22 -18.09
C PRO A 86 -20.33 -30.68 -19.37
N ASN A 87 -21.12 -30.15 -20.30
CA ASN A 87 -20.55 -29.70 -21.57
C ASN A 87 -19.64 -28.50 -21.40
N ILE A 88 -19.76 -27.74 -20.31
CA ILE A 88 -18.84 -26.64 -20.08
C ILE A 88 -17.40 -27.16 -19.98
N GLY A 89 -17.23 -28.37 -19.48
CA GLY A 89 -15.93 -28.98 -19.31
C GLY A 89 -15.45 -29.87 -20.45
N ILE A 90 -16.15 -29.89 -21.58
CA ILE A 90 -15.81 -30.75 -22.71
C ILE A 90 -15.52 -29.84 -23.90
N LEU A 91 -14.29 -29.84 -24.38
CA LEU A 91 -13.89 -28.84 -25.36
C LEU A 91 -14.70 -29.01 -26.64
N ASN A 92 -15.22 -27.89 -27.14
CA ASN A 92 -16.01 -27.72 -28.36
C ASN A 92 -17.47 -28.15 -28.18
N ALA A 93 -17.84 -28.80 -27.08
CA ALA A 93 -19.21 -29.23 -26.87
C ALA A 93 -20.16 -28.02 -26.79
N PRO A 94 -21.41 -28.18 -27.21
CA PRO A 94 -22.38 -27.07 -27.11
C PRO A 94 -22.74 -26.80 -25.65
N SER A 95 -22.38 -25.62 -25.17
CA SER A 95 -22.59 -25.28 -23.77
C SER A 95 -23.07 -23.84 -23.61
N PHE A 96 -23.36 -23.16 -24.71
CA PHE A 96 -23.74 -21.74 -24.64
C PHE A 96 -25.02 -21.54 -23.83
N ASN A 97 -26.05 -22.38 -24.06
CA ASN A 97 -27.32 -22.20 -23.36
C ASN A 97 -27.14 -22.41 -21.87
N ALA A 98 -26.32 -23.40 -21.50
CA ALA A 98 -26.05 -23.67 -20.09
C ALA A 98 -25.34 -22.50 -19.44
N ARG A 99 -24.33 -21.93 -20.13
CA ARG A 99 -23.62 -20.78 -19.61
C ARG A 99 -24.54 -19.59 -19.47
N GLN A 100 -25.32 -19.30 -20.53
CA GLN A 100 -26.25 -18.18 -20.53
C GLN A 100 -27.21 -18.26 -19.34
N GLU A 101 -27.80 -19.43 -19.11
CA GLU A 101 -28.80 -19.53 -18.07
C GLU A 101 -28.21 -19.30 -16.69
N ILE A 102 -26.95 -19.70 -16.47
CA ILE A 102 -26.30 -19.38 -15.20
C ILE A 102 -26.07 -17.87 -15.07
N MET A 103 -25.53 -17.25 -16.13
CA MET A 103 -25.03 -15.89 -16.01
C MET A 103 -26.15 -14.87 -15.95
N VAL A 104 -27.24 -15.11 -16.68
CA VAL A 104 -28.34 -14.14 -16.70
C VAL A 104 -28.91 -13.99 -15.29
N GLU A 105 -28.86 -15.07 -14.50
CA GLU A 105 -29.33 -15.01 -13.11
C GLU A 105 -28.25 -14.52 -12.15
N GLU A 106 -27.03 -15.05 -12.29
CA GLU A 106 -26.01 -14.87 -11.27
C GLU A 106 -25.25 -13.54 -11.39
N VAL A 107 -25.14 -12.99 -12.60
CA VAL A 107 -24.45 -11.71 -12.76
C VAL A 107 -25.13 -10.59 -12.00
N PRO A 108 -26.44 -10.34 -12.18
CA PRO A 108 -27.06 -9.27 -11.38
C PRO A 108 -27.09 -9.60 -9.89
N LYS A 109 -27.23 -10.86 -9.49
CA LYS A 109 -27.22 -11.17 -8.07
C LYS A 109 -25.88 -10.79 -7.42
N LEU A 110 -24.77 -11.11 -8.08
CA LEU A 110 -23.46 -10.73 -7.53
C LEU A 110 -23.31 -9.21 -7.53
N GLY A 111 -23.76 -8.54 -8.61
CA GLY A 111 -23.72 -7.09 -8.63
C GLY A 111 -24.51 -6.46 -7.50
N LYS A 112 -25.64 -7.07 -7.14
CA LYS A 112 -26.47 -6.56 -6.06
C LYS A 112 -25.72 -6.54 -4.74
N GLU A 113 -24.95 -7.60 -4.45
CA GLU A 113 -24.20 -7.65 -3.20
C GLU A 113 -23.23 -6.47 -3.09
N ALA A 114 -22.54 -6.14 -4.19
CA ALA A 114 -21.64 -4.98 -4.20
C ALA A 114 -22.41 -3.66 -4.12
N ALA A 115 -23.50 -3.52 -4.89
CA ALA A 115 -24.25 -2.27 -4.92
C ALA A 115 -24.84 -1.94 -3.57
N LEU A 116 -25.36 -2.94 -2.85
CA LEU A 116 -25.92 -2.67 -1.52
C LEU A 116 -24.86 -2.14 -0.58
N LYS A 117 -23.64 -2.69 -0.64
CA LYS A 117 -22.57 -2.20 0.21
C LYS A 117 -22.15 -0.78 -0.18
N ALA A 118 -22.12 -0.47 -1.47
CA ALA A 118 -21.79 0.89 -1.91
C ALA A 118 -22.86 1.90 -1.48
N ILE A 119 -24.15 1.53 -1.58
CA ILE A 119 -25.21 2.45 -1.16
C ILE A 119 -25.12 2.68 0.34
N LYS A 120 -24.75 1.65 1.09
CA LYS A 120 -24.63 1.79 2.55
C LYS A 120 -23.51 2.75 2.91
N GLU A 121 -22.33 2.61 2.29
CA GLU A 121 -21.26 3.58 2.53
C GLU A 121 -21.68 5.00 2.18
N TRP A 122 -22.35 5.15 1.04
CA TRP A 122 -22.86 6.45 0.59
C TRP A 122 -23.69 7.16 1.66
N GLY A 123 -24.54 6.40 2.37
CA GLY A 123 -25.39 6.94 3.41
C GLY A 123 -26.73 7.51 2.96
N GLN A 124 -26.97 7.62 1.65
CA GLN A 124 -28.22 8.15 1.10
C GLN A 124 -29.17 7.02 0.74
N PRO A 125 -30.49 7.32 0.67
CA PRO A 125 -31.45 6.29 0.27
C PRO A 125 -31.17 5.75 -1.13
N LEU A 126 -31.42 4.45 -1.30
CA LEU A 126 -31.39 3.85 -2.62
C LEU A 126 -32.25 4.63 -3.61
N SER A 127 -33.36 5.22 -3.15
CA SER A 127 -34.29 5.93 -4.02
C SER A 127 -33.74 7.28 -4.51
N LYS A 128 -32.61 7.75 -3.95
CA LYS A 128 -31.98 9.01 -4.36
C LYS A 128 -31.12 8.87 -5.61
N LEU A 129 -30.86 7.64 -6.06
CA LEU A 129 -30.20 7.43 -7.34
C LEU A 129 -31.09 7.86 -8.50
N THR A 130 -30.46 8.36 -9.54
CA THR A 130 -31.15 8.73 -10.76
C THR A 130 -30.74 7.89 -11.97
N HIS A 131 -29.56 7.25 -11.92
CA HIS A 131 -29.00 6.53 -13.05
C HIS A 131 -28.34 5.24 -12.58
N LEU A 132 -28.34 4.24 -13.47
CA LEU A 132 -27.63 2.98 -13.28
C LEU A 132 -26.85 2.69 -14.56
N ILE A 133 -25.55 2.48 -14.43
CA ILE A 133 -24.74 1.95 -15.53
C ILE A 133 -24.28 0.56 -15.14
N PHE A 134 -24.71 -0.46 -15.89
CA PHE A 134 -24.29 -1.83 -15.64
C PHE A 134 -23.32 -2.25 -16.73
N CYS A 135 -22.21 -2.90 -16.33
CA CYS A 135 -21.18 -3.39 -17.26
C CYS A 135 -20.90 -4.87 -17.02
N THR A 136 -20.99 -5.68 -18.08
CA THR A 136 -20.57 -7.06 -17.97
C THR A 136 -20.25 -7.58 -19.37
N SER A 137 -19.29 -8.49 -19.44
CA SER A 137 -19.09 -9.27 -20.65
C SER A 137 -19.49 -10.73 -20.42
N SER A 138 -20.29 -10.99 -19.38
CA SER A 138 -20.66 -12.35 -18.98
C SER A 138 -22.17 -12.53 -19.16
N GLY A 139 -22.58 -12.89 -20.36
CA GLY A 139 -23.97 -13.17 -20.63
C GLY A 139 -24.66 -12.01 -21.32
N VAL A 140 -25.67 -12.32 -22.13
CA VAL A 140 -26.49 -11.31 -22.79
C VAL A 140 -27.94 -11.77 -22.78
N ASN A 141 -28.85 -10.84 -22.53
CA ASN A 141 -30.27 -11.14 -22.44
C ASN A 141 -31.03 -9.87 -22.73
N MET A 142 -32.31 -10.03 -23.09
CA MET A 142 -33.23 -8.88 -23.20
C MET A 142 -34.51 -9.19 -22.41
N PRO A 143 -34.82 -8.39 -21.37
CA PRO A 143 -34.05 -7.24 -20.90
C PRO A 143 -32.73 -7.63 -20.27
N SER A 144 -31.83 -6.68 -20.20
CA SER A 144 -30.45 -7.01 -19.87
C SER A 144 -30.21 -6.96 -18.38
N ALA A 145 -28.95 -7.21 -18.02
CA ALA A 145 -28.55 -7.32 -16.63
C ALA A 145 -28.86 -6.05 -15.86
N ASP A 146 -28.82 -4.89 -16.52
CA ASP A 146 -29.13 -3.64 -15.83
C ASP A 146 -30.58 -3.62 -15.35
N TYR A 147 -31.51 -4.08 -16.19
CA TYR A 147 -32.90 -4.20 -15.76
C TYR A 147 -33.04 -5.20 -14.63
N HIS A 148 -32.43 -6.38 -14.78
CA HIS A 148 -32.54 -7.42 -13.76
C HIS A 148 -32.01 -6.92 -12.42
N LEU A 149 -30.90 -6.19 -12.43
CA LEU A 149 -30.40 -5.58 -11.19
C LEU A 149 -31.42 -4.61 -10.62
N ALA A 150 -31.93 -3.69 -11.44
CA ALA A 150 -32.94 -2.75 -10.94
C ALA A 150 -34.12 -3.50 -10.35
N LYS A 151 -34.48 -4.63 -10.95
CA LYS A 151 -35.61 -5.41 -10.49
C LYS A 151 -35.34 -6.06 -9.13
N ILE A 152 -34.22 -6.77 -9.01
CA ILE A 152 -33.96 -7.47 -7.76
C ILE A 152 -33.53 -6.52 -6.66
N MET A 153 -33.07 -5.31 -6.99
CA MET A 153 -32.78 -4.30 -5.98
C MET A 153 -33.97 -3.44 -5.62
N GLY A 154 -35.06 -3.51 -6.39
CA GLY A 154 -36.17 -2.62 -6.19
C GLY A 154 -35.82 -1.17 -6.46
N LEU A 155 -34.98 -0.90 -7.46
CA LEU A 155 -34.73 0.47 -7.85
C LEU A 155 -36.01 1.10 -8.39
N PRO A 156 -36.32 2.35 -8.05
CA PRO A 156 -37.56 2.97 -8.51
C PRO A 156 -37.60 3.07 -10.03
N PRO A 157 -38.81 3.14 -10.62
CA PRO A 157 -38.93 3.16 -12.09
C PRO A 157 -38.32 4.37 -12.75
N TYR A 158 -37.97 5.42 -11.99
CA TYR A 158 -37.37 6.59 -12.59
C TYR A 158 -35.85 6.46 -12.77
N VAL A 159 -35.23 5.39 -12.27
CA VAL A 159 -33.78 5.22 -12.45
C VAL A 159 -33.52 4.91 -13.91
N GLN A 160 -32.66 5.73 -14.54
CA GLN A 160 -32.41 5.63 -15.98
C GLN A 160 -31.20 4.72 -16.19
N ARG A 161 -31.40 3.65 -16.95
CA ARG A 161 -30.41 2.58 -17.07
C ARG A 161 -29.62 2.68 -18.36
N THR A 162 -28.36 2.28 -18.28
CA THR A 162 -27.48 2.12 -19.44
C THR A 162 -26.75 0.80 -19.29
N MET A 163 -26.76 -0.02 -20.34
CA MET A 163 -26.13 -1.33 -20.34
C MET A 163 -24.87 -1.30 -21.20
N ILE A 164 -23.73 -1.62 -20.59
CA ILE A 164 -22.46 -1.72 -21.31
C ILE A 164 -22.08 -3.19 -21.38
N TYR A 165 -22.35 -3.84 -22.51
CA TYR A 165 -22.08 -5.25 -22.75
C TYR A 165 -20.78 -5.44 -23.55
N GLN A 166 -20.00 -6.46 -23.16
CA GLN A 166 -18.90 -7.06 -23.96
C GLN A 166 -17.72 -6.12 -24.21
N GLN A 167 -17.49 -5.11 -23.37
CA GLN A 167 -16.39 -4.20 -23.58
C GLN A 167 -15.09 -4.64 -22.89
N GLY A 168 -15.01 -5.88 -22.45
CA GLY A 168 -13.72 -6.33 -21.93
C GLY A 168 -13.30 -5.63 -20.65
N CYS A 169 -11.99 -5.45 -20.52
CA CYS A 169 -11.41 -4.97 -19.27
C CYS A 169 -11.37 -3.45 -19.16
N PHE A 170 -11.88 -2.70 -20.13
CA PHE A 170 -11.93 -1.25 -19.98
C PHE A 170 -13.32 -0.76 -19.59
N ALA A 171 -14.27 -1.67 -19.39
CA ALA A 171 -15.65 -1.31 -19.07
C ALA A 171 -15.74 -0.46 -17.80
N GLY A 172 -14.94 -0.78 -16.79
CA GLY A 172 -15.01 -0.02 -15.55
C GLY A 172 -14.61 1.42 -15.72
N ALA A 173 -13.51 1.66 -16.42
CA ALA A 173 -13.10 3.03 -16.72
C ALA A 173 -14.10 3.71 -17.66
N THR A 174 -14.63 2.97 -18.65
CA THR A 174 -15.59 3.57 -19.57
C THR A 174 -16.85 4.04 -18.84
N ALA A 175 -17.27 3.33 -17.79
CA ALA A 175 -18.45 3.76 -17.06
C ALA A 175 -18.18 5.04 -16.29
N LEU A 176 -16.95 5.22 -15.81
CA LEU A 176 -16.57 6.49 -15.18
C LEU A 176 -16.57 7.63 -16.20
N ARG A 177 -16.16 7.35 -17.44
CA ARG A 177 -16.12 8.39 -18.45
C ARG A 177 -17.52 8.87 -18.80
N LEU A 178 -18.48 7.94 -18.89
CA LEU A 178 -19.85 8.33 -19.16
C LEU A 178 -20.49 8.97 -17.94
N ALA A 179 -20.24 8.41 -16.75
CA ALA A 179 -20.83 8.95 -15.53
C ALA A 179 -20.41 10.39 -15.28
N LYS A 180 -19.19 10.75 -15.66
CA LYS A 180 -18.74 12.12 -15.46
C LYS A 180 -19.61 13.09 -16.24
N ASP A 181 -19.87 12.79 -17.51
CA ASP A 181 -20.66 13.72 -18.31
C ASP A 181 -22.14 13.71 -17.89
N ILE A 182 -22.66 12.58 -17.43
CA ILE A 182 -24.06 12.54 -16.97
C ILE A 182 -24.22 13.34 -15.67
N ALA A 183 -23.32 13.12 -14.71
CA ALA A 183 -23.40 13.83 -13.44
C ALA A 183 -23.22 15.34 -13.64
N GLU A 184 -22.25 15.74 -14.47
CA GLU A 184 -21.92 17.15 -14.61
C GLU A 184 -22.92 17.91 -15.47
N ASN A 185 -23.58 17.26 -16.43
CA ASN A 185 -24.50 17.99 -17.29
C ASN A 185 -25.92 18.06 -16.74
N ASN A 186 -26.26 17.21 -15.78
CA ASN A 186 -27.61 17.19 -15.23
C ASN A 186 -27.80 17.96 -13.93
N GLY A 187 -26.71 18.29 -13.24
CA GLY A 187 -26.81 19.04 -12.00
C GLY A 187 -26.22 18.36 -10.79
N GLY A 188 -26.78 18.66 -9.62
CA GLY A 188 -26.31 18.11 -8.37
C GLY A 188 -27.16 17.00 -7.77
N HIS A 189 -28.39 16.87 -8.26
CA HIS A 189 -29.29 15.84 -7.76
C HIS A 189 -29.07 14.52 -8.48
N THR A 190 -28.36 14.58 -9.59
CA THR A 190 -28.04 13.40 -10.39
C THR A 190 -27.03 12.52 -9.65
N ARG A 191 -27.39 11.25 -9.47
CA ARG A 191 -26.55 10.28 -8.78
C ARG A 191 -26.57 8.99 -9.57
N ILE A 192 -25.39 8.53 -9.98
CA ILE A 192 -25.24 7.39 -10.86
C ILE A 192 -24.65 6.22 -10.07
N LEU A 193 -25.34 5.10 -10.08
CA LEU A 193 -24.78 3.83 -9.59
C LEU A 193 -24.10 3.12 -10.76
N ILE A 194 -22.81 2.81 -10.60
CA ILE A 194 -22.08 2.00 -11.57
C ILE A 194 -21.88 0.61 -10.98
N VAL A 195 -22.24 -0.44 -11.75
CA VAL A 195 -22.07 -1.84 -11.32
C VAL A 195 -21.40 -2.62 -12.45
N CYS A 196 -20.23 -3.20 -12.16
CA CYS A 196 -19.47 -4.04 -13.10
C CYS A 196 -19.31 -5.44 -12.52
N VAL A 197 -19.69 -6.45 -13.29
CA VAL A 197 -19.65 -7.84 -12.84
C VAL A 197 -19.04 -8.70 -13.92
N GLU A 198 -18.21 -9.68 -13.52
CA GLU A 198 -17.72 -10.69 -14.44
C GLU A 198 -17.79 -12.06 -13.78
N LEU A 199 -18.24 -13.04 -14.55
CA LEU A 199 -18.19 -14.45 -14.17
C LEU A 199 -17.53 -15.22 -15.30
N MET A 200 -16.47 -15.97 -15.00
CA MET A 200 -15.75 -16.71 -16.04
C MET A 200 -16.48 -18.00 -16.47
N VAL A 201 -17.69 -18.25 -15.96
CA VAL A 201 -18.61 -19.17 -16.63
C VAL A 201 -18.65 -18.85 -18.12
N VAL A 202 -18.47 -17.58 -18.49
CA VAL A 202 -18.68 -17.16 -19.88
C VAL A 202 -17.65 -17.80 -20.80
N CYS A 203 -16.41 -17.98 -20.33
CA CYS A 203 -15.29 -18.28 -21.22
C CYS A 203 -14.41 -19.43 -20.76
N PHE A 204 -14.72 -20.09 -19.64
CA PHE A 204 -13.99 -21.27 -19.24
C PHE A 204 -13.97 -22.27 -20.39
N GLN A 205 -12.77 -22.78 -20.71
CA GLN A 205 -12.59 -23.76 -21.78
C GLN A 205 -11.57 -24.82 -21.36
N ALA A 206 -11.85 -26.08 -21.72
CA ALA A 206 -10.99 -27.20 -21.47
C ALA A 206 -9.70 -27.09 -22.30
N PRO A 207 -8.61 -27.71 -21.85
CA PRO A 207 -7.32 -27.49 -22.52
C PRO A 207 -7.22 -28.18 -23.88
N SER A 208 -6.48 -27.53 -24.78
CA SER A 208 -6.11 -28.11 -26.07
C SER A 208 -4.69 -27.71 -26.41
N ASP A 209 -3.93 -28.65 -26.98
CA ASP A 209 -2.54 -28.40 -27.34
C ASP A 209 -2.39 -27.54 -28.60
N THR A 210 -3.47 -27.30 -29.32
CA THR A 210 -3.43 -26.53 -30.55
C THR A 210 -4.09 -25.16 -30.43
N TYR A 211 -4.57 -24.86 -29.22
CA TYR A 211 -5.20 -23.60 -28.90
C TYR A 211 -4.62 -23.15 -27.57
N LEU A 212 -3.41 -22.59 -27.62
CA LEU A 212 -2.69 -22.14 -26.43
C LEU A 212 -3.18 -20.82 -25.81
N ASP A 213 -4.08 -20.13 -26.50
CA ASP A 213 -4.63 -18.88 -26.00
C ASP A 213 -5.49 -19.12 -24.76
N LEU A 214 -6.19 -20.25 -24.74
CA LEU A 214 -7.04 -20.62 -23.62
C LEU A 214 -6.21 -20.85 -22.36
N LEU A 215 -5.03 -21.43 -22.53
CA LEU A 215 -4.14 -21.70 -21.42
C LEU A 215 -3.86 -20.42 -20.64
N VAL A 216 -3.68 -19.32 -21.36
CA VAL A 216 -3.42 -18.04 -20.70
C VAL A 216 -4.63 -17.59 -19.93
N GLY A 217 -5.80 -17.56 -20.58
CA GLY A 217 -6.99 -17.06 -19.93
C GLY A 217 -7.40 -17.88 -18.73
N ASN A 218 -7.20 -19.20 -18.80
CA ASN A 218 -7.51 -20.06 -17.67
C ASN A 218 -6.55 -19.89 -16.50
N ALA A 219 -5.36 -19.32 -16.74
CA ALA A 219 -4.44 -19.05 -15.65
C ALA A 219 -4.71 -17.71 -14.97
N ILE A 220 -5.46 -16.80 -15.61
CA ILE A 220 -5.55 -15.43 -15.11
C ILE A 220 -6.96 -14.94 -14.81
N PHE A 221 -7.98 -15.38 -15.56
CA PHE A 221 -9.32 -14.76 -15.44
C PHE A 221 -10.09 -15.26 -14.22
N SER A 222 -10.84 -14.34 -13.58
CA SER A 222 -11.50 -14.63 -12.32
C SER A 222 -12.80 -13.83 -12.20
N ASP A 223 -13.55 -14.06 -11.10
CA ASP A 223 -14.88 -13.52 -10.89
C ASP A 223 -14.89 -12.41 -9.85
N GLY A 224 -15.74 -11.41 -10.07
CA GLY A 224 -15.91 -10.35 -9.09
C GLY A 224 -16.92 -9.32 -9.55
N ALA A 225 -17.36 -8.50 -8.60
CA ALA A 225 -18.26 -7.40 -8.85
C ALA A 225 -17.79 -6.19 -8.07
N ALA A 226 -17.91 -5.00 -8.68
CA ALA A 226 -17.66 -3.75 -7.97
C ALA A 226 -18.77 -2.75 -8.28
N ALA A 227 -19.04 -1.88 -7.31
CA ALA A 227 -20.05 -0.84 -7.42
C ALA A 227 -19.46 0.49 -6.97
N ALA A 228 -19.85 1.55 -7.67
CA ALA A 228 -19.44 2.92 -7.35
C ALA A 228 -20.62 3.84 -7.56
N ILE A 229 -20.68 4.91 -6.76
CA ILE A 229 -21.68 5.97 -6.89
C ILE A 229 -20.96 7.23 -7.34
N VAL A 230 -21.48 7.89 -8.38
CA VAL A 230 -20.91 9.13 -8.90
C VAL A 230 -21.95 10.25 -8.82
N GLY A 231 -21.51 11.43 -8.39
CA GLY A 231 -22.34 12.62 -8.41
C GLY A 231 -21.48 13.85 -8.51
N ALA A 232 -22.09 14.95 -8.94
CA ALA A 232 -21.39 16.22 -9.07
C ALA A 232 -22.04 17.25 -8.14
N PRO A 241 -16.62 13.26 -1.09
CA PRO A 241 -15.92 12.61 -2.21
C PRO A 241 -14.70 11.84 -1.77
N ILE A 242 -14.37 10.82 -2.56
CA ILE A 242 -13.19 9.98 -2.36
C ILE A 242 -12.12 10.30 -3.40
N PHE A 243 -12.51 10.39 -4.67
CA PHE A 243 -11.69 10.90 -5.75
C PHE A 243 -12.56 11.78 -6.61
N ASN A 244 -11.93 12.72 -7.32
CA ASN A 244 -12.62 13.62 -8.23
C ASN A 244 -12.23 13.18 -9.65
N ILE A 245 -13.22 13.11 -10.54
CA ILE A 245 -12.98 12.68 -11.91
C ILE A 245 -12.66 13.93 -12.72
N VAL A 246 -11.36 14.19 -12.90
CA VAL A 246 -10.93 15.40 -13.59
C VAL A 246 -11.24 15.32 -15.07
N SER A 247 -10.87 14.21 -15.70
CA SER A 247 -11.14 14.02 -17.12
C SER A 247 -11.06 12.54 -17.41
N ALA A 248 -11.54 12.15 -18.59
CA ALA A 248 -11.51 10.77 -19.05
C ALA A 248 -11.48 10.76 -20.56
N ASN A 249 -10.63 9.92 -21.15
CA ASN A 249 -10.50 9.86 -22.60
C ASN A 249 -10.21 8.44 -23.04
N GLN A 250 -10.90 8.02 -24.09
CA GLN A 250 -10.62 6.75 -24.73
C GLN A 250 -9.77 7.00 -25.97
N THR A 251 -8.82 6.09 -26.21
CA THR A 251 -8.05 6.05 -27.43
C THR A 251 -7.94 4.61 -27.90
N THR A 252 -7.57 4.44 -29.16
CA THR A 252 -7.40 3.12 -29.74
C THR A 252 -5.99 3.00 -30.32
N ILE A 253 -5.36 1.84 -30.15
CA ILE A 253 -4.02 1.60 -30.63
C ILE A 253 -4.13 1.02 -32.04
N PRO A 254 -3.52 1.66 -33.04
CA PRO A 254 -3.62 1.15 -34.41
C PRO A 254 -2.99 -0.22 -34.58
N ASP A 255 -3.51 -1.00 -35.53
CA ASP A 255 -2.93 -2.28 -35.94
C ASP A 255 -2.70 -3.20 -34.77
N SER A 256 -3.71 -3.29 -33.90
CA SER A 256 -3.65 -4.14 -32.72
C SER A 256 -4.93 -4.94 -32.53
N GLU A 257 -5.74 -5.05 -33.58
CA GLU A 257 -7.07 -5.62 -33.42
C GLU A 257 -7.00 -7.04 -32.87
N ASP A 258 -5.99 -7.80 -33.28
CA ASP A 258 -5.89 -9.22 -32.96
C ASP A 258 -5.24 -9.49 -31.61
N GLY A 259 -4.97 -8.45 -30.82
CA GLY A 259 -4.31 -8.67 -29.54
C GLY A 259 -5.21 -9.32 -28.51
N ILE A 260 -6.45 -8.86 -28.38
CA ILE A 260 -7.42 -9.43 -27.44
C ILE A 260 -8.71 -9.62 -28.22
N VAL A 261 -9.06 -10.87 -28.50
CA VAL A 261 -10.19 -11.21 -29.35
C VAL A 261 -11.12 -12.15 -28.59
N GLY A 262 -12.41 -11.81 -28.56
CA GLY A 262 -13.43 -12.64 -27.94
C GLY A 262 -14.52 -13.08 -28.91
N HIS A 263 -14.62 -14.39 -29.14
CA HIS A 263 -15.57 -14.96 -30.11
C HIS A 263 -16.63 -15.73 -29.35
N ILE A 264 -17.84 -15.17 -29.32
CA ILE A 264 -18.96 -15.78 -28.60
C ILE A 264 -19.61 -16.79 -29.53
N ARG A 265 -19.66 -18.05 -29.08
CA ARG A 265 -19.97 -19.18 -29.94
C ARG A 265 -20.86 -20.15 -29.18
N GLU A 266 -21.28 -21.22 -29.86
CA GLU A 266 -22.10 -22.25 -29.24
C GLU A 266 -21.37 -23.03 -28.16
N MET A 267 -20.04 -23.00 -28.15
CA MET A 267 -19.21 -23.60 -27.10
C MET A 267 -18.88 -22.61 -25.98
N GLY A 268 -19.55 -21.46 -25.93
CA GLY A 268 -19.19 -20.39 -25.04
C GLY A 268 -18.25 -19.41 -25.71
N MET A 269 -17.67 -18.55 -24.90
CA MET A 269 -16.76 -17.54 -25.40
C MET A 269 -15.37 -18.12 -25.64
N LYS A 270 -14.85 -17.87 -26.84
CA LYS A 270 -13.52 -18.34 -27.23
C LYS A 270 -12.63 -17.10 -27.35
N TYR A 271 -11.71 -16.94 -26.42
CA TYR A 271 -10.81 -15.79 -26.43
C TYR A 271 -9.45 -16.11 -27.04
N TYR A 272 -8.81 -15.08 -27.56
CA TYR A 272 -7.49 -15.22 -28.17
C TYR A 272 -6.62 -14.07 -27.66
N LEU A 273 -5.59 -14.41 -26.89
CA LEU A 273 -4.71 -13.41 -26.32
C LEU A 273 -3.31 -13.45 -26.93
N SER A 274 -2.94 -12.35 -27.60
CA SER A 274 -1.62 -12.25 -28.20
C SER A 274 -0.54 -12.12 -27.13
N ARG A 275 0.59 -12.79 -27.34
CA ARG A 275 1.70 -12.71 -26.41
C ARG A 275 2.31 -11.33 -26.32
N THR A 276 2.10 -10.50 -27.34
CA THR A 276 2.69 -9.16 -27.37
C THR A 276 1.78 -8.11 -26.76
N VAL A 277 0.59 -8.49 -26.28
CA VAL A 277 -0.33 -7.51 -25.71
C VAL A 277 0.30 -6.72 -24.56
N PRO A 278 0.91 -7.34 -23.55
CA PRO A 278 1.46 -6.54 -22.43
C PRO A 278 2.48 -5.50 -22.87
N GLN A 279 3.20 -5.74 -23.96
CA GLN A 279 4.19 -4.78 -24.41
C GLN A 279 3.55 -3.65 -25.22
N VAL A 280 2.56 -3.98 -26.04
CA VAL A 280 1.82 -2.95 -26.76
C VAL A 280 1.06 -2.07 -25.77
N ILE A 281 0.38 -2.70 -24.81
CA ILE A 281 -0.33 -1.95 -23.78
C ILE A 281 0.63 -1.10 -22.96
N GLY A 282 1.67 -1.72 -22.40
CA GLY A 282 2.54 -1.03 -21.47
C GLY A 282 3.24 0.16 -22.11
N ASN A 283 3.72 0.01 -23.35
CA ASN A 283 4.35 1.14 -24.03
C ASN A 283 3.34 2.25 -24.29
N ASN A 284 2.10 1.88 -24.58
CA ASN A 284 1.09 2.87 -24.87
C ASN A 284 0.69 3.66 -23.62
N ILE A 285 0.40 2.98 -22.50
CA ILE A 285 -0.04 3.72 -21.32
C ILE A 285 1.11 4.50 -20.69
N VAL A 286 2.35 3.99 -20.80
CA VAL A 286 3.49 4.81 -20.41
C VAL A 286 3.48 6.11 -21.21
N GLN A 287 3.17 6.02 -22.50
CA GLN A 287 3.13 7.22 -23.34
C GLN A 287 1.93 8.09 -23.00
N CYS A 288 0.77 7.49 -22.70
CA CYS A 288 -0.40 8.24 -22.27
C CYS A 288 -0.12 9.09 -21.04
N CYS A 289 0.53 8.50 -20.02
CA CYS A 289 1.02 9.28 -18.89
C CYS A 289 1.76 10.52 -19.32
N ARG A 290 2.77 10.34 -20.18
CA ARG A 290 3.61 11.46 -20.59
C ARG A 290 2.79 12.56 -21.26
N ASP A 291 2.01 12.19 -22.28
CA ASP A 291 1.21 13.19 -22.99
C ASP A 291 0.17 13.84 -22.09
N THR A 292 -0.42 13.07 -21.18
CA THR A 292 -1.53 13.62 -20.40
C THR A 292 -1.04 14.55 -19.30
N PHE A 293 0.01 14.16 -18.60
CA PHE A 293 0.42 14.87 -17.39
C PHE A 293 1.52 15.87 -17.72
N THR A 294 1.20 17.16 -17.55
CA THR A 294 2.10 18.28 -17.88
C THR A 294 1.92 19.43 -16.89
N ASP A 300 7.93 14.87 -11.48
CA ASP A 300 8.33 13.57 -10.94
C ASP A 300 7.22 12.52 -10.97
N TRP A 301 7.49 11.35 -11.56
CA TRP A 301 6.45 10.33 -11.74
C TRP A 301 6.11 9.61 -10.44
N ASN A 302 7.02 9.58 -9.47
CA ASN A 302 6.69 9.00 -8.17
C ASN A 302 5.77 9.87 -7.34
N SER A 303 5.46 11.09 -7.78
CA SER A 303 4.67 12.02 -7.00
C SER A 303 3.19 11.99 -7.38
N MET A 304 2.78 11.08 -8.25
CA MET A 304 1.37 10.87 -8.54
C MET A 304 1.01 9.43 -8.26
N PHE A 305 -0.28 9.16 -8.13
CA PHE A 305 -0.71 7.80 -7.85
C PHE A 305 -1.29 7.14 -9.10
N TYR A 306 -1.39 5.80 -9.06
CA TYR A 306 -1.62 4.95 -10.23
C TYR A 306 -2.59 3.80 -9.92
N ILE A 307 -3.58 3.63 -10.80
CA ILE A 307 -4.45 2.44 -10.84
C ILE A 307 -4.31 1.86 -12.23
N VAL A 308 -3.71 0.67 -12.35
CA VAL A 308 -3.51 0.01 -13.64
C VAL A 308 -4.23 -1.33 -13.61
N HIS A 309 -5.14 -1.53 -14.56
CA HIS A 309 -5.85 -2.80 -14.70
C HIS A 309 -4.85 -3.95 -14.68
N PRO A 310 -4.98 -4.85 -13.81
CA PRO A 310 -3.96 -5.90 -13.67
C PRO A 310 -4.09 -6.94 -14.78
N GLY A 311 -3.68 -6.54 -15.99
CA GLY A 311 -3.75 -7.46 -17.11
C GLY A 311 -2.81 -8.64 -16.96
N GLY A 312 -1.69 -8.42 -16.26
CA GLY A 312 -0.69 -9.41 -15.96
C GLY A 312 0.52 -8.70 -15.36
N PRO A 313 1.53 -9.46 -14.92
CA PRO A 313 2.66 -8.80 -14.26
C PRO A 313 3.48 -7.91 -15.19
N ALA A 314 3.56 -8.22 -16.48
CA ALA A 314 4.49 -7.52 -17.36
C ALA A 314 4.03 -6.07 -17.61
N VAL A 315 2.73 -5.84 -17.70
CA VAL A 315 2.23 -4.46 -17.85
C VAL A 315 2.64 -3.61 -16.64
N LEU A 316 2.39 -4.12 -15.42
CA LEU A 316 2.79 -3.38 -14.23
C LEU A 316 4.30 -3.17 -14.18
N ARG A 317 5.07 -4.21 -14.52
CA ARG A 317 6.53 -4.05 -14.45
C ARG A 317 7.03 -3.04 -15.47
N MET A 318 6.31 -2.87 -16.58
CA MET A 318 6.71 -1.90 -17.60
C MET A 318 6.48 -0.47 -17.13
N MET A 319 5.34 -0.22 -16.49
CA MET A 319 5.09 1.06 -15.85
C MET A 319 6.19 1.40 -14.86
N GLU A 320 6.50 0.47 -13.96
CA GLU A 320 7.53 0.74 -12.97
C GLU A 320 8.86 1.07 -13.63
N GLU A 321 9.20 0.35 -14.70
CA GLU A 321 10.54 0.47 -15.28
C GLU A 321 10.66 1.70 -16.17
N LYS A 322 9.66 1.97 -17.01
CA LYS A 322 9.76 3.10 -17.93
C LYS A 322 9.57 4.44 -17.22
N LEU A 323 8.84 4.46 -16.10
CA LEU A 323 8.62 5.69 -15.35
C LEU A 323 9.50 5.81 -14.12
N GLY A 324 10.35 4.82 -13.87
CA GLY A 324 11.22 4.81 -12.70
C GLY A 324 10.43 4.93 -11.41
N LEU A 325 9.37 4.13 -11.30
CA LEU A 325 8.49 4.19 -10.14
C LEU A 325 9.06 3.38 -8.98
N SER A 326 8.94 3.91 -7.78
CA SER A 326 9.33 3.14 -6.63
C SER A 326 8.31 2.02 -6.40
N LYS A 327 8.61 1.16 -5.44
CA LYS A 327 7.87 -0.09 -5.28
C LYS A 327 6.45 0.12 -4.74
N GLU A 328 6.23 1.16 -3.94
CA GLU A 328 4.91 1.36 -3.35
C GLU A 328 3.91 1.95 -4.34
N ARG A 329 4.35 2.43 -5.50
CA ARG A 329 3.40 3.05 -6.42
C ARG A 329 2.40 2.05 -6.95
N MET A 330 2.86 0.86 -7.36
CA MET A 330 1.98 -0.15 -7.94
C MET A 330 1.42 -1.12 -6.90
N ARG A 331 1.69 -0.90 -5.61
CA ARG A 331 1.33 -1.83 -4.56
C ARG A 331 -0.14 -2.24 -4.62
N ALA A 332 -1.05 -1.28 -4.82
CA ALA A 332 -2.48 -1.61 -4.83
C ALA A 332 -2.86 -2.45 -6.04
N SER A 333 -2.24 -2.17 -7.19
CA SER A 333 -2.52 -2.94 -8.40
C SER A 333 -1.96 -4.36 -8.31
N TRP A 334 -0.74 -4.49 -7.77
CA TRP A 334 -0.18 -5.80 -7.47
C TRP A 334 -1.04 -6.56 -6.48
N HIS A 335 -1.59 -5.86 -5.48
CA HIS A 335 -2.34 -6.54 -4.43
C HIS A 335 -3.62 -7.15 -5.00
N VAL A 336 -4.32 -6.42 -5.86
CA VAL A 336 -5.55 -6.96 -6.43
C VAL A 336 -5.26 -8.14 -7.34
N LEU A 337 -4.24 -8.03 -8.20
CA LEU A 337 -3.82 -9.17 -9.00
C LEU A 337 -3.53 -10.40 -8.14
N SER A 338 -2.75 -10.21 -7.07
CA SER A 338 -2.42 -11.32 -6.17
C SER A 338 -3.66 -11.99 -5.60
N GLU A 339 -4.60 -11.20 -5.08
CA GLU A 339 -5.67 -11.71 -4.24
C GLU A 339 -6.96 -11.99 -4.99
N TYR A 340 -7.08 -11.50 -6.22
CA TYR A 340 -8.28 -11.72 -7.00
C TYR A 340 -8.02 -12.17 -8.43
N GLY A 341 -6.78 -12.09 -8.93
CA GLY A 341 -6.63 -12.40 -10.34
C GLY A 341 -7.12 -11.26 -11.23
N ASN A 342 -7.29 -11.60 -12.52
CA ASN A 342 -7.74 -10.65 -13.54
C ASN A 342 -9.26 -10.77 -13.67
N MET A 343 -10.00 -9.91 -12.97
CA MET A 343 -11.45 -9.91 -12.99
C MET A 343 -12.04 -9.12 -14.15
N GLN A 344 -11.21 -8.67 -15.09
CA GLN A 344 -11.67 -7.90 -16.27
C GLN A 344 -12.35 -6.63 -15.79
N GLY A 345 -13.55 -6.31 -16.27
CA GLY A 345 -14.21 -5.03 -16.06
C GLY A 345 -14.08 -4.36 -14.70
N PRO A 346 -14.47 -5.06 -13.61
CA PRO A 346 -14.47 -4.43 -12.28
C PRO A 346 -13.08 -4.23 -11.64
N SER A 347 -12.00 -4.71 -12.24
CA SER A 347 -10.70 -4.74 -11.55
C SER A 347 -10.22 -3.35 -11.10
N VAL A 348 -10.37 -2.32 -11.94
CA VAL A 348 -9.87 -0.98 -11.57
C VAL A 348 -10.59 -0.43 -10.34
N LEU A 349 -11.87 -0.78 -10.17
CA LEU A 349 -12.59 -0.33 -8.99
C LEU A 349 -12.12 -1.04 -7.73
N PHE A 350 -11.79 -2.33 -7.83
CA PHE A 350 -11.14 -3.03 -6.72
C PHE A 350 -9.86 -2.32 -6.29
N ILE A 351 -9.06 -1.89 -7.28
CA ILE A 351 -7.77 -1.26 -7.00
C ILE A 351 -7.98 0.12 -6.40
N LEU A 352 -8.93 0.87 -6.96
CA LEU A 352 -9.30 2.17 -6.40
C LEU A 352 -9.74 2.04 -4.95
N ASP A 353 -10.57 1.03 -4.65
CA ASP A 353 -11.05 0.80 -3.29
C ASP A 353 -9.90 0.42 -2.36
N GLU A 354 -9.04 -0.51 -2.78
CA GLU A 354 -7.90 -0.92 -1.95
C GLU A 354 -6.99 0.28 -1.66
N MET A 355 -6.79 1.14 -2.64
CA MET A 355 -5.88 2.27 -2.47
C MET A 355 -6.38 3.23 -1.40
N ARG A 356 -7.64 3.67 -1.50
CA ARG A 356 -8.15 4.62 -0.51
C ARG A 356 -8.32 3.96 0.86
N ASN A 357 -8.66 2.67 0.90
CA ASN A 357 -8.80 2.00 2.18
C ASN A 357 -7.46 1.95 2.91
N LYS A 358 -6.40 1.51 2.21
CA LYS A 358 -5.09 1.44 2.84
C LYS A 358 -4.54 2.82 3.15
N SER A 359 -4.91 3.83 2.34
CA SER A 359 -4.48 5.20 2.58
C SER A 359 -5.02 5.70 3.92
N MET A 360 -6.29 5.41 4.20
CA MET A 360 -6.88 5.80 5.48
C MET A 360 -6.27 5.02 6.64
N GLU A 361 -6.26 3.68 6.54
CA GLU A 361 -5.83 2.84 7.65
C GLU A 361 -4.36 3.05 7.99
N GLU A 362 -3.53 3.38 7.02
CA GLU A 362 -2.10 3.55 7.24
C GLU A 362 -1.73 5.00 7.47
N GLY A 363 -2.73 5.87 7.66
CA GLY A 363 -2.47 7.23 8.10
C GLY A 363 -1.91 8.16 7.07
N LYS A 364 -2.17 7.90 5.78
CA LYS A 364 -1.75 8.80 4.71
C LYS A 364 -2.65 10.05 4.67
N SER A 365 -2.16 11.10 4.02
CA SER A 365 -2.83 12.39 4.08
C SER A 365 -3.90 12.59 3.02
N THR A 366 -3.92 11.76 1.98
CA THR A 366 -4.98 11.83 0.98
C THR A 366 -5.43 10.41 0.64
N THR A 367 -6.52 10.34 -0.11
CA THR A 367 -7.04 9.05 -0.57
C THR A 367 -6.15 8.40 -1.62
N GLY A 368 -5.27 9.17 -2.26
CA GLY A 368 -4.35 8.64 -3.22
C GLY A 368 -2.96 8.49 -2.64
N GLU A 369 -2.86 7.85 -1.46
CA GLU A 369 -1.58 7.46 -0.86
C GLU A 369 -0.76 8.67 -0.44
N GLY A 370 -1.44 9.77 -0.09
CA GLY A 370 -0.83 11.03 0.28
C GLY A 370 -0.53 11.93 -0.89
N LEU A 371 -0.79 11.49 -2.10
CA LEU A 371 -0.47 12.24 -3.31
C LEU A 371 -1.72 12.96 -3.83
N GLU A 372 -1.48 13.94 -4.72
CA GLU A 372 -2.56 14.80 -5.17
C GLU A 372 -3.23 14.31 -6.45
N TRP A 373 -2.43 14.11 -7.49
CA TRP A 373 -2.95 13.66 -8.78
C TRP A 373 -2.73 12.16 -8.96
N GLY A 374 -3.64 11.52 -9.71
CA GLY A 374 -3.52 10.12 -10.04
C GLY A 374 -4.06 9.85 -11.42
N VAL A 375 -3.90 8.59 -11.86
CA VAL A 375 -4.39 8.14 -13.15
C VAL A 375 -4.89 6.70 -13.03
N MET A 376 -6.00 6.43 -13.70
CA MET A 376 -6.53 5.08 -13.83
C MET A 376 -6.49 4.67 -15.29
N PHE A 377 -5.99 3.47 -15.58
CA PHE A 377 -5.91 2.91 -16.92
C PHE A 377 -6.71 1.63 -17.00
N GLY A 378 -7.74 1.63 -17.83
CA GLY A 378 -8.37 0.38 -18.26
C GLY A 378 -8.02 0.07 -19.71
N PHE A 379 -8.05 -1.20 -20.13
CA PHE A 379 -7.73 -1.50 -21.52
C PHE A 379 -8.32 -2.86 -21.87
N GLY A 380 -8.50 -3.09 -23.18
CA GLY A 380 -9.14 -4.30 -23.64
C GLY A 380 -9.17 -4.37 -25.15
N PRO A 381 -10.13 -5.14 -25.69
CA PRO A 381 -10.09 -5.47 -27.12
C PRO A 381 -10.09 -4.20 -27.97
N GLY A 382 -9.34 -4.25 -29.07
CA GLY A 382 -9.17 -3.08 -29.94
C GLY A 382 -7.83 -2.97 -30.66
N LEU A 383 -6.73 -2.74 -29.95
CA LEU A 383 -6.72 -2.53 -28.50
C LEU A 383 -7.22 -1.14 -28.13
N THR A 384 -8.03 -1.10 -27.09
CA THR A 384 -8.64 0.13 -26.61
C THR A 384 -8.08 0.46 -25.24
N VAL A 385 -7.83 1.75 -25.01
CA VAL A 385 -7.30 2.26 -23.75
C VAL A 385 -8.23 3.34 -23.24
N GLU A 386 -8.67 3.21 -21.98
CA GLU A 386 -9.43 4.24 -21.28
C GLU A 386 -8.55 4.86 -20.19
N THR A 387 -8.33 6.17 -20.28
CA THR A 387 -7.48 6.92 -19.35
C THR A 387 -8.37 7.86 -18.53
N VAL A 388 -8.32 7.75 -17.22
CA VAL A 388 -9.12 8.56 -16.31
C VAL A 388 -8.16 9.32 -15.41
N VAL A 389 -8.13 10.65 -15.54
CA VAL A 389 -7.35 11.50 -14.65
C VAL A 389 -8.14 11.70 -13.36
N LEU A 390 -7.52 11.36 -12.24
CA LEU A 390 -8.16 11.46 -10.95
C LEU A 390 -7.45 12.47 -10.08
N ARG A 391 -8.15 12.88 -9.02
CA ARG A 391 -7.55 13.68 -7.98
C ARG A 391 -8.01 13.17 -6.62
N SER A 392 -7.08 13.09 -5.67
CA SER A 392 -7.38 12.58 -4.33
C SER A 392 -8.10 13.65 -3.50
N VAL A 393 -8.59 13.23 -2.34
CA VAL A 393 -9.16 14.15 -1.37
C VAL A 393 -8.44 13.94 -0.05
N ALA A 394 -8.41 14.98 0.76
CA ALA A 394 -7.66 14.93 2.01
C ALA A 394 -8.35 14.05 3.04
N ILE A 395 -7.55 13.25 3.75
CA ILE A 395 -8.02 12.45 4.87
C ILE A 395 -7.00 12.60 5.99
N ASN A 396 -7.16 11.81 7.05
CA ASN A 396 -6.03 11.43 7.91
C ASN A 396 -5.96 9.89 8.07
N GLN B 21 41.77 -9.88 38.49
CA GLN B 21 41.37 -10.06 37.09
C GLN B 21 39.95 -10.63 36.96
N ALA B 22 39.16 -10.03 36.07
CA ALA B 22 37.75 -10.34 35.93
C ALA B 22 37.53 -11.75 35.39
N ALA B 23 36.49 -12.40 35.88
CA ALA B 23 36.16 -13.76 35.50
C ALA B 23 34.66 -13.89 35.26
N VAL B 24 34.28 -14.79 34.36
CA VAL B 24 32.88 -15.19 34.22
C VAL B 24 32.60 -16.26 35.28
N LEU B 25 31.60 -15.99 36.14
CA LEU B 25 31.25 -16.84 37.27
C LEU B 25 30.00 -17.66 37.05
N ALA B 26 29.18 -17.29 36.07
CA ALA B 26 27.97 -18.02 35.74
C ALA B 26 27.60 -17.65 34.31
N ILE B 27 26.98 -18.60 33.61
CA ILE B 27 26.40 -18.41 32.28
C ILE B 27 25.08 -19.18 32.24
N ALA B 28 24.05 -18.58 31.66
CA ALA B 28 22.80 -19.30 31.44
C ALA B 28 22.07 -18.68 30.25
N THR B 29 21.14 -19.44 29.69
CA THR B 29 20.46 -19.05 28.45
C THR B 29 18.97 -19.36 28.54
N ALA B 30 18.21 -18.77 27.61
CA ALA B 30 16.78 -19.01 27.45
C ALA B 30 16.39 -18.66 26.02
N ASN B 31 15.28 -19.24 25.55
CA ASN B 31 14.73 -18.98 24.22
C ASN B 31 13.20 -19.01 24.27
N PRO B 32 12.52 -18.30 23.37
CA PRO B 32 11.09 -18.51 23.23
C PRO B 32 10.78 -19.96 22.94
N PRO B 33 9.62 -20.46 23.39
CA PRO B 33 9.38 -21.91 23.32
C PRO B 33 9.04 -22.45 21.95
N ASN B 34 8.60 -21.60 21.02
CA ASN B 34 8.15 -22.08 19.73
C ASN B 34 9.32 -22.35 18.81
N ILE B 35 9.41 -23.58 18.32
CA ILE B 35 10.52 -24.04 17.50
C ILE B 35 10.12 -24.06 16.04
N PHE B 36 10.95 -23.49 15.19
CA PHE B 36 10.75 -23.49 13.75
C PHE B 36 11.91 -24.25 13.11
N TYR B 37 11.64 -25.48 12.70
CA TYR B 37 12.65 -26.25 11.99
C TYR B 37 12.87 -25.64 10.62
N GLN B 38 14.14 -25.54 10.24
CA GLN B 38 14.49 -24.81 9.02
C GLN B 38 13.96 -25.50 7.76
N ALA B 39 13.86 -26.84 7.79
CA ALA B 39 13.29 -27.57 6.65
C ALA B 39 11.88 -27.09 6.29
N ASP B 40 11.09 -26.63 7.28
CA ASP B 40 9.71 -26.20 7.08
C ASP B 40 9.58 -24.70 6.93
N TYR B 41 10.67 -23.94 7.10
CA TYR B 41 10.51 -22.50 7.23
C TYR B 41 10.17 -21.79 5.91
N PRO B 42 10.74 -22.15 4.76
CA PRO B 42 10.30 -21.46 3.53
C PRO B 42 8.80 -21.55 3.29
N ASP B 43 8.20 -22.70 3.59
CA ASP B 43 6.75 -22.83 3.46
C ASP B 43 6.03 -21.93 4.43
N PHE B 44 6.43 -21.96 5.71
CA PHE B 44 5.77 -21.15 6.73
C PHE B 44 5.88 -19.65 6.42
N TYR B 45 7.08 -19.19 6.11
CA TYR B 45 7.35 -17.77 5.88
C TYR B 45 6.52 -17.22 4.72
N PHE B 46 6.56 -17.89 3.57
CA PHE B 46 5.80 -17.37 2.43
C PHE B 46 4.30 -17.54 2.64
N ARG B 47 3.88 -18.50 3.44
CA ARG B 47 2.46 -18.69 3.69
C ARG B 47 1.92 -17.63 4.64
N VAL B 48 2.60 -17.38 5.77
CA VAL B 48 2.06 -16.41 6.72
C VAL B 48 2.22 -14.96 6.24
N THR B 49 3.09 -14.70 5.27
CA THR B 49 3.16 -13.41 4.62
C THR B 49 2.31 -13.35 3.36
N LYS B 50 1.52 -14.39 3.09
CA LYS B 50 0.63 -14.45 1.92
C LYS B 50 1.37 -14.10 0.63
N SER B 51 2.55 -14.70 0.46
CA SER B 51 3.38 -14.38 -0.69
C SER B 51 3.75 -15.61 -1.50
N GLU B 52 2.96 -16.69 -1.43
CA GLU B 52 3.29 -17.92 -2.16
C GLU B 52 3.35 -17.72 -3.67
N HIS B 53 2.74 -16.67 -4.19
CA HIS B 53 2.71 -16.44 -5.63
C HIS B 53 4.03 -15.91 -6.17
N MET B 54 4.93 -15.46 -5.30
CA MET B 54 6.30 -15.10 -5.71
C MET B 54 7.14 -16.37 -5.79
N THR B 55 6.90 -17.15 -6.84
CA THR B 55 7.42 -18.52 -6.83
C THR B 55 8.93 -18.56 -7.00
N GLN B 56 9.50 -17.76 -7.91
CA GLN B 56 10.95 -17.70 -8.06
C GLN B 56 11.62 -17.26 -6.77
N LEU B 57 11.07 -16.23 -6.13
CA LEU B 57 11.63 -15.72 -4.88
C LEU B 57 11.61 -16.80 -3.81
N LYS B 58 10.55 -17.59 -3.78
CA LYS B 58 10.49 -18.67 -2.79
C LYS B 58 11.54 -19.74 -3.08
N ASP B 59 11.79 -20.06 -4.36
CA ASP B 59 12.88 -21.00 -4.69
C ASP B 59 14.23 -20.48 -4.20
N LYS B 60 14.48 -19.18 -4.40
CA LYS B 60 15.72 -18.57 -3.93
C LYS B 60 15.82 -18.61 -2.41
N PHE B 61 14.71 -18.38 -1.71
CA PHE B 61 14.74 -18.42 -0.25
C PHE B 61 14.95 -19.84 0.28
N LYS B 62 14.35 -20.84 -0.39
CA LYS B 62 14.62 -22.24 -0.04
C LYS B 62 16.10 -22.57 -0.11
N ARG B 63 16.79 -22.12 -1.18
CA ARG B 63 18.21 -22.38 -1.33
C ARG B 63 18.99 -21.67 -0.23
N MET B 64 18.58 -20.44 0.12
CA MET B 64 19.23 -19.73 1.21
C MET B 64 19.08 -20.48 2.53
N CYS B 65 17.88 -20.98 2.81
CA CYS B 65 17.69 -21.78 4.02
C CYS B 65 18.47 -23.10 3.96
N GLU B 66 18.49 -23.76 2.79
CA GLU B 66 19.20 -25.03 2.68
C GLU B 66 20.71 -24.89 2.85
N LYS B 67 21.26 -23.70 2.60
CA LYS B 67 22.68 -23.45 2.76
C LYS B 67 23.03 -22.82 4.12
N SER B 68 22.03 -22.52 4.96
CA SER B 68 22.27 -21.77 6.19
C SER B 68 22.96 -22.58 7.29
N MET B 69 22.89 -23.92 7.21
CA MET B 69 23.44 -24.80 8.26
C MET B 69 22.73 -24.55 9.60
N ILE B 70 21.49 -24.08 9.53
CA ILE B 70 20.61 -23.90 10.69
C ILE B 70 19.58 -25.01 10.67
N ARG B 71 19.49 -25.76 11.77
CA ARG B 71 18.52 -26.84 11.85
C ARG B 71 17.19 -26.37 12.44
N LYS B 72 17.24 -25.47 13.43
CA LYS B 72 16.00 -24.98 13.99
C LYS B 72 16.26 -23.61 14.60
N ARG B 73 15.18 -22.88 14.81
CA ARG B 73 15.22 -21.58 15.49
C ARG B 73 14.05 -21.46 16.43
N HIS B 74 14.28 -20.75 17.52
CA HIS B 74 13.24 -20.39 18.48
C HIS B 74 12.83 -18.96 18.18
N MET B 75 11.53 -18.74 18.11
CA MET B 75 11.06 -17.42 17.71
C MET B 75 9.78 -17.07 18.45
N TYR B 76 9.75 -15.82 18.96
CA TYR B 76 8.56 -15.31 19.60
C TYR B 76 7.44 -15.08 18.59
N LEU B 77 7.79 -14.67 17.37
CA LEU B 77 6.80 -14.31 16.36
C LEU B 77 6.24 -15.57 15.73
N THR B 78 5.08 -16.00 16.20
CA THR B 78 4.35 -17.14 15.68
C THR B 78 3.30 -16.66 14.67
N GLU B 79 2.61 -17.61 14.04
CA GLU B 79 1.52 -17.24 13.15
C GLU B 79 0.41 -16.54 13.92
N ASP B 80 0.15 -16.96 15.17
CA ASP B 80 -0.86 -16.29 15.99
C ASP B 80 -0.49 -14.84 16.24
N VAL B 81 0.78 -14.57 16.54
CA VAL B 81 1.23 -13.20 16.79
C VAL B 81 1.07 -12.36 15.53
N ILE B 82 1.38 -12.93 14.36
CA ILE B 82 1.24 -12.16 13.13
C ILE B 82 -0.22 -11.88 12.83
N LYS B 83 -1.11 -12.84 13.10
CA LYS B 83 -2.52 -12.58 12.89
C LYS B 83 -3.05 -11.51 13.84
N GLU B 84 -2.50 -11.41 15.05
CA GLU B 84 -2.91 -10.35 15.98
C GLU B 84 -2.34 -8.99 15.59
N ASN B 85 -1.23 -8.96 14.87
CA ASN B 85 -0.56 -7.73 14.44
C ASN B 85 -0.29 -7.84 12.94
N PRO B 86 -1.34 -7.80 12.12
CA PRO B 86 -1.20 -8.22 10.71
C PRO B 86 -0.23 -7.41 9.89
N ASN B 87 -0.02 -6.12 10.21
CA ASN B 87 0.90 -5.30 9.42
C ASN B 87 2.34 -5.77 9.54
N ILE B 88 2.66 -6.53 10.59
CA ILE B 88 4.00 -7.10 10.66
C ILE B 88 4.28 -7.98 9.45
N GLY B 89 3.25 -8.64 8.92
CA GLY B 89 3.38 -9.48 7.76
C GLY B 89 3.09 -8.84 6.42
N ILE B 90 2.93 -7.53 6.34
CA ILE B 90 2.58 -6.81 5.10
C ILE B 90 3.73 -5.87 4.80
N LEU B 91 4.47 -6.14 3.73
CA LEU B 91 5.65 -5.34 3.43
C LEU B 91 5.29 -3.86 3.31
N ASN B 92 6.05 -3.02 4.02
CA ASN B 92 5.95 -1.57 4.04
C ASN B 92 4.72 -1.04 4.78
N ALA B 93 3.88 -1.90 5.38
CA ALA B 93 2.78 -1.41 6.19
C ALA B 93 3.30 -0.85 7.52
N PRO B 94 2.64 0.16 8.10
CA PRO B 94 3.10 0.67 9.40
C PRO B 94 2.90 -0.36 10.51
N SER B 95 3.99 -0.85 11.08
CA SER B 95 3.92 -1.90 12.08
C SER B 95 4.87 -1.60 13.24
N PHE B 96 5.50 -0.43 13.26
CA PHE B 96 6.50 -0.12 14.26
C PHE B 96 5.91 -0.05 15.66
N ASN B 97 4.74 0.59 15.82
CA ASN B 97 4.07 0.62 17.14
C ASN B 97 3.75 -0.78 17.64
N ALA B 98 3.20 -1.62 16.76
CA ALA B 98 2.89 -3.01 17.15
C ALA B 98 4.14 -3.76 17.59
N ARG B 99 5.23 -3.64 16.85
CA ARG B 99 6.46 -4.33 17.22
C ARG B 99 7.01 -3.79 18.55
N GLN B 100 7.02 -2.47 18.72
CA GLN B 100 7.53 -1.85 19.94
C GLN B 100 6.75 -2.34 21.17
N GLU B 101 5.41 -2.30 21.11
CA GLU B 101 4.61 -2.76 22.22
C GLU B 101 4.95 -4.21 22.62
N ILE B 102 5.13 -5.10 21.64
CA ILE B 102 5.52 -6.47 21.93
C ILE B 102 6.88 -6.51 22.64
N MET B 103 7.86 -5.80 22.09
CA MET B 103 9.25 -5.98 22.53
C MET B 103 9.56 -5.32 23.86
N VAL B 104 8.98 -4.15 24.12
CA VAL B 104 9.26 -3.44 25.38
C VAL B 104 8.90 -4.32 26.57
N GLU B 105 7.87 -5.17 26.43
CA GLU B 105 7.48 -6.13 27.46
C GLU B 105 8.26 -7.46 27.40
N GLU B 106 8.35 -8.07 26.20
CA GLU B 106 8.83 -9.45 26.10
C GLU B 106 10.35 -9.58 26.18
N VAL B 107 11.10 -8.54 25.84
CA VAL B 107 12.56 -8.58 25.90
C VAL B 107 13.02 -8.67 27.35
N PRO B 108 12.56 -7.81 28.28
CA PRO B 108 12.95 -8.03 29.70
C PRO B 108 12.42 -9.32 30.30
N LYS B 109 11.23 -9.81 29.88
CA LYS B 109 10.73 -11.09 30.40
C LYS B 109 11.65 -12.24 30.06
N LEU B 110 12.10 -12.32 28.80
CA LEU B 110 13.00 -13.40 28.42
C LEU B 110 14.37 -13.23 29.07
N GLY B 111 14.79 -11.98 29.30
CA GLY B 111 16.06 -11.75 29.98
C GLY B 111 16.05 -12.22 31.41
N LYS B 112 14.91 -12.06 32.10
CA LYS B 112 14.82 -12.52 33.49
C LYS B 112 14.96 -14.03 33.61
N GLU B 113 14.47 -14.79 32.63
CA GLU B 113 14.58 -16.25 32.67
C GLU B 113 16.04 -16.71 32.62
N ALA B 114 16.84 -16.11 31.73
CA ALA B 114 18.27 -16.44 31.69
C ALA B 114 18.99 -15.95 32.95
N ALA B 115 18.68 -14.73 33.40
CA ALA B 115 19.37 -14.16 34.55
C ALA B 115 19.10 -14.93 35.83
N LEU B 116 17.86 -15.39 36.02
CA LEU B 116 17.55 -16.18 37.21
C LEU B 116 18.36 -17.47 37.25
N LYS B 117 18.60 -18.08 36.09
CA LYS B 117 19.39 -19.30 36.07
C LYS B 117 20.87 -19.00 36.31
N ALA B 118 21.38 -17.88 35.78
CA ALA B 118 22.78 -17.54 36.00
C ALA B 118 23.05 -17.20 37.47
N ILE B 119 22.11 -16.52 38.12
CA ILE B 119 22.26 -16.20 39.54
C ILE B 119 22.21 -17.48 40.38
N LYS B 120 21.36 -18.43 39.99
CA LYS B 120 21.30 -19.69 40.72
C LYS B 120 22.61 -20.44 40.58
N GLU B 121 23.20 -20.46 39.40
CA GLU B 121 24.52 -21.06 39.23
C GLU B 121 25.57 -20.33 40.05
N TRP B 122 25.58 -19.00 39.97
CA TRP B 122 26.50 -18.19 40.75
C TRP B 122 26.39 -18.51 42.24
N GLY B 123 25.17 -18.57 42.76
CA GLY B 123 24.92 -19.07 44.08
C GLY B 123 24.77 -18.03 45.15
N GLN B 124 24.81 -16.75 44.81
CA GLN B 124 24.71 -15.62 45.72
C GLN B 124 23.34 -14.95 45.59
N PRO B 125 22.90 -14.20 46.59
CA PRO B 125 21.62 -13.50 46.49
C PRO B 125 21.69 -12.32 45.53
N LEU B 126 20.50 -11.90 45.07
CA LEU B 126 20.36 -10.69 44.27
C LEU B 126 21.10 -9.50 44.87
N SER B 127 21.15 -9.43 46.20
CA SER B 127 21.66 -8.26 46.90
C SER B 127 23.17 -8.11 46.80
N LYS B 128 23.89 -9.15 46.38
CA LYS B 128 25.32 -9.03 46.13
C LYS B 128 25.65 -8.51 44.74
N LEU B 129 24.64 -8.31 43.88
CA LEU B 129 24.82 -7.68 42.59
C LEU B 129 25.01 -6.19 42.77
N THR B 130 25.97 -5.63 42.04
CA THR B 130 26.21 -4.20 42.06
C THR B 130 25.95 -3.51 40.73
N HIS B 131 25.99 -4.24 39.61
CA HIS B 131 25.77 -3.63 38.31
C HIS B 131 24.91 -4.55 37.45
N LEU B 132 24.26 -3.92 36.48
CA LEU B 132 23.52 -4.61 35.42
C LEU B 132 23.89 -3.95 34.09
N ILE B 133 24.36 -4.75 33.14
CA ILE B 133 24.51 -4.33 31.75
C ILE B 133 23.52 -5.12 30.92
N PHE B 134 22.55 -4.43 30.32
CA PHE B 134 21.55 -5.02 29.47
C PHE B 134 21.84 -4.62 28.02
N CYS B 135 21.85 -5.61 27.11
CA CYS B 135 22.12 -5.39 25.69
C CYS B 135 20.94 -5.91 24.87
N THR B 136 20.41 -5.08 23.97
CA THR B 136 19.42 -5.52 22.98
C THR B 136 19.41 -4.57 21.78
N SER B 137 19.06 -5.12 20.62
CA SER B 137 18.72 -4.34 19.44
C SER B 137 17.24 -4.50 19.09
N SER B 138 16.45 -5.00 20.05
CA SER B 138 15.05 -5.38 19.87
C SER B 138 14.19 -4.46 20.73
N GLY B 139 13.89 -3.28 20.21
CA GLY B 139 13.03 -2.29 20.85
C GLY B 139 13.81 -1.22 21.58
N VAL B 140 13.20 -0.05 21.73
CA VAL B 140 13.75 1.03 22.54
C VAL B 140 12.62 1.69 23.32
N ASN B 141 12.89 2.04 24.57
CA ASN B 141 11.90 2.69 25.41
C ASN B 141 12.62 3.50 26.48
N MET B 142 11.87 4.38 27.13
CA MET B 142 12.37 5.14 28.29
C MET B 142 11.34 5.08 29.43
N PRO B 143 11.69 4.46 30.58
CA PRO B 143 12.93 3.81 30.99
C PRO B 143 13.23 2.62 30.08
N SER B 144 14.48 2.15 30.02
CA SER B 144 14.88 1.13 29.07
C SER B 144 14.71 -0.27 29.64
N ALA B 145 15.11 -1.26 28.83
CA ALA B 145 14.97 -2.66 29.20
C ALA B 145 15.80 -3.02 30.43
N ASP B 146 16.94 -2.34 30.64
CA ASP B 146 17.73 -2.54 31.86
C ASP B 146 16.93 -2.16 33.10
N TYR B 147 16.18 -1.06 33.03
CA TYR B 147 15.31 -0.67 34.13
C TYR B 147 14.19 -1.69 34.31
N HIS B 148 13.52 -2.05 33.21
CA HIS B 148 12.39 -2.99 33.30
C HIS B 148 12.83 -4.35 33.84
N LEU B 149 14.02 -4.82 33.45
CA LEU B 149 14.54 -6.06 34.03
C LEU B 149 14.77 -5.92 35.53
N ALA B 150 15.36 -4.79 35.96
CA ALA B 150 15.58 -4.56 37.39
C ALA B 150 14.26 -4.55 38.15
N LYS B 151 13.22 -3.95 37.56
CA LYS B 151 11.91 -3.92 38.21
C LYS B 151 11.34 -5.31 38.40
N ILE B 152 11.25 -6.09 37.31
CA ILE B 152 10.58 -7.39 37.39
C ILE B 152 11.41 -8.43 38.13
N MET B 153 12.71 -8.22 38.27
CA MET B 153 13.55 -9.09 39.09
C MET B 153 13.62 -8.63 40.53
N GLY B 154 13.14 -7.43 40.82
CA GLY B 154 13.21 -6.86 42.16
C GLY B 154 14.63 -6.56 42.59
N LEU B 155 15.48 -6.12 41.66
CA LEU B 155 16.85 -5.82 42.01
C LEU B 155 16.90 -4.62 42.96
N PRO B 156 17.92 -4.56 43.83
CA PRO B 156 18.00 -3.44 44.77
C PRO B 156 18.20 -2.13 44.06
N PRO B 157 17.81 -1.01 44.68
CA PRO B 157 17.87 0.30 44.00
C PRO B 157 19.29 0.79 43.78
N TYR B 158 20.29 0.16 44.40
CA TYR B 158 21.68 0.53 44.24
C TYR B 158 22.38 -0.24 43.13
N VAL B 159 21.70 -1.18 42.45
CA VAL B 159 22.30 -1.82 41.28
C VAL B 159 22.43 -0.78 40.18
N GLN B 160 23.66 -0.58 39.72
CA GLN B 160 23.99 0.47 38.76
C GLN B 160 23.85 -0.05 37.33
N ARG B 161 22.95 0.56 36.56
CA ARG B 161 22.53 0.04 35.27
C ARG B 161 23.26 0.72 34.11
N THR B 162 23.60 -0.07 33.10
CA THR B 162 24.11 0.38 31.81
C THR B 162 23.33 -0.32 30.71
N MET B 163 22.84 0.47 29.75
CA MET B 163 21.98 0.00 28.67
C MET B 163 22.71 0.15 27.34
N ILE B 164 22.91 -0.97 26.64
CA ILE B 164 23.61 -1.02 25.37
C ILE B 164 22.58 -1.36 24.30
N TYR B 165 22.10 -0.34 23.59
CA TYR B 165 21.06 -0.47 22.58
C TYR B 165 21.69 -0.52 21.19
N GLN B 166 21.15 -1.41 20.33
CA GLN B 166 21.35 -1.38 18.87
C GLN B 166 22.79 -1.68 18.46
N GLN B 167 23.56 -2.43 19.24
CA GLN B 167 24.93 -2.69 18.82
C GLN B 167 25.04 -4.00 18.06
N GLY B 168 23.92 -4.65 17.75
CA GLY B 168 23.96 -5.78 16.86
C GLY B 168 24.63 -6.99 17.48
N CYS B 169 25.39 -7.70 16.66
CA CYS B 169 25.93 -8.99 17.03
C CYS B 169 27.25 -8.90 17.78
N PHE B 170 27.73 -7.69 18.12
CA PHE B 170 28.92 -7.63 18.97
C PHE B 170 28.59 -7.18 20.38
N ALA B 171 27.31 -7.08 20.72
CA ALA B 171 26.92 -6.52 22.02
C ALA B 171 27.32 -7.46 23.18
N GLY B 172 27.31 -8.77 22.98
CA GLY B 172 27.72 -9.66 24.06
C GLY B 172 29.18 -9.50 24.41
N ALA B 173 30.04 -9.44 23.38
CA ALA B 173 31.46 -9.21 23.61
C ALA B 173 31.69 -7.84 24.22
N THR B 174 30.99 -6.81 23.73
CA THR B 174 31.20 -5.47 24.23
C THR B 174 30.79 -5.34 25.69
N ALA B 175 29.79 -6.12 26.13
CA ALA B 175 29.41 -6.10 27.54
C ALA B 175 30.54 -6.65 28.40
N LEU B 176 31.20 -7.71 27.92
CA LEU B 176 32.35 -8.26 28.64
C LEU B 176 33.50 -7.28 28.69
N ARG B 177 33.71 -6.53 27.61
CA ARG B 177 34.78 -5.54 27.63
C ARG B 177 34.50 -4.47 28.68
N LEU B 178 33.24 -4.07 28.80
CA LEU B 178 32.88 -3.05 29.78
C LEU B 178 32.92 -3.60 31.19
N ALA B 179 32.38 -4.81 31.40
CA ALA B 179 32.36 -5.41 32.74
C ALA B 179 33.76 -5.65 33.27
N LYS B 180 34.71 -6.01 32.40
CA LYS B 180 36.09 -6.18 32.85
C LYS B 180 36.60 -4.96 33.58
N ASP B 181 36.44 -3.78 32.97
CA ASP B 181 36.97 -2.57 33.60
C ASP B 181 36.16 -2.16 34.82
N ILE B 182 34.85 -2.42 34.82
CA ILE B 182 34.05 -2.11 36.01
C ILE B 182 34.43 -3.04 37.15
N ALA B 183 34.55 -4.33 36.85
CA ALA B 183 34.86 -5.31 37.88
C ALA B 183 36.25 -5.08 38.46
N GLU B 184 37.22 -4.71 37.62
CA GLU B 184 38.59 -4.63 38.11
C GLU B 184 38.87 -3.27 38.74
N ASN B 185 38.22 -2.20 38.30
CA ASN B 185 38.52 -0.91 38.90
C ASN B 185 37.81 -0.69 40.24
N ASN B 186 36.73 -1.42 40.52
CA ASN B 186 35.97 -1.19 41.75
C ASN B 186 36.21 -2.24 42.84
N GLY B 187 37.01 -3.28 42.56
CA GLY B 187 37.51 -4.13 43.63
C GLY B 187 36.65 -5.30 44.03
N GLY B 188 36.73 -5.67 45.31
CA GLY B 188 36.19 -6.93 45.80
C GLY B 188 34.72 -7.23 45.58
N HIS B 189 33.83 -6.35 46.02
CA HIS B 189 32.41 -6.69 46.10
C HIS B 189 31.60 -6.28 44.86
N THR B 190 32.27 -5.92 43.76
CA THR B 190 31.59 -5.54 42.53
C THR B 190 31.20 -6.78 41.73
N ARG B 191 29.91 -6.96 41.49
CA ARG B 191 29.41 -8.08 40.72
C ARG B 191 28.48 -7.55 39.65
N ILE B 192 28.74 -7.90 38.40
CA ILE B 192 28.05 -7.35 37.26
C ILE B 192 27.21 -8.45 36.65
N LEU B 193 25.90 -8.23 36.55
CA LEU B 193 25.03 -9.13 35.81
C LEU B 193 24.91 -8.59 34.38
N ILE B 194 25.24 -9.43 33.40
CA ILE B 194 25.13 -9.11 31.98
C ILE B 194 23.94 -9.89 31.44
N VAL B 195 23.07 -9.22 30.69
CA VAL B 195 21.90 -9.87 30.08
C VAL B 195 21.75 -9.32 28.66
N CYS B 196 21.83 -10.22 27.68
CA CYS B 196 21.63 -9.90 26.27
C CYS B 196 20.41 -10.66 25.77
N VAL B 197 19.53 -9.95 25.08
CA VAL B 197 18.28 -10.50 24.58
C VAL B 197 18.07 -10.01 23.16
N GLU B 198 17.54 -10.89 22.29
CA GLU B 198 17.09 -10.48 20.96
C GLU B 198 15.79 -11.19 20.63
N LEU B 199 14.87 -10.46 20.00
CA LEU B 199 13.62 -10.98 19.46
C LEU B 199 13.51 -10.42 18.05
N MET B 200 13.39 -11.30 17.04
CA MET B 200 13.31 -10.84 15.66
CA MET B 200 13.32 -10.82 15.66
C MET B 200 11.94 -10.24 15.29
N VAL B 201 11.07 -10.00 16.28
CA VAL B 201 9.92 -9.14 16.05
C VAL B 201 10.38 -7.79 15.49
N VAL B 202 11.59 -7.37 15.86
CA VAL B 202 12.07 -6.04 15.49
C VAL B 202 12.22 -5.91 13.97
N CYS B 203 12.64 -7.00 13.29
CA CYS B 203 13.09 -6.87 11.92
C CYS B 203 12.50 -7.88 10.96
N PHE B 204 11.55 -8.72 11.40
CA PHE B 204 10.88 -9.61 10.46
C PHE B 204 10.25 -8.79 9.34
N GLN B 205 10.49 -9.20 8.10
CA GLN B 205 9.91 -8.48 6.96
C GLN B 205 9.42 -9.48 5.92
N ALA B 206 8.23 -9.21 5.36
CA ALA B 206 7.69 -9.99 4.26
C ALA B 206 8.61 -9.89 3.04
N PRO B 207 8.56 -10.88 2.14
CA PRO B 207 9.54 -10.94 1.03
C PRO B 207 9.29 -9.92 -0.09
N SER B 208 10.38 -9.52 -0.77
CA SER B 208 10.28 -8.69 -1.96
C SER B 208 11.30 -9.13 -3.00
N ASP B 209 10.85 -9.17 -4.26
CA ASP B 209 11.68 -9.57 -5.39
C ASP B 209 12.90 -8.69 -5.56
N THR B 210 12.81 -7.42 -5.17
CA THR B 210 13.82 -6.42 -5.47
C THR B 210 14.74 -6.12 -4.30
N TYR B 211 14.49 -6.73 -3.16
CA TYR B 211 15.22 -6.45 -1.94
C TYR B 211 15.62 -7.78 -1.34
N LEU B 212 16.66 -8.38 -1.92
CA LEU B 212 17.15 -9.69 -1.49
C LEU B 212 17.81 -9.71 -0.12
N ASP B 213 18.06 -8.52 0.44
CA ASP B 213 18.68 -8.43 1.77
C ASP B 213 17.75 -9.02 2.83
N LEU B 214 16.46 -8.77 2.69
CA LEU B 214 15.47 -9.27 3.63
C LEU B 214 15.44 -10.80 3.63
N LEU B 215 15.56 -11.39 2.45
CA LEU B 215 15.55 -12.83 2.32
C LEU B 215 16.64 -13.45 3.20
N VAL B 216 17.84 -12.90 3.11
CA VAL B 216 18.96 -13.40 3.89
C VAL B 216 18.67 -13.36 5.39
N GLY B 217 18.16 -12.21 5.87
CA GLY B 217 17.88 -12.08 7.28
C GLY B 217 16.82 -13.06 7.76
N ASN B 218 15.76 -13.25 6.97
CA ASN B 218 14.68 -14.14 7.38
C ASN B 218 15.11 -15.60 7.38
N ALA B 219 16.24 -15.92 6.73
CA ALA B 219 16.79 -17.26 6.76
C ALA B 219 17.62 -17.55 8.00
N ILE B 220 18.14 -16.53 8.70
CA ILE B 220 19.17 -16.77 9.71
C ILE B 220 18.84 -16.22 11.10
N PHE B 221 18.09 -15.12 11.19
CA PHE B 221 17.91 -14.44 12.46
C PHE B 221 16.92 -15.18 13.36
N SER B 222 17.19 -15.15 14.67
CA SER B 222 16.41 -15.92 15.64
C SER B 222 16.47 -15.24 17.00
N ASP B 223 15.75 -15.81 17.97
CA ASP B 223 15.52 -15.23 19.29
C ASP B 223 16.27 -16.00 20.38
N GLY B 224 16.68 -15.27 21.41
CA GLY B 224 17.33 -15.90 22.55
C GLY B 224 17.82 -14.86 23.54
N ALA B 225 18.08 -15.34 24.75
CA ALA B 225 18.61 -14.53 25.84
C ALA B 225 19.76 -15.29 26.49
N ALA B 226 20.82 -14.56 26.85
CA ALA B 226 21.93 -15.11 27.63
C ALA B 226 22.26 -14.17 28.79
N ALA B 227 22.74 -14.75 29.90
CA ALA B 227 23.07 -13.97 31.07
C ALA B 227 24.37 -14.50 31.67
N ALA B 228 25.18 -13.58 32.18
CA ALA B 228 26.46 -13.94 32.77
C ALA B 228 26.68 -13.07 34.00
N ILE B 229 27.40 -13.60 34.97
CA ILE B 229 27.85 -12.86 36.15
C ILE B 229 29.35 -12.68 36.03
N VAL B 230 29.82 -11.45 36.23
CA VAL B 230 31.24 -11.15 36.12
C VAL B 230 31.70 -10.47 37.41
N GLY B 231 32.86 -10.89 37.91
CA GLY B 231 33.45 -10.24 39.07
C GLY B 231 34.93 -10.50 39.14
N ALA B 232 35.61 -9.68 39.95
CA ALA B 232 37.01 -9.86 40.28
C ALA B 232 37.15 -9.95 41.80
N ASP B 233 38.30 -10.46 42.25
CA ASP B 233 38.54 -10.75 43.66
C ASP B 233 37.45 -11.68 44.21
N LEU B 234 37.50 -12.91 43.71
CA LEU B 234 36.50 -13.91 44.08
C LEU B 234 36.64 -14.32 45.53
N ASP B 235 35.50 -14.39 46.22
CA ASP B 235 35.42 -15.15 47.45
C ASP B 235 35.63 -16.61 47.07
N THR B 236 36.84 -17.10 47.29
CA THR B 236 37.20 -18.47 46.94
C THR B 236 36.20 -19.47 47.52
N THR B 237 35.66 -19.17 48.70
CA THR B 237 34.74 -20.07 49.39
C THR B 237 33.49 -20.32 48.54
N THR B 238 32.93 -19.28 47.93
CA THR B 238 31.58 -19.35 47.37
C THR B 238 31.52 -19.23 45.85
N GLU B 239 32.58 -18.78 45.19
CA GLU B 239 32.52 -18.40 43.79
C GLU B 239 33.57 -19.15 42.98
N ARG B 240 33.13 -19.74 41.85
CA ARG B 240 33.98 -20.47 40.93
C ARG B 240 34.05 -19.75 39.60
N PRO B 241 35.23 -19.37 39.13
CA PRO B 241 35.33 -18.80 37.78
C PRO B 241 35.27 -19.88 36.70
N ILE B 242 34.66 -19.50 35.57
CA ILE B 242 34.59 -20.37 34.38
C ILE B 242 35.64 -19.98 33.36
N PHE B 243 35.78 -18.68 33.10
CA PHE B 243 36.78 -18.15 32.21
C PHE B 243 37.29 -16.84 32.80
N ASN B 244 38.55 -16.52 32.53
CA ASN B 244 39.11 -15.23 32.88
C ASN B 244 39.17 -14.32 31.65
N ILE B 245 38.79 -13.07 31.83
CA ILE B 245 38.78 -12.10 30.75
C ILE B 245 40.13 -11.38 30.80
N VAL B 246 41.06 -11.81 29.93
CA VAL B 246 42.43 -11.30 29.99
C VAL B 246 42.54 -9.93 29.34
N SER B 247 42.00 -9.76 28.14
CA SER B 247 41.91 -8.46 27.51
C SER B 247 40.73 -8.46 26.56
N ALA B 248 40.31 -7.26 26.18
CA ALA B 248 39.19 -7.07 25.28
C ALA B 248 39.40 -5.77 24.51
N ASN B 249 39.26 -5.83 23.19
CA ASN B 249 39.50 -4.68 22.32
C ASN B 249 38.50 -4.68 21.19
N GLN B 250 37.90 -3.53 20.96
CA GLN B 250 37.11 -3.28 19.78
C GLN B 250 37.99 -2.68 18.70
N THR B 251 37.78 -3.12 17.47
CA THR B 251 38.37 -2.48 16.30
C THR B 251 37.30 -2.30 15.23
N THR B 252 37.59 -1.38 14.32
CA THR B 252 36.69 -1.00 13.23
C THR B 252 37.38 -1.25 11.91
N ILE B 253 36.70 -1.92 10.99
CA ILE B 253 37.27 -2.27 9.70
C ILE B 253 37.06 -1.07 8.77
N PRO B 254 38.12 -0.48 8.23
CA PRO B 254 37.95 0.72 7.39
C PRO B 254 37.15 0.43 6.13
N ASP B 255 36.29 1.39 5.77
CA ASP B 255 35.61 1.39 4.47
C ASP B 255 34.75 0.13 4.28
N SER B 256 33.92 -0.17 5.29
CA SER B 256 33.03 -1.33 5.22
C SER B 256 31.63 -1.00 5.75
N GLU B 257 31.25 0.27 5.81
CA GLU B 257 30.06 0.65 6.56
C GLU B 257 28.76 0.19 5.91
N ASP B 258 28.78 -0.15 4.63
CA ASP B 258 27.57 -0.67 4.00
C ASP B 258 27.41 -2.18 4.15
N GLY B 259 28.29 -2.82 4.93
CA GLY B 259 28.24 -4.27 5.04
C GLY B 259 27.03 -4.76 5.80
N ILE B 260 26.74 -4.13 6.94
CA ILE B 260 25.59 -4.48 7.78
C ILE B 260 24.91 -3.16 8.16
N VAL B 261 23.70 -2.95 7.68
CA VAL B 261 22.98 -1.69 7.91
C VAL B 261 21.58 -2.01 8.43
N GLY B 262 21.20 -1.36 9.52
CA GLY B 262 19.87 -1.48 10.09
C GLY B 262 19.15 -0.14 10.18
N HIS B 263 18.04 0.00 9.46
CA HIS B 263 17.30 1.24 9.39
C HIS B 263 16.00 1.04 10.13
N ILE B 264 15.83 1.73 11.24
CA ILE B 264 14.64 1.61 12.08
C ILE B 264 13.60 2.59 11.56
N ARG B 265 12.48 2.07 11.08
CA ARG B 265 11.49 2.83 10.32
C ARG B 265 10.08 2.53 10.84
N GLU B 266 9.09 3.17 10.22
CA GLU B 266 7.68 2.95 10.56
C GLU B 266 7.23 1.52 10.25
N MET B 267 7.92 0.82 9.35
CA MET B 267 7.63 -0.57 9.03
C MET B 267 8.43 -1.56 9.88
N GLY B 268 9.07 -1.09 10.95
CA GLY B 268 10.02 -1.88 11.69
C GLY B 268 11.40 -1.66 11.14
N MET B 269 12.32 -2.52 11.56
CA MET B 269 13.72 -2.36 11.17
C MET B 269 13.95 -3.05 9.83
N LYS B 270 14.50 -2.30 8.89
CA LYS B 270 14.84 -2.83 7.57
C LYS B 270 16.35 -3.00 7.54
N TYR B 271 16.81 -4.25 7.59
CA TYR B 271 18.23 -4.55 7.59
C TYR B 271 18.77 -4.75 6.16
N TYR B 272 20.07 -4.54 6.00
CA TYR B 272 20.71 -4.71 4.71
C TYR B 272 22.03 -5.45 4.90
N LEU B 273 22.12 -6.65 4.33
CA LEU B 273 23.31 -7.46 4.45
C LEU B 273 24.04 -7.62 3.13
N SER B 274 25.30 -7.17 3.09
CA SER B 274 26.12 -7.29 1.90
C SER B 274 26.55 -8.73 1.69
N ARG B 275 26.59 -9.18 0.43
CA ARG B 275 27.05 -10.54 0.17
C ARG B 275 28.49 -10.78 0.61
N THR B 276 29.29 -9.72 0.70
CA THR B 276 30.71 -9.87 0.99
C THR B 276 31.04 -9.83 2.48
N VAL B 277 30.06 -9.61 3.37
CA VAL B 277 30.39 -9.43 4.80
C VAL B 277 31.10 -10.63 5.39
N PRO B 278 30.71 -11.89 5.11
CA PRO B 278 31.44 -13.03 5.71
C PRO B 278 32.91 -13.07 5.38
N GLN B 279 33.28 -12.69 4.16
CA GLN B 279 34.69 -12.71 3.76
C GLN B 279 35.45 -11.57 4.39
N VAL B 280 34.82 -10.39 4.48
CA VAL B 280 35.48 -9.22 5.06
C VAL B 280 35.68 -9.43 6.56
N ILE B 281 34.66 -9.95 7.25
CA ILE B 281 34.79 -10.26 8.67
C ILE B 281 35.80 -11.38 8.89
N GLY B 282 35.61 -12.50 8.17
CA GLY B 282 36.51 -13.64 8.34
C GLY B 282 37.97 -13.27 8.18
N ASN B 283 38.31 -12.57 7.08
CA ASN B 283 39.71 -12.24 6.85
C ASN B 283 40.25 -11.34 7.95
N ASN B 284 39.40 -10.46 8.47
CA ASN B 284 39.82 -9.54 9.52
C ASN B 284 40.10 -10.27 10.83
N ILE B 285 39.19 -11.16 11.24
CA ILE B 285 39.38 -11.81 12.53
C ILE B 285 40.49 -12.85 12.45
N VAL B 286 40.75 -13.41 11.25
CA VAL B 286 41.96 -14.22 11.07
C VAL B 286 43.21 -13.37 11.33
N GLN B 287 43.22 -12.14 10.80
CA GLN B 287 44.34 -11.25 11.05
C GLN B 287 44.41 -10.83 12.51
N CYS B 288 43.26 -10.59 13.15
CA CYS B 288 43.24 -10.31 14.58
C CYS B 288 43.84 -11.45 15.39
N CYS B 289 43.53 -12.70 15.02
CA CYS B 289 44.15 -13.85 15.65
C CYS B 289 45.67 -13.78 15.59
N ARG B 290 46.21 -13.73 14.38
CA ARG B 290 47.64 -13.70 14.21
C ARG B 290 48.26 -12.55 15.00
N ASP B 291 47.64 -11.37 14.96
CA ASP B 291 48.23 -10.22 15.62
C ASP B 291 48.13 -10.32 17.12
N THR B 292 47.02 -10.84 17.63
CA THR B 292 46.85 -10.88 19.09
C THR B 292 47.59 -12.07 19.71
N PHE B 293 47.47 -13.25 19.10
CA PHE B 293 47.90 -14.44 19.80
C PHE B 293 49.29 -14.91 19.44
N THR B 294 49.87 -14.42 18.35
CA THR B 294 51.30 -14.70 18.11
C THR B 294 52.17 -14.13 19.23
N PRO B 295 52.05 -12.86 19.65
CA PRO B 295 52.86 -12.40 20.78
C PRO B 295 52.53 -13.08 22.11
N LEU B 296 51.39 -13.74 22.24
CA LEU B 296 51.13 -14.54 23.45
C LEU B 296 51.74 -15.93 23.36
N GLY B 297 52.46 -16.24 22.28
CA GLY B 297 53.17 -17.50 22.18
C GLY B 297 52.34 -18.71 21.83
N ILE B 298 51.10 -18.56 21.38
CA ILE B 298 50.32 -19.72 20.95
C ILE B 298 51.07 -20.38 19.80
N ASN B 299 51.53 -21.62 20.02
CA ASN B 299 52.43 -22.24 19.07
C ASN B 299 51.78 -22.47 17.72
N ASP B 300 50.55 -22.97 17.72
CA ASP B 300 49.84 -23.25 16.49
C ASP B 300 48.36 -23.01 16.73
N TRP B 301 47.61 -22.90 15.63
CA TRP B 301 46.24 -22.41 15.75
C TRP B 301 45.29 -23.45 16.32
N ASN B 302 45.68 -24.73 16.42
CA ASN B 302 44.82 -25.72 17.03
C ASN B 302 45.05 -25.87 18.52
N SER B 303 45.95 -25.09 19.12
CA SER B 303 46.20 -25.19 20.54
C SER B 303 45.60 -24.00 21.30
N MET B 304 44.61 -23.34 20.73
CA MET B 304 43.80 -22.37 21.44
C MET B 304 42.34 -22.65 21.11
N PHE B 305 41.43 -22.17 21.93
CA PHE B 305 40.01 -22.39 21.65
C PHE B 305 39.37 -21.13 21.08
N TYR B 306 38.20 -21.31 20.46
CA TYR B 306 37.56 -20.29 19.65
C TYR B 306 36.07 -20.20 19.92
N ILE B 307 35.58 -18.96 20.15
CA ILE B 307 34.17 -18.61 20.15
C ILE B 307 33.98 -17.54 19.08
N VAL B 308 33.28 -17.89 18.00
CA VAL B 308 33.09 -17.00 16.87
C VAL B 308 31.60 -16.80 16.69
N HIS B 309 31.15 -15.55 16.75
CA HIS B 309 29.75 -15.24 16.53
C HIS B 309 29.29 -15.86 15.21
N PRO B 310 28.22 -16.77 15.23
CA PRO B 310 27.84 -17.53 14.01
C PRO B 310 26.99 -16.66 13.07
N GLY B 311 27.65 -15.70 12.41
CA GLY B 311 26.94 -14.79 11.53
C GLY B 311 26.33 -15.50 10.33
N GLY B 312 27.05 -16.48 9.80
CA GLY B 312 26.52 -17.45 8.88
C GLY B 312 27.55 -18.56 8.83
N PRO B 313 27.37 -19.54 7.95
CA PRO B 313 28.38 -20.61 7.87
C PRO B 313 29.71 -20.16 7.30
N ALA B 314 29.73 -19.15 6.40
CA ALA B 314 30.97 -18.84 5.70
C ALA B 314 32.02 -18.25 6.62
N VAL B 315 31.64 -17.49 7.66
CA VAL B 315 32.65 -16.91 8.53
C VAL B 315 33.33 -18.01 9.36
N LEU B 316 32.58 -19.04 9.77
CA LEU B 316 33.21 -20.13 10.50
C LEU B 316 34.13 -20.93 9.60
N ARG B 317 33.75 -21.09 8.33
CA ARG B 317 34.60 -21.80 7.37
C ARG B 317 35.88 -21.02 7.03
N MET B 318 35.82 -19.68 6.99
CA MET B 318 37.02 -18.87 6.81
C MET B 318 38.05 -19.14 7.90
N MET B 319 37.61 -19.11 9.16
CA MET B 319 38.44 -19.51 10.28
C MET B 319 39.15 -20.83 10.02
N GLU B 320 38.37 -21.86 9.68
CA GLU B 320 38.94 -23.20 9.51
C GLU B 320 39.93 -23.26 8.36
N GLU B 321 39.57 -22.65 7.22
CA GLU B 321 40.40 -22.77 6.03
C GLU B 321 41.66 -21.90 6.11
N LYS B 322 41.54 -20.68 6.65
CA LYS B 322 42.68 -19.76 6.69
C LYS B 322 43.68 -20.14 7.78
N LEU B 323 43.20 -20.56 8.94
CA LEU B 323 44.08 -20.96 10.05
C LEU B 323 44.39 -22.45 10.05
N GLY B 324 43.81 -23.24 9.16
CA GLY B 324 43.99 -24.67 9.17
C GLY B 324 43.48 -25.33 10.43
N LEU B 325 42.24 -25.02 10.83
CA LEU B 325 41.70 -25.55 12.08
C LEU B 325 41.14 -26.96 11.90
N SER B 326 41.36 -27.80 12.91
CA SER B 326 40.73 -29.10 12.92
C SER B 326 39.24 -28.95 13.15
N LYS B 327 38.51 -30.04 12.90
CA LYS B 327 37.06 -29.97 13.01
C LYS B 327 36.61 -29.67 14.42
N GLU B 328 37.44 -30.02 15.41
CA GLU B 328 37.16 -29.75 16.81
C GLU B 328 37.05 -28.26 17.14
N ARG B 329 37.82 -27.41 16.48
CA ARG B 329 38.01 -26.08 17.04
C ARG B 329 36.78 -25.20 16.88
N MET B 330 36.02 -25.37 15.82
CA MET B 330 34.84 -24.54 15.62
C MET B 330 33.55 -25.26 16.00
N ARG B 331 33.65 -26.41 16.66
CA ARG B 331 32.47 -27.23 16.84
C ARG B 331 31.39 -26.55 17.69
N ALA B 332 31.78 -25.91 18.80
CA ALA B 332 30.79 -25.25 19.65
C ALA B 332 30.03 -24.14 18.90
N SER B 333 30.74 -23.38 18.05
CA SER B 333 30.08 -22.32 17.28
C SER B 333 29.14 -22.89 16.22
N TRP B 334 29.57 -23.97 15.53
CA TRP B 334 28.69 -24.67 14.58
C TRP B 334 27.44 -25.18 15.27
N HIS B 335 27.59 -25.69 16.49
CA HIS B 335 26.46 -26.28 17.19
C HIS B 335 25.40 -25.24 17.54
N VAL B 336 25.82 -24.06 18.02
CA VAL B 336 24.85 -23.02 18.34
C VAL B 336 24.15 -22.54 17.08
N LEU B 337 24.90 -22.33 15.99
CA LEU B 337 24.27 -22.00 14.72
C LEU B 337 23.21 -23.03 14.33
N SER B 338 23.56 -24.31 14.45
CA SER B 338 22.65 -25.39 14.06
C SER B 338 21.38 -25.39 14.90
N GLU B 339 21.53 -25.30 16.22
CA GLU B 339 20.40 -25.50 17.11
C GLU B 339 19.64 -24.23 17.44
N TYR B 340 20.23 -23.05 17.20
CA TYR B 340 19.56 -21.78 17.51
C TYR B 340 19.56 -20.76 16.37
N GLY B 341 20.36 -20.92 15.32
CA GLY B 341 20.43 -19.86 14.34
C GLY B 341 21.25 -18.67 14.85
N ASN B 342 21.11 -17.53 14.17
CA ASN B 342 21.86 -16.32 14.48
C ASN B 342 21.03 -15.45 15.42
N MET B 343 21.31 -15.55 16.72
CA MET B 343 20.58 -14.79 17.74
C MET B 343 21.17 -13.41 17.97
N GLN B 344 22.11 -12.97 17.15
CA GLN B 344 22.74 -11.64 17.30
C GLN B 344 23.40 -11.61 18.68
N GLY B 345 23.16 -10.57 19.50
CA GLY B 345 23.91 -10.26 20.70
C GLY B 345 24.32 -11.38 21.63
N PRO B 346 23.37 -12.19 22.09
CA PRO B 346 23.71 -13.25 23.08
C PRO B 346 24.40 -14.48 22.52
N SER B 347 24.67 -14.58 21.22
CA SER B 347 25.14 -15.85 20.63
C SER B 347 26.50 -16.27 21.16
N VAL B 348 27.44 -15.34 21.30
CA VAL B 348 28.77 -15.71 21.78
C VAL B 348 28.70 -16.27 23.20
N LEU B 349 27.70 -15.86 23.99
CA LEU B 349 27.55 -16.39 25.33
C LEU B 349 26.94 -17.79 25.30
N PHE B 350 25.97 -18.02 24.40
CA PHE B 350 25.51 -19.39 24.14
C PHE B 350 26.68 -20.30 23.80
N ILE B 351 27.60 -19.84 22.95
CA ILE B 351 28.73 -20.68 22.53
C ILE B 351 29.68 -20.90 23.69
N LEU B 352 29.95 -19.85 24.48
CA LEU B 352 30.78 -19.98 25.67
C LEU B 352 30.20 -20.99 26.67
N ASP B 353 28.88 -20.96 26.89
CA ASP B 353 28.22 -21.93 27.74
C ASP B 353 28.29 -23.34 27.17
N GLU B 354 28.12 -23.46 25.85
CA GLU B 354 28.20 -24.76 25.20
C GLU B 354 29.62 -25.31 25.27
N MET B 355 30.63 -24.46 25.09
CA MET B 355 32.01 -24.93 25.12
C MET B 355 32.39 -25.50 26.49
N ARG B 356 32.10 -24.75 27.56
CA ARG B 356 32.47 -25.23 28.90
C ARG B 356 31.58 -26.36 29.37
N ASN B 357 30.32 -26.42 28.92
CA ASN B 357 29.46 -27.54 29.30
C ASN B 357 29.93 -28.85 28.65
N LYS B 358 30.27 -28.82 27.36
CA LYS B 358 30.78 -30.02 26.68
C LYS B 358 32.17 -30.39 27.18
N SER B 359 33.01 -29.38 27.46
CA SER B 359 34.31 -29.63 28.09
C SER B 359 34.13 -30.42 29.38
N MET B 360 33.10 -30.06 30.17
CA MET B 360 32.81 -30.78 31.41
C MET B 360 32.31 -32.20 31.14
N GLU B 361 31.26 -32.34 30.30
CA GLU B 361 30.66 -33.66 30.05
C GLU B 361 31.65 -34.62 29.39
N GLU B 362 32.50 -34.12 28.49
CA GLU B 362 33.42 -34.98 27.76
C GLU B 362 34.74 -35.20 28.50
N GLY B 363 34.87 -34.70 29.73
CA GLY B 363 36.03 -34.97 30.54
C GLY B 363 37.28 -34.19 30.24
N LYS B 364 37.19 -33.03 29.57
CA LYS B 364 38.35 -32.22 29.24
C LYS B 364 38.96 -31.59 30.50
N SER B 365 40.21 -31.17 30.37
CA SER B 365 40.97 -30.68 31.53
C SER B 365 40.76 -29.20 31.83
N THR B 366 40.19 -28.43 30.90
CA THR B 366 39.88 -27.03 31.13
C THR B 366 38.49 -26.73 30.58
N THR B 367 37.91 -25.61 31.00
CA THR B 367 36.64 -25.19 30.44
C THR B 367 36.76 -24.79 28.98
N GLY B 368 37.97 -24.61 28.47
CA GLY B 368 38.19 -24.30 27.08
C GLY B 368 38.68 -25.51 26.31
N GLU B 369 38.00 -26.65 26.51
CA GLU B 369 38.25 -27.86 25.72
C GLU B 369 39.65 -28.43 25.95
N GLY B 370 40.16 -28.31 27.18
CA GLY B 370 41.50 -28.75 27.51
C GLY B 370 42.62 -27.79 27.15
N LEU B 371 42.30 -26.66 26.52
CA LEU B 371 43.28 -25.68 26.05
C LEU B 371 43.31 -24.47 26.99
N GLU B 372 44.44 -23.78 26.99
CA GLU B 372 44.62 -22.69 27.95
C GLU B 372 44.07 -21.36 27.44
N TRP B 373 44.50 -20.93 26.26
CA TRP B 373 44.15 -19.64 25.69
C TRP B 373 43.00 -19.78 24.71
N GLY B 374 42.17 -18.75 24.63
CA GLY B 374 41.04 -18.74 23.73
C GLY B 374 40.66 -17.33 23.33
N VAL B 375 39.87 -17.25 22.28
CA VAL B 375 39.44 -15.97 21.73
C VAL B 375 37.94 -16.01 21.52
N MET B 376 37.28 -14.88 21.78
CA MET B 376 35.89 -14.66 21.43
C MET B 376 35.82 -13.49 20.46
N PHE B 377 35.16 -13.70 19.31
CA PHE B 377 34.94 -12.66 18.32
C PHE B 377 33.45 -12.38 18.19
N GLY B 378 33.03 -11.16 18.54
CA GLY B 378 31.74 -10.63 18.13
C GLY B 378 31.98 -9.63 17.02
N PHE B 379 30.98 -9.41 16.18
CA PHE B 379 31.10 -8.38 15.14
C PHE B 379 29.71 -7.92 14.73
N GLY B 380 29.67 -6.75 14.09
CA GLY B 380 28.42 -6.16 13.68
C GLY B 380 28.63 -4.95 12.80
N PRO B 381 27.60 -4.10 12.73
CA PRO B 381 27.65 -2.90 11.87
C PRO B 381 28.88 -2.03 12.14
N GLY B 382 29.41 -1.45 11.07
CA GLY B 382 30.62 -0.64 11.15
C GLY B 382 31.50 -0.70 9.91
N LEU B 383 32.10 -1.86 9.60
CA LEU B 383 31.99 -3.08 10.40
C LEU B 383 32.85 -2.98 11.66
N THR B 384 32.37 -3.55 12.76
CA THR B 384 33.03 -3.48 14.05
C THR B 384 33.38 -4.89 14.51
N VAL B 385 34.56 -5.07 15.11
CA VAL B 385 34.99 -6.33 15.71
C VAL B 385 35.28 -6.11 17.20
N GLU B 386 34.75 -6.97 18.05
CA GLU B 386 35.14 -7.04 19.45
C GLU B 386 35.95 -8.32 19.63
N THR B 387 37.21 -8.18 20.05
CA THR B 387 38.10 -9.31 20.32
C THR B 387 38.29 -9.47 21.83
N VAL B 388 37.83 -10.59 22.37
CA VAL B 388 38.02 -10.92 23.79
C VAL B 388 39.04 -12.06 23.90
N VAL B 389 40.14 -11.79 24.59
CA VAL B 389 41.14 -12.83 24.87
C VAL B 389 40.77 -13.50 26.18
N LEU B 390 40.50 -14.80 26.12
CA LEU B 390 40.03 -15.54 27.28
C LEU B 390 41.05 -16.56 27.76
N ARG B 391 40.90 -16.94 29.03
CA ARG B 391 41.71 -17.99 29.61
C ARG B 391 40.77 -18.96 30.34
N SER B 392 40.96 -20.25 30.10
CA SER B 392 40.12 -21.28 30.67
C SER B 392 40.50 -21.54 32.12
N VAL B 393 39.71 -22.37 32.78
CA VAL B 393 39.99 -22.74 34.16
C VAL B 393 40.00 -24.25 34.24
N ALA B 394 40.92 -24.79 35.02
CA ALA B 394 41.08 -26.22 35.16
C ALA B 394 39.82 -26.86 35.75
N ILE B 395 39.34 -27.92 35.09
CA ILE B 395 38.21 -28.70 35.58
C ILE B 395 38.57 -30.18 35.47
N ASN B 396 37.58 -31.05 35.62
CA ASN B 396 37.70 -32.48 35.32
C ASN B 396 36.36 -33.04 34.79
N GLN C 21 44.27 8.93 39.05
CA GLN C 21 42.83 9.16 39.11
C GLN C 21 42.25 9.88 37.86
N ALA C 22 41.04 9.51 37.44
CA ALA C 22 40.48 10.03 36.20
C ALA C 22 40.15 11.52 36.32
N ALA C 23 40.50 12.27 35.28
CA ALA C 23 40.32 13.72 35.25
C ALA C 23 39.71 14.15 33.92
N VAL C 24 38.90 15.19 33.99
CA VAL C 24 38.43 15.89 32.80
C VAL C 24 39.52 16.86 32.35
N LEU C 25 39.97 16.72 31.11
CA LEU C 25 41.08 17.51 30.59
C LEU C 25 40.67 18.56 29.58
N ALA C 26 39.43 18.54 29.10
CA ALA C 26 38.96 19.53 28.14
C ALA C 26 37.45 19.42 28.10
N ILE C 27 36.77 20.54 27.87
CA ILE C 27 35.33 20.56 27.67
C ILE C 27 35.01 21.59 26.59
N ALA C 28 34.08 21.25 25.71
CA ALA C 28 33.56 22.25 24.80
C ALA C 28 32.15 21.89 24.42
N THR C 29 31.44 22.86 23.85
CA THR C 29 30.04 22.71 23.57
C THR C 29 29.76 23.26 22.16
N ALA C 30 28.57 22.95 21.65
CA ALA C 30 28.06 23.50 20.39
C ALA C 30 26.54 23.41 20.40
N ASN C 31 25.90 24.21 19.55
CA ASN C 31 24.44 24.25 19.45
C ASN C 31 24.06 24.54 18.01
N PRO C 32 22.85 24.17 17.58
CA PRO C 32 22.35 24.63 16.30
C PRO C 32 22.31 26.14 16.25
N PRO C 33 22.47 26.74 15.07
CA PRO C 33 22.60 28.21 14.99
C PRO C 33 21.30 29.00 15.17
N ASN C 34 20.13 28.38 14.99
CA ASN C 34 18.88 29.14 15.05
C ASN C 34 18.39 29.30 16.49
N ILE C 35 18.17 30.54 16.89
CA ILE C 35 17.82 30.91 18.25
C ILE C 35 16.33 31.22 18.32
N PHE C 36 15.66 30.67 19.33
CA PHE C 36 14.25 30.90 19.58
C PHE C 36 14.14 31.54 20.96
N TYR C 37 13.84 32.84 20.99
CA TYR C 37 13.66 33.52 22.27
C TYR C 37 12.35 33.07 22.90
N GLN C 38 12.39 32.77 24.19
CA GLN C 38 11.22 32.21 24.85
C GLN C 38 10.03 33.16 24.78
N ALA C 39 10.27 34.47 24.73
CA ALA C 39 9.16 35.41 24.64
C ALA C 39 8.40 35.29 23.33
N ASP C 40 9.06 34.82 22.27
CA ASP C 40 8.46 34.64 20.96
C ASP C 40 7.89 33.25 20.74
N TYR C 41 8.16 32.31 21.63
CA TYR C 41 7.93 30.92 21.27
C TYR C 41 6.46 30.51 21.32
N PRO C 42 5.62 30.99 22.27
CA PRO C 42 4.20 30.62 22.18
C PRO C 42 3.57 31.00 20.85
N ASP C 43 3.87 32.19 20.30
CA ASP C 43 3.32 32.57 18.99
C ASP C 43 3.85 31.66 17.87
N PHE C 44 5.18 31.46 17.82
CA PHE C 44 5.77 30.59 16.79
C PHE C 44 5.20 29.18 16.88
N TYR C 45 5.24 28.58 18.08
CA TYR C 45 4.83 27.20 18.25
C TYR C 45 3.38 26.96 17.80
N PHE C 46 2.45 27.81 18.24
CA PHE C 46 1.06 27.61 17.85
C PHE C 46 0.83 27.99 16.39
N ARG C 47 1.66 28.85 15.83
CA ARG C 47 1.53 29.15 14.40
C ARG C 47 2.03 27.99 13.54
N VAL C 48 3.25 27.51 13.79
CA VAL C 48 3.82 26.47 12.92
C VAL C 48 3.12 25.12 13.06
N THR C 49 2.41 24.89 14.17
CA THR C 49 1.61 23.69 14.34
C THR C 49 0.15 23.90 13.94
N LYS C 50 -0.16 25.05 13.33
CA LYS C 50 -1.49 25.34 12.78
C LYS C 50 -2.58 25.09 13.82
N SER C 51 -2.33 25.57 15.03
CA SER C 51 -3.19 25.39 16.19
C SER C 51 -3.51 26.72 16.85
N GLU C 52 -3.59 27.80 16.07
CA GLU C 52 -3.84 29.10 16.67
C GLU C 52 -5.25 29.21 17.22
N HIS C 53 -6.17 28.34 16.80
CA HIS C 53 -7.53 28.34 17.33
C HIS C 53 -7.62 27.80 18.75
N MET C 54 -6.56 27.15 19.25
CA MET C 54 -6.56 26.59 20.61
C MET C 54 -6.17 27.68 21.60
N THR C 55 -7.09 28.65 21.79
CA THR C 55 -6.75 29.87 22.52
C THR C 55 -6.52 29.61 24.00
N GLN C 56 -7.38 28.80 24.64
CA GLN C 56 -7.17 28.49 26.04
C GLN C 56 -5.89 27.70 26.24
N LEU C 57 -5.59 26.75 25.33
CA LEU C 57 -4.37 25.98 25.43
C LEU C 57 -3.14 26.87 25.24
N LYS C 58 -3.22 27.83 24.33
CA LYS C 58 -2.08 28.72 24.11
C LYS C 58 -1.84 29.61 25.33
N ASP C 59 -2.93 30.03 26.00
CA ASP C 59 -2.79 30.79 27.24
C ASP C 59 -2.07 29.97 28.30
N LYS C 60 -2.39 28.68 28.42
CA LYS C 60 -1.68 27.82 29.35
C LYS C 60 -0.21 27.68 28.95
N PHE C 61 0.05 27.54 27.65
CA PHE C 61 1.43 27.39 27.18
C PHE C 61 2.22 28.67 27.40
N LYS C 62 1.60 29.84 27.20
CA LYS C 62 2.25 31.11 27.54
C LYS C 62 2.72 31.14 28.98
N ARG C 63 1.86 30.69 29.92
CA ARG C 63 2.25 30.66 31.34
C ARG C 63 3.37 29.67 31.59
N MET C 64 3.36 28.52 30.91
CA MET C 64 4.45 27.56 31.05
C MET C 64 5.78 28.16 30.63
N CYS C 65 5.81 28.80 29.45
CA CYS C 65 7.06 29.40 28.95
C CYS C 65 7.50 30.57 29.83
N GLU C 66 6.55 31.36 30.34
CA GLU C 66 6.91 32.49 31.18
C GLU C 66 7.48 32.03 32.52
N LYS C 67 7.03 30.87 33.03
CA LYS C 67 7.56 30.30 34.25
C LYS C 67 8.84 29.47 34.05
N SER C 68 9.30 29.29 32.80
CA SER C 68 10.39 28.36 32.52
C SER C 68 11.75 28.83 33.05
N MET C 69 11.94 30.12 33.30
CA MET C 69 13.28 30.66 33.60
C MET C 69 14.26 30.41 32.46
N ILE C 70 13.73 30.35 31.24
CA ILE C 70 14.51 30.13 30.02
C ILE C 70 14.41 31.38 29.18
N ARG C 71 15.58 31.93 28.80
CA ARG C 71 15.52 33.13 27.96
C ARG C 71 15.54 32.77 26.48
N LYS C 72 16.40 31.83 26.07
CA LYS C 72 16.46 31.44 24.67
C LYS C 72 16.82 29.96 24.59
N ARG C 73 16.62 29.41 23.40
CA ARG C 73 16.92 28.02 23.10
C ARG C 73 17.43 27.95 21.67
N HIS C 74 18.42 27.09 21.46
CA HIS C 74 18.94 26.78 20.13
C HIS C 74 18.27 25.51 19.62
N MET C 75 17.78 25.53 18.39
CA MET C 75 17.04 24.38 17.90
C MET C 75 17.29 24.12 16.42
N TYR C 76 17.42 22.84 16.07
CA TYR C 76 17.56 22.47 14.66
C TYR C 76 16.24 22.64 13.92
N LEU C 77 15.13 22.29 14.57
CA LEU C 77 13.79 22.29 13.98
C LEU C 77 13.27 23.71 13.84
N THR C 78 13.42 24.27 12.64
CA THR C 78 12.87 25.56 12.27
C THR C 78 11.56 25.35 11.51
N GLU C 79 10.92 26.46 11.15
CA GLU C 79 9.69 26.41 10.36
C GLU C 79 9.95 25.80 8.99
N ASP C 80 11.12 26.09 8.40
CA ASP C 80 11.45 25.51 7.10
C ASP C 80 11.57 24.00 7.17
N VAL C 81 12.17 23.48 8.25
CA VAL C 81 12.30 22.03 8.43
C VAL C 81 10.93 21.40 8.64
N ILE C 82 10.02 22.09 9.32
CA ILE C 82 8.66 21.57 9.46
C ILE C 82 7.94 21.58 8.12
N LYS C 83 8.09 22.65 7.34
CA LYS C 83 7.42 22.71 6.05
C LYS C 83 7.94 21.64 5.09
N GLU C 84 9.21 21.27 5.22
CA GLU C 84 9.79 20.22 4.41
C GLU C 84 9.29 18.85 4.87
N ASN C 85 8.99 18.75 6.17
CA ASN C 85 8.48 17.53 6.78
C ASN C 85 7.22 17.87 7.57
N PRO C 86 6.15 18.22 6.86
CA PRO C 86 4.87 18.61 7.45
C PRO C 86 4.35 17.70 8.58
N ASN C 87 4.45 16.39 8.41
CA ASN C 87 3.96 15.46 9.43
C ASN C 87 4.47 15.74 10.83
N ILE C 88 5.70 16.24 10.93
CA ILE C 88 6.28 16.56 12.23
C ILE C 88 5.39 17.54 12.99
N GLY C 89 4.69 18.43 12.28
CA GLY C 89 3.82 19.42 12.88
C GLY C 89 2.35 19.08 12.87
N ILE C 90 2.02 17.81 12.63
CA ILE C 90 0.63 17.33 12.58
C ILE C 90 0.49 16.22 13.59
N LEU C 91 -0.23 16.49 14.68
CA LEU C 91 -0.24 15.56 15.80
C LEU C 91 -0.83 14.23 15.39
N ASN C 92 -0.11 13.15 15.73
CA ASN C 92 -0.53 11.79 15.44
C ASN C 92 -0.20 11.31 14.02
N ALA C 93 0.35 12.18 13.19
CA ALA C 93 0.67 11.79 11.83
C ALA C 93 1.95 10.95 11.80
N PRO C 94 2.09 10.04 10.83
CA PRO C 94 3.35 9.28 10.73
C PRO C 94 4.51 10.17 10.30
N SER C 95 5.46 10.41 11.21
CA SER C 95 6.59 11.28 10.96
C SER C 95 7.91 10.67 11.43
N PHE C 96 7.85 9.46 11.96
CA PHE C 96 9.05 8.81 12.51
C PHE C 96 10.15 8.67 11.46
N ASN C 97 9.80 8.27 10.24
CA ASN C 97 10.84 8.10 9.21
C ASN C 97 11.50 9.43 8.92
N ALA C 98 10.72 10.52 8.88
CA ALA C 98 11.27 11.84 8.59
C ALA C 98 12.19 12.33 9.71
N ARG C 99 11.81 12.14 10.97
CA ARG C 99 12.69 12.52 12.08
C ARG C 99 13.98 11.71 12.07
N GLN C 100 13.87 10.41 11.83
CA GLN C 100 15.05 9.54 11.79
C GLN C 100 16.03 9.99 10.72
N GLU C 101 15.53 10.30 9.52
CA GLU C 101 16.44 10.74 8.45
C GLU C 101 17.23 11.97 8.86
N ILE C 102 16.55 12.94 9.48
CA ILE C 102 17.21 14.15 9.95
C ILE C 102 18.26 13.80 11.00
N MET C 103 17.86 13.05 12.03
CA MET C 103 18.70 12.91 13.21
C MET C 103 19.91 12.01 12.98
N VAL C 104 19.78 10.99 12.13
CA VAL C 104 20.92 10.11 11.92
C VAL C 104 22.07 10.88 11.31
N GLU C 105 21.76 11.92 10.54
CA GLU C 105 22.78 12.76 9.90
C GLU C 105 23.23 13.89 10.83
N GLU C 106 22.28 14.60 11.42
CA GLU C 106 22.59 15.85 12.11
C GLU C 106 23.16 15.64 13.52
N VAL C 107 22.83 14.54 14.18
CA VAL C 107 23.30 14.34 15.56
C VAL C 107 24.82 14.19 15.57
N PRO C 108 25.43 13.33 14.74
CA PRO C 108 26.91 13.24 14.76
C PRO C 108 27.59 14.51 14.25
N LYS C 109 26.98 15.26 13.32
CA LYS C 109 27.60 16.49 12.84
C LYS C 109 27.76 17.52 13.96
N LEU C 110 26.73 17.68 14.78
CA LEU C 110 26.82 18.64 15.88
C LEU C 110 27.78 18.15 16.97
N GLY C 111 27.80 16.84 17.19
CA GLY C 111 28.77 16.28 18.11
C GLY C 111 30.20 16.46 17.64
N LYS C 112 30.42 16.42 16.33
CA LYS C 112 31.75 16.67 15.79
C LYS C 112 32.21 18.10 16.06
N GLU C 113 31.28 19.06 16.02
CA GLU C 113 31.66 20.44 16.31
C GLU C 113 32.16 20.58 17.73
N ALA C 114 31.41 20.07 18.70
CA ALA C 114 31.84 20.15 20.09
C ALA C 114 33.11 19.35 20.33
N ALA C 115 33.20 18.16 19.73
CA ALA C 115 34.36 17.29 19.93
C ALA C 115 35.64 17.94 19.43
N LEU C 116 35.63 18.48 18.21
CA LEU C 116 36.85 19.06 17.65
C LEU C 116 37.33 20.26 18.47
N LYS C 117 36.41 21.01 19.07
CA LYS C 117 36.80 22.09 19.97
C LYS C 117 37.42 21.53 21.24
N ALA C 118 36.79 20.51 21.84
CA ALA C 118 37.35 19.89 23.03
C ALA C 118 38.75 19.37 22.76
N ILE C 119 38.95 18.76 21.58
CA ILE C 119 40.26 18.20 21.23
C ILE C 119 41.27 19.31 21.00
N LYS C 120 40.84 20.43 20.42
CA LYS C 120 41.74 21.56 20.26
C LYS C 120 42.24 22.06 21.61
N GLU C 121 41.31 22.23 22.57
CA GLU C 121 41.71 22.64 23.92
C GLU C 121 42.66 21.61 24.54
N TRP C 122 42.35 20.33 24.37
CA TRP C 122 43.20 19.26 24.89
C TRP C 122 44.61 19.34 24.30
N GLY C 123 44.72 19.65 23.01
CA GLY C 123 46.01 19.91 22.41
C GLY C 123 46.70 18.69 21.81
N GLN C 124 46.07 17.53 21.82
CA GLN C 124 46.65 16.30 21.29
C GLN C 124 45.99 15.90 19.97
N PRO C 125 46.67 15.11 19.15
CA PRO C 125 46.05 14.60 17.92
C PRO C 125 45.09 13.46 18.20
N LEU C 126 44.17 13.24 17.25
CA LEU C 126 43.17 12.19 17.40
C LEU C 126 43.84 10.84 17.63
N SER C 127 45.07 10.68 17.14
CA SER C 127 45.79 9.43 17.29
C SER C 127 46.09 9.10 18.75
N LYS C 128 45.96 10.08 19.64
CA LYS C 128 46.18 9.87 21.06
C LYS C 128 44.93 9.40 21.80
N LEU C 129 43.78 9.35 21.13
CA LEU C 129 42.55 8.81 21.70
C LEU C 129 42.54 7.29 21.66
N THR C 130 41.96 6.68 22.71
CA THR C 130 41.73 5.26 22.78
C THR C 130 40.25 4.87 22.79
N HIS C 131 39.37 5.77 23.25
CA HIS C 131 37.97 5.42 23.43
C HIS C 131 37.06 6.58 23.05
N LEU C 132 35.85 6.22 22.63
CA LEU C 132 34.77 7.16 22.38
C LEU C 132 33.53 6.67 23.09
N ILE C 133 32.89 7.54 23.87
CA ILE C 133 31.57 7.29 24.45
C ILE C 133 30.62 8.33 23.89
N PHE C 134 29.62 7.87 23.15
CA PHE C 134 28.64 8.74 22.53
C PHE C 134 27.28 8.50 23.18
N CYS C 135 26.63 9.59 23.58
CA CYS C 135 25.33 9.56 24.24
C CYS C 135 24.33 10.40 23.45
N THR C 136 23.22 9.80 23.07
CA THR C 136 22.10 10.57 22.52
C THR C 136 20.80 9.82 22.77
N SER C 137 19.73 10.60 22.90
CA SER C 137 18.37 10.06 22.85
C SER C 137 17.64 10.51 21.60
N SER C 138 18.36 11.05 20.62
CA SER C 138 17.77 11.61 19.39
C SER C 138 18.13 10.72 18.20
N GLY C 139 17.32 9.68 17.98
CA GLY C 139 17.47 8.83 16.82
C GLY C 139 18.25 7.57 17.15
N VAL C 140 17.93 6.48 16.45
CA VAL C 140 18.65 5.21 16.56
C VAL C 140 18.93 4.68 15.16
N ASN C 141 20.07 4.01 15.01
CA ASN C 141 20.51 3.50 13.71
C ASN C 141 21.58 2.45 13.94
N MET C 142 21.79 1.62 12.91
CA MET C 142 22.89 0.67 12.86
C MET C 142 23.64 0.83 11.49
N PRO C 143 24.94 1.17 11.50
CA PRO C 143 25.78 1.50 12.66
C PRO C 143 25.27 2.76 13.36
N SER C 144 25.59 2.93 14.62
CA SER C 144 24.94 3.97 15.42
C SER C 144 25.73 5.29 15.32
N ALA C 145 25.27 6.29 16.08
CA ALA C 145 25.84 7.65 16.00
C ALA C 145 27.31 7.69 16.41
N ASP C 146 27.74 6.80 17.31
CA ASP C 146 29.16 6.72 17.65
C ASP C 146 29.99 6.39 16.43
N TYR C 147 29.56 5.38 15.66
CA TYR C 147 30.29 5.03 14.44
C TYR C 147 30.29 6.18 13.46
N HIS C 148 29.12 6.80 13.27
CA HIS C 148 29.04 7.91 12.33
C HIS C 148 29.93 9.08 12.75
N LEU C 149 30.00 9.37 14.07
CA LEU C 149 30.93 10.40 14.54
C LEU C 149 32.38 10.01 14.29
N ALA C 150 32.74 8.75 14.54
CA ALA C 150 34.09 8.30 14.27
C ALA C 150 34.41 8.39 12.78
N LYS C 151 33.42 8.12 11.93
CA LYS C 151 33.62 8.21 10.49
C LYS C 151 33.88 9.65 10.04
N ILE C 152 33.03 10.60 10.45
CA ILE C 152 33.17 11.98 9.99
C ILE C 152 34.32 12.72 10.70
N MET C 153 34.72 12.28 11.89
CA MET C 153 35.90 12.86 12.53
C MET C 153 37.20 12.23 12.06
N GLY C 154 37.15 11.07 11.45
CA GLY C 154 38.36 10.31 11.18
C GLY C 154 39.01 9.82 12.46
N LEU C 155 38.23 9.35 13.42
CA LEU C 155 38.83 8.65 14.54
C LEU C 155 39.56 7.42 14.03
N PRO C 156 40.78 7.16 14.49
CA PRO C 156 41.50 5.96 14.04
C PRO C 156 40.69 4.71 14.29
N PRO C 157 40.93 3.65 13.50
CA PRO C 157 40.16 2.40 13.64
C PRO C 157 40.37 1.63 14.96
N TYR C 158 41.38 1.97 15.77
CA TYR C 158 41.55 1.34 17.07
C TYR C 158 40.82 2.05 18.20
N VAL C 159 40.18 3.19 17.92
CA VAL C 159 39.39 3.88 18.94
C VAL C 159 38.15 3.04 19.26
N GLN C 160 37.97 2.71 20.53
CA GLN C 160 36.96 1.74 20.96
C GLN C 160 35.71 2.48 21.40
N ARG C 161 34.58 2.12 20.82
CA ARG C 161 33.40 2.93 20.97
C ARG C 161 32.37 2.31 21.90
N THR C 162 31.72 3.16 22.69
CA THR C 162 30.56 2.79 23.49
C THR C 162 29.42 3.72 23.11
N MET C 163 28.28 3.14 22.75
CA MET C 163 27.08 3.89 22.36
C MET C 163 26.06 3.82 23.49
N ILE C 164 25.71 4.99 24.04
CA ILE C 164 24.70 5.10 25.10
C ILE C 164 23.46 5.76 24.49
N TYR C 165 22.47 4.96 24.12
CA TYR C 165 21.22 5.41 23.51
C TYR C 165 20.07 5.48 24.52
N GLN C 166 19.26 6.53 24.41
CA GLN C 166 17.93 6.64 25.04
C GLN C 166 17.95 6.69 26.57
N GLN C 167 19.05 7.16 27.18
CA GLN C 167 19.11 7.27 28.62
C GLN C 167 18.76 8.66 29.14
N GLY C 168 18.08 9.47 28.34
CA GLY C 168 17.58 10.72 28.85
C GLY C 168 18.67 11.64 29.40
N CYS C 169 18.30 12.38 30.42
CA CYS C 169 19.09 13.49 30.91
C CYS C 169 20.16 13.08 31.92
N PHE C 170 20.32 11.78 32.20
CA PHE C 170 21.45 11.36 33.02
C PHE C 170 22.58 10.75 32.19
N ALA C 171 22.49 10.82 30.86
CA ALA C 171 23.50 10.20 29.99
C ALA C 171 24.84 10.90 30.13
N GLY C 172 24.84 12.22 30.30
CA GLY C 172 26.11 12.92 30.49
C GLY C 172 26.88 12.44 31.71
N ALA C 173 26.20 12.39 32.85
CA ALA C 173 26.84 11.90 34.07
C ALA C 173 27.21 10.43 33.97
N THR C 174 26.38 9.61 33.31
CA THR C 174 26.70 8.18 33.20
C THR C 174 27.93 7.94 32.34
N ALA C 175 28.19 8.81 31.35
CA ALA C 175 29.40 8.68 30.54
C ALA C 175 30.65 8.93 31.38
N LEU C 176 30.59 9.85 32.34
CA LEU C 176 31.69 10.10 33.26
C LEU C 176 31.90 8.92 34.19
N ARG C 177 30.81 8.33 34.69
CA ARG C 177 30.93 7.12 35.51
C ARG C 177 31.61 6.01 34.75
N LEU C 178 31.27 5.84 33.47
CA LEU C 178 31.91 4.81 32.67
C LEU C 178 33.35 5.19 32.34
N ALA C 179 33.59 6.44 31.93
CA ALA C 179 34.94 6.84 31.57
C ALA C 179 35.90 6.75 32.75
N LYS C 180 35.42 6.98 33.98
CA LYS C 180 36.28 6.89 35.15
C LYS C 180 36.93 5.50 35.25
N ASP C 181 36.14 4.43 35.11
CA ASP C 181 36.70 3.10 35.27
C ASP C 181 37.53 2.67 34.06
N ILE C 182 37.15 3.10 32.85
CA ILE C 182 37.95 2.82 31.67
C ILE C 182 39.31 3.49 31.78
N ALA C 183 39.32 4.78 32.16
CA ALA C 183 40.57 5.53 32.25
C ALA C 183 41.51 4.89 33.27
N GLU C 184 40.98 4.57 34.47
CA GLU C 184 41.81 4.14 35.59
C GLU C 184 42.21 2.67 35.50
N ASN C 185 41.42 1.82 34.85
CA ASN C 185 41.80 0.41 34.77
C ASN C 185 42.82 0.15 33.67
N ASN C 186 42.81 0.92 32.58
CA ASN C 186 43.72 0.68 31.46
C ASN C 186 44.97 1.54 31.47
N GLY C 187 45.00 2.60 32.28
CA GLY C 187 46.28 3.26 32.50
C GLY C 187 46.54 4.53 31.73
N GLY C 188 47.83 4.82 31.54
CA GLY C 188 48.25 6.19 31.29
C GLY C 188 47.98 6.71 29.90
N HIS C 189 47.93 5.83 28.91
CA HIS C 189 47.66 6.28 27.55
C HIS C 189 46.20 6.18 27.18
N THR C 190 45.35 5.69 28.07
CA THR C 190 43.91 5.67 27.80
C THR C 190 43.34 7.08 27.89
N ARG C 191 42.75 7.55 26.79
CA ARG C 191 42.14 8.87 26.70
C ARG C 191 40.76 8.71 26.06
N ILE C 192 39.73 9.15 26.76
CA ILE C 192 38.35 8.89 26.34
C ILE C 192 37.73 10.18 25.86
N LEU C 193 37.20 10.16 24.65
CA LEU C 193 36.36 11.26 24.16
C LEU C 193 34.91 10.96 24.52
N ILE C 194 34.27 11.89 25.23
CA ILE C 194 32.85 11.80 25.55
C ILE C 194 32.14 12.86 24.72
N VAL C 195 31.06 12.46 24.04
CA VAL C 195 30.26 13.37 23.22
C VAL C 195 28.80 13.07 23.55
N CYS C 196 28.05 14.11 23.95
CA CYS C 196 26.62 14.02 24.23
C CYS C 196 25.89 15.01 23.35
N VAL C 197 24.87 14.55 22.62
CA VAL C 197 24.15 15.37 21.66
C VAL C 197 22.65 15.11 21.79
N GLU C 198 21.85 16.18 21.72
CA GLU C 198 20.39 16.05 21.63
C GLU C 198 19.80 17.03 20.64
N LEU C 199 18.84 16.55 19.85
CA LEU C 199 18.06 17.35 18.91
C LEU C 199 16.59 17.04 19.15
N MET C 200 15.80 18.06 19.49
CA MET C 200 14.41 17.85 19.86
C MET C 200 13.50 17.55 18.67
N VAL C 201 14.05 17.46 17.47
CA VAL C 201 13.42 16.81 16.33
C VAL C 201 12.81 15.48 16.77
N VAL C 202 13.45 14.83 17.74
CA VAL C 202 13.04 13.47 18.13
C VAL C 202 11.64 13.46 18.73
N CYS C 203 11.29 14.50 19.49
CA CYS C 203 10.08 14.48 20.30
C CYS C 203 9.18 15.70 20.12
N PHE C 204 9.52 16.64 19.24
CA PHE C 204 8.63 17.76 18.95
C PHE C 204 7.25 17.24 18.57
N GLN C 205 6.22 17.75 19.25
CA GLN C 205 4.84 17.36 18.96
C GLN C 205 3.94 18.58 18.96
N ALA C 206 2.95 18.58 18.06
CA ALA C 206 1.94 19.62 18.01
C ALA C 206 1.08 19.55 19.29
N PRO C 207 0.35 20.62 19.62
CA PRO C 207 -0.33 20.65 20.92
C PRO C 207 -1.70 19.98 20.92
N SER C 208 -2.07 19.48 22.11
CA SER C 208 -3.38 18.85 22.39
C SER C 208 -3.77 19.14 23.82
N ASP C 209 -5.03 19.55 24.07
CA ASP C 209 -5.36 19.88 25.46
C ASP C 209 -5.58 18.65 26.33
N THR C 210 -5.54 17.45 25.75
CA THR C 210 -5.64 16.22 26.53
C THR C 210 -4.28 15.55 26.71
N TYR C 211 -3.20 16.21 26.30
CA TYR C 211 -1.83 15.69 26.42
C TYR C 211 -0.94 16.81 26.95
N LEU C 212 -1.17 17.22 28.19
CA LEU C 212 -0.44 18.36 28.76
C LEU C 212 1.00 18.01 29.08
N ASP C 213 1.31 16.72 29.27
CA ASP C 213 2.71 16.31 29.40
C ASP C 213 3.54 16.75 28.22
N LEU C 214 2.96 16.65 27.03
CA LEU C 214 3.67 17.06 25.84
C LEU C 214 3.88 18.57 25.81
N LEU C 215 2.94 19.34 26.35
CA LEU C 215 3.07 20.78 26.30
C LEU C 215 4.21 21.28 27.17
N VAL C 216 4.46 20.62 28.31
CA VAL C 216 5.54 21.03 29.20
C VAL C 216 6.90 20.87 28.50
N GLY C 217 7.08 19.78 27.75
CA GLY C 217 8.34 19.56 27.06
C GLY C 217 8.59 20.54 25.93
N ASN C 218 7.53 20.96 25.23
CA ASN C 218 7.68 21.98 24.21
C ASN C 218 8.09 23.34 24.79
N ALA C 219 7.83 23.55 26.08
CA ALA C 219 8.27 24.75 26.78
C ALA C 219 9.72 24.70 27.27
N ILE C 220 10.35 23.51 27.36
CA ILE C 220 11.68 23.44 28.02
C ILE C 220 12.80 22.79 27.20
N PHE C 221 12.48 21.82 26.32
CA PHE C 221 13.52 21.03 25.66
C PHE C 221 14.16 21.79 24.49
N SER C 222 15.47 21.61 24.34
CA SER C 222 16.28 22.35 23.36
C SER C 222 17.45 21.49 22.90
N ASP C 223 18.27 22.06 22.03
CA ASP C 223 19.32 21.32 21.32
C ASP C 223 20.73 21.74 21.76
N GLY C 224 21.65 20.79 21.75
CA GLY C 224 23.04 21.10 22.05
C GLY C 224 23.89 19.85 22.06
N ALA C 225 25.21 20.08 21.99
CA ALA C 225 26.23 19.04 22.04
C ALA C 225 27.35 19.47 22.99
N ALA C 226 27.86 18.52 23.76
CA ALA C 226 28.98 18.80 24.65
C ALA C 226 29.97 17.66 24.53
N ALA C 227 31.26 17.99 24.58
CA ALA C 227 32.31 17.00 24.49
C ALA C 227 33.30 17.23 25.62
N ALA C 228 33.89 16.14 26.10
CA ALA C 228 34.91 16.21 27.13
C ALA C 228 35.97 15.15 26.84
N ILE C 229 37.20 15.42 27.27
CA ILE C 229 38.28 14.44 27.25
C ILE C 229 38.54 14.00 28.68
N VAL C 230 38.67 12.70 28.90
CA VAL C 230 38.92 12.15 30.22
C VAL C 230 40.16 11.27 30.13
N GLY C 231 41.06 11.43 31.09
CA GLY C 231 42.22 10.58 31.20
C GLY C 231 42.66 10.52 32.64
N ALA C 232 43.38 9.46 32.97
CA ALA C 232 44.05 9.30 34.25
C ALA C 232 45.54 9.15 34.01
N ASP C 233 46.33 9.44 35.04
CA ASP C 233 47.78 9.39 34.91
C ASP C 233 48.23 10.31 33.78
N LEU C 234 48.35 11.60 34.06
CA LEU C 234 48.49 12.59 33.00
C LEU C 234 49.94 12.90 32.69
N ASP C 235 50.16 13.31 31.44
CA ASP C 235 51.41 13.95 31.04
C ASP C 235 51.32 15.41 31.47
N THR C 236 52.04 15.73 32.54
CA THR C 236 51.95 17.04 33.17
C THR C 236 52.51 18.17 32.31
N THR C 237 53.14 17.85 31.18
CA THR C 237 53.68 18.86 30.28
C THR C 237 52.66 19.30 29.23
N THR C 238 51.83 18.38 28.72
CA THR C 238 50.84 18.69 27.70
C THR C 238 49.42 18.85 28.25
N GLU C 239 49.02 18.02 29.21
CA GLU C 239 47.63 17.94 29.63
C GLU C 239 47.47 18.53 31.02
N ARG C 240 46.40 19.30 31.24
CA ARG C 240 46.17 19.84 32.56
C ARG C 240 44.74 19.50 32.97
N PRO C 241 44.53 19.06 34.20
CA PRO C 241 43.17 18.67 34.62
C PRO C 241 42.31 19.88 34.94
N ILE C 242 41.02 19.77 34.65
CA ILE C 242 40.03 20.77 35.01
C ILE C 242 39.33 20.40 36.31
N PHE C 243 38.80 19.18 36.37
CA PHE C 243 38.19 18.58 37.56
C PHE C 243 38.66 17.13 37.63
N ASN C 244 38.72 16.59 38.83
CA ASN C 244 39.00 15.17 39.02
C ASN C 244 37.70 14.45 39.33
N ILE C 245 37.52 13.27 38.73
CA ILE C 245 36.36 12.43 38.95
C ILE C 245 36.69 11.52 40.14
N VAL C 246 36.14 11.84 41.29
CA VAL C 246 36.50 11.14 42.52
C VAL C 246 35.68 9.85 42.66
N SER C 247 34.35 9.95 42.56
CA SER C 247 33.50 8.77 42.55
C SER C 247 32.23 9.09 41.75
N ALA C 248 31.54 8.03 41.35
CA ALA C 248 30.33 8.14 40.53
C ALA C 248 29.44 6.95 40.83
N ASN C 249 28.19 7.20 41.24
CA ASN C 249 27.27 6.12 41.55
C ASN C 249 25.90 6.44 40.99
N GLN C 250 25.27 5.43 40.42
CA GLN C 250 23.90 5.52 40.00
C GLN C 250 22.99 4.94 41.09
N THR C 251 21.85 5.59 41.32
CA THR C 251 20.80 5.03 42.14
C THR C 251 19.47 5.18 41.42
N THR C 252 18.52 4.34 41.82
CA THR C 252 17.17 4.33 41.26
C THR C 252 16.20 4.69 42.38
N ILE C 253 15.27 5.58 42.07
CA ILE C 253 14.22 5.99 43.01
C ILE C 253 13.09 4.97 42.92
N PRO C 254 12.79 4.24 43.99
CA PRO C 254 11.73 3.23 43.93
C PRO C 254 10.36 3.83 43.66
N ASP C 255 9.52 3.07 42.96
CA ASP C 255 8.11 3.40 42.76
C ASP C 255 7.94 4.77 42.09
N SER C 256 8.74 5.05 41.06
CA SER C 256 8.62 6.30 40.31
C SER C 256 8.76 6.07 38.82
N GLU C 257 8.41 4.86 38.37
CA GLU C 257 8.63 4.50 36.98
C GLU C 257 7.95 5.47 36.01
N ASP C 258 6.76 5.96 36.37
CA ASP C 258 5.99 6.83 35.49
C ASP C 258 6.39 8.29 35.61
N GLY C 259 7.44 8.60 36.36
CA GLY C 259 7.88 9.98 36.51
C GLY C 259 8.23 10.62 35.18
N ILE C 260 9.14 9.99 34.45
CA ILE C 260 9.60 10.48 33.14
C ILE C 260 9.53 9.31 32.18
N VAL C 261 8.71 9.45 31.14
CA VAL C 261 8.36 8.33 30.27
C VAL C 261 8.54 8.73 28.81
N GLY C 262 9.26 7.90 28.06
CA GLY C 262 9.43 8.13 26.64
C GLY C 262 9.03 6.95 25.77
N HIS C 263 8.01 7.13 24.94
CA HIS C 263 7.51 6.09 24.05
C HIS C 263 7.84 6.49 22.62
N ILE C 264 8.72 5.71 21.99
CA ILE C 264 9.12 5.94 20.59
C ILE C 264 8.08 5.28 19.70
N ARG C 265 7.47 6.07 18.81
CA ARG C 265 6.29 5.66 18.03
C ARG C 265 6.42 6.14 16.60
N GLU C 266 5.44 5.74 15.76
CA GLU C 266 5.40 6.19 14.38
C GLU C 266 5.18 7.70 14.26
N MET C 267 4.59 8.33 15.27
CA MET C 267 4.41 9.77 15.37
C MET C 267 5.66 10.46 15.92
N GLY C 268 6.77 9.75 16.02
CA GLY C 268 7.91 10.27 16.75
C GLY C 268 7.83 9.86 18.21
N MET C 269 8.61 10.53 19.06
CA MET C 269 8.65 10.17 20.47
C MET C 269 7.60 10.91 21.28
N LYS C 270 6.75 10.14 21.98
CA LYS C 270 5.81 10.65 22.97
C LYS C 270 6.48 10.61 24.34
N TYR C 271 6.68 11.77 24.94
CA TYR C 271 7.22 11.85 26.29
C TYR C 271 6.13 12.27 27.28
N TYR C 272 6.29 11.86 28.53
CA TYR C 272 5.34 12.16 29.59
C TYR C 272 6.13 12.58 30.82
N LEU C 273 5.83 13.78 31.32
CA LEU C 273 6.51 14.34 32.49
C LEU C 273 5.47 14.48 33.60
N SER C 274 5.62 13.69 34.65
CA SER C 274 4.74 13.75 35.81
C SER C 274 4.99 15.04 36.59
N ARG C 275 3.95 15.52 37.29
CA ARG C 275 4.07 16.75 38.07
C ARG C 275 4.84 16.52 39.37
N THR C 276 4.86 15.30 39.88
CA THR C 276 5.58 14.96 41.10
C THR C 276 7.10 14.94 40.91
N VAL C 277 7.60 15.01 39.68
CA VAL C 277 9.01 14.69 39.42
C VAL C 277 9.97 15.64 40.12
N PRO C 278 9.87 16.98 39.98
CA PRO C 278 10.88 17.84 40.61
C PRO C 278 10.94 17.71 42.12
N GLN C 279 9.80 17.49 42.78
CA GLN C 279 9.80 17.20 44.20
C GLN C 279 10.54 15.91 44.51
N VAL C 280 10.18 14.82 43.80
CA VAL C 280 10.76 13.52 44.06
C VAL C 280 12.26 13.51 43.77
N ILE C 281 12.65 14.16 42.66
CA ILE C 281 14.07 14.29 42.33
C ILE C 281 14.77 15.20 43.35
N GLY C 282 14.18 16.37 43.60
CA GLY C 282 14.81 17.33 44.50
C GLY C 282 15.01 16.77 45.89
N ASN C 283 13.98 16.15 46.45
CA ASN C 283 14.13 15.57 47.78
C ASN C 283 15.09 14.39 47.76
N ASN C 284 15.37 13.82 46.60
CA ASN C 284 16.30 12.70 46.52
C ASN C 284 17.74 13.17 46.31
N ILE C 285 17.98 14.15 45.44
CA ILE C 285 19.35 14.65 45.29
C ILE C 285 19.78 15.40 46.53
N VAL C 286 18.84 16.03 47.26
CA VAL C 286 19.18 16.59 48.56
C VAL C 286 19.59 15.46 49.52
N GLN C 287 18.91 14.32 49.44
CA GLN C 287 19.27 13.22 50.34
C GLN C 287 20.57 12.54 49.90
N CYS C 288 20.77 12.33 48.59
CA CYS C 288 22.07 11.86 48.11
C CYS C 288 23.18 12.79 48.58
N CYS C 289 22.92 14.10 48.59
CA CYS C 289 23.93 15.08 48.96
C CYS C 289 24.44 14.86 50.37
N ARG C 290 23.54 14.52 51.30
CA ARG C 290 23.95 14.31 52.69
C ARG C 290 24.47 12.91 52.93
N ASP C 291 23.86 11.91 52.27
CA ASP C 291 24.41 10.56 52.31
C ASP C 291 25.84 10.54 51.79
N THR C 292 26.15 11.40 50.80
CA THR C 292 27.47 11.33 50.18
C THR C 292 28.49 12.25 50.86
N PHE C 293 28.08 13.43 51.31
CA PHE C 293 29.03 14.38 51.90
C PHE C 293 28.80 14.56 53.40
N TRP C 301 27.41 23.48 53.78
CA TRP C 301 26.91 23.15 52.44
C TRP C 301 27.36 24.12 51.37
N ASN C 302 27.64 25.35 51.77
CA ASN C 302 28.06 26.36 50.81
C ASN C 302 29.55 26.32 50.53
N SER C 303 30.27 25.40 51.16
CA SER C 303 31.69 25.22 50.93
C SER C 303 31.99 24.24 49.81
N MET C 304 30.99 23.90 48.98
CA MET C 304 31.15 22.96 47.89
C MET C 304 30.38 23.44 46.68
N PHE C 305 30.85 23.09 45.49
CA PHE C 305 30.18 23.54 44.28
C PHE C 305 29.19 22.50 43.77
N TYR C 306 28.29 22.95 42.89
CA TYR C 306 27.22 22.11 42.40
C TYR C 306 27.04 22.25 40.91
N ILE C 307 26.80 21.12 40.25
CA ILE C 307 26.31 21.06 38.87
C ILE C 307 25.05 20.22 38.95
N VAL C 308 23.90 20.86 38.76
CA VAL C 308 22.62 20.18 38.87
C VAL C 308 21.95 20.28 37.51
N HIS C 309 21.63 19.13 36.94
CA HIS C 309 20.99 19.10 35.65
C HIS C 309 19.74 19.98 35.68
N PRO C 310 19.62 20.92 34.82
CA PRO C 310 18.51 21.88 34.86
C PRO C 310 17.22 21.29 34.28
N GLY C 311 16.67 20.30 34.99
CA GLY C 311 15.44 19.67 34.53
C GLY C 311 14.27 20.61 34.57
N GLY C 312 14.30 21.58 35.49
CA GLY C 312 13.31 22.63 35.57
C GLY C 312 13.68 23.56 36.69
N PRO C 313 13.01 24.72 36.78
CA PRO C 313 13.36 25.65 37.87
C PRO C 313 13.16 25.07 39.26
N ALA C 314 12.19 24.16 39.43
CA ALA C 314 11.83 23.70 40.78
C ALA C 314 12.91 22.82 41.40
N VAL C 315 13.54 21.95 40.60
CA VAL C 315 14.62 21.13 41.13
C VAL C 315 15.71 22.01 41.73
N LEU C 316 16.19 22.99 40.95
CA LEU C 316 17.24 23.87 41.42
C LEU C 316 16.84 24.70 42.62
N ARG C 317 15.54 24.93 42.83
CA ARG C 317 15.10 25.73 43.97
C ARG C 317 15.05 24.93 45.25
N MET C 318 14.82 23.63 45.17
CA MET C 318 14.82 22.78 46.37
C MET C 318 16.23 22.58 46.90
N MET C 319 17.19 22.39 46.00
CA MET C 319 18.60 22.45 46.37
C MET C 319 18.89 23.72 47.17
N GLU C 320 18.57 24.87 46.59
CA GLU C 320 18.77 26.14 47.30
C GLU C 320 18.00 26.16 48.61
N GLU C 321 16.74 25.73 48.59
CA GLU C 321 15.91 25.76 49.79
C GLU C 321 16.36 24.74 50.81
N LYS C 322 16.34 23.46 50.43
CA LYS C 322 16.52 22.40 51.42
C LYS C 322 17.96 22.28 51.90
N LEU C 323 18.92 22.79 51.14
CA LEU C 323 20.29 22.88 51.63
C LEU C 323 20.67 24.30 52.01
N GLY C 324 19.78 25.27 51.79
CA GLY C 324 20.07 26.64 52.20
C GLY C 324 21.15 27.32 51.41
N LEU C 325 21.28 27.02 50.12
CA LEU C 325 22.43 27.47 49.35
C LEU C 325 22.40 28.98 49.12
N SER C 326 23.58 29.58 49.07
CA SER C 326 23.69 30.97 48.65
C SER C 326 23.32 31.11 47.19
N LYS C 327 23.22 32.36 46.75
CA LYS C 327 22.88 32.65 45.36
C LYS C 327 23.90 32.06 44.40
N GLU C 328 25.19 32.14 44.75
CA GLU C 328 26.24 31.79 43.81
C GLU C 328 26.42 30.28 43.62
N ARG C 329 25.76 29.45 44.43
CA ARG C 329 25.99 28.02 44.34
C ARG C 329 25.31 27.42 43.12
N MET C 330 24.10 27.85 42.82
CA MET C 330 23.36 27.33 41.67
C MET C 330 23.48 28.24 40.43
N ARG C 331 24.33 29.26 40.48
CA ARG C 331 24.43 30.25 39.40
C ARG C 331 24.71 29.62 38.04
N ALA C 332 25.67 28.69 37.97
CA ALA C 332 26.04 28.14 36.66
C ALA C 332 24.91 27.27 36.08
N SER C 333 24.22 26.53 36.94
CA SER C 333 23.09 25.72 36.49
C SER C 333 21.95 26.61 36.01
N TRP C 334 21.60 27.63 36.79
CA TRP C 334 20.60 28.63 36.37
C TRP C 334 21.02 29.31 35.09
N HIS C 335 22.33 29.57 34.93
CA HIS C 335 22.82 30.26 33.75
C HIS C 335 22.61 29.41 32.49
N VAL C 336 22.93 28.12 32.57
CA VAL C 336 22.75 27.25 31.40
C VAL C 336 21.26 27.11 31.07
N LEU C 337 20.42 26.98 32.10
CA LEU C 337 18.98 26.94 31.88
C LEU C 337 18.49 28.19 31.17
N SER C 338 18.94 29.37 31.61
CA SER C 338 18.51 30.62 30.99
C SER C 338 18.94 30.68 29.53
N GLU C 339 20.21 30.40 29.26
CA GLU C 339 20.79 30.68 27.96
C GLU C 339 20.60 29.55 26.97
N TYR C 340 20.33 28.32 27.41
CA TYR C 340 20.21 27.18 26.50
C TYR C 340 18.97 26.31 26.71
N GLY C 341 18.24 26.47 27.81
CA GLY C 341 17.13 25.59 28.09
C GLY C 341 17.61 24.24 28.60
N ASN C 342 16.68 23.28 28.59
CA ASN C 342 16.96 21.91 29.02
C ASN C 342 17.36 21.09 27.82
N MET C 343 18.66 20.87 27.65
CA MET C 343 19.21 20.11 26.54
C MET C 343 19.35 18.63 26.81
N GLN C 344 18.84 18.14 27.93
CA GLN C 344 18.94 16.74 28.36
C GLN C 344 20.42 16.37 28.52
N GLY C 345 20.89 15.27 27.94
CA GLY C 345 22.20 14.69 28.16
C GLY C 345 23.38 15.63 28.40
N PRO C 346 23.67 16.50 27.43
CA PRO C 346 24.87 17.36 27.53
C PRO C 346 24.78 18.51 28.52
N SER C 347 23.64 18.75 29.18
CA SER C 347 23.48 19.96 29.99
C SER C 347 24.51 20.05 31.12
N VAL C 348 24.76 18.94 31.84
CA VAL C 348 25.71 19.01 32.95
C VAL C 348 27.13 19.36 32.46
N LEU C 349 27.49 18.96 31.24
CA LEU C 349 28.80 19.34 30.72
C LEU C 349 28.85 20.81 30.34
N PHE C 350 27.72 21.37 29.87
CA PHE C 350 27.63 22.81 29.68
C PHE C 350 27.83 23.53 31.01
N ILE C 351 27.17 23.07 32.07
CA ILE C 351 27.26 23.76 33.35
C ILE C 351 28.68 23.67 33.89
N LEU C 352 29.33 22.52 33.70
CA LEU C 352 30.71 22.32 34.13
C LEU C 352 31.67 23.25 33.39
N ASP C 353 31.47 23.38 32.07
CA ASP C 353 32.24 24.34 31.29
C ASP C 353 31.97 25.76 31.76
N GLU C 354 30.69 26.10 31.91
CA GLU C 354 30.32 27.42 32.40
C GLU C 354 30.96 27.70 33.75
N MET C 355 30.90 26.73 34.66
CA MET C 355 31.43 27.00 35.99
C MET C 355 32.94 27.19 35.95
N ARG C 356 33.65 26.35 35.21
CA ARG C 356 35.09 26.50 35.23
C ARG C 356 35.52 27.77 34.51
N ASN C 357 34.79 28.17 33.46
CA ASN C 357 35.15 29.37 32.73
C ASN C 357 34.94 30.62 33.60
N LYS C 358 33.77 30.74 34.22
CA LYS C 358 33.50 31.89 35.09
C LYS C 358 34.50 31.96 36.24
N SER C 359 34.86 30.81 36.81
CA SER C 359 35.85 30.81 37.89
C SER C 359 37.17 31.38 37.40
N MET C 360 37.62 30.91 36.24
CA MET C 360 38.78 31.49 35.59
C MET C 360 38.60 33.00 35.38
N GLU C 361 37.47 33.39 34.78
CA GLU C 361 37.27 34.79 34.40
C GLU C 361 37.20 35.69 35.62
N GLU C 362 36.56 35.25 36.69
CA GLU C 362 36.38 36.05 37.89
C GLU C 362 37.54 35.89 38.87
N GLY C 363 38.63 35.26 38.46
CA GLY C 363 39.80 35.15 39.30
C GLY C 363 39.65 34.27 40.53
N LYS C 364 38.80 33.26 40.48
CA LYS C 364 38.65 32.36 41.62
C LYS C 364 39.89 31.48 41.77
N SER C 365 39.98 30.78 42.93
CA SER C 365 41.16 29.96 43.27
C SER C 365 41.10 28.59 42.64
N THR C 366 39.91 28.10 42.33
CA THR C 366 39.73 26.78 41.78
C THR C 366 38.76 26.86 40.63
N THR C 367 38.82 25.84 39.76
CA THR C 367 37.87 25.72 38.67
C THR C 367 36.45 25.50 39.18
N GLY C 368 36.31 25.13 40.45
CA GLY C 368 35.01 24.99 41.07
C GLY C 368 34.68 26.19 41.91
N GLU C 369 34.87 27.38 41.35
CA GLU C 369 34.42 28.64 41.92
C GLU C 369 35.19 29.03 43.19
N GLY C 370 36.39 28.48 43.37
CA GLY C 370 37.22 28.73 44.54
C GLY C 370 37.12 27.65 45.59
N LEU C 371 36.20 26.71 45.43
CA LEU C 371 35.96 25.64 46.39
C LEU C 371 36.66 24.38 45.94
N GLU C 372 36.72 23.41 46.85
CA GLU C 372 37.46 22.17 46.63
C GLU C 372 36.58 21.05 46.10
N TRP C 373 35.53 20.72 46.82
CA TRP C 373 34.68 19.58 46.52
C TRP C 373 33.42 20.01 45.81
N GLY C 374 32.86 19.11 45.03
CA GLY C 374 31.61 19.43 44.34
C GLY C 374 30.89 18.15 44.00
N VAL C 375 29.66 18.34 43.54
CA VAL C 375 28.82 17.22 43.13
C VAL C 375 28.11 17.58 41.83
N MET C 376 28.01 16.60 40.95
CA MET C 376 27.19 16.71 39.75
C MET C 376 26.02 15.74 39.87
N PHE C 377 24.84 16.18 39.46
CA PHE C 377 23.64 15.36 39.46
C PHE C 377 23.04 15.34 38.07
N GLY C 378 23.04 14.17 37.43
CA GLY C 378 22.19 13.90 36.30
C GLY C 378 21.02 13.05 36.76
N PHE C 379 19.88 13.18 36.08
CA PHE C 379 18.74 12.35 36.42
C PHE C 379 17.81 12.21 35.22
N GLY C 380 16.93 11.21 35.27
CA GLY C 380 16.05 10.92 34.18
C GLY C 380 15.19 9.69 34.43
N PRO C 381 14.72 9.06 33.36
CA PRO C 381 13.71 7.99 33.50
C PRO C 381 14.17 6.87 34.43
N GLY C 382 13.22 6.35 35.20
CA GLY C 382 13.50 5.35 36.21
C GLY C 382 12.56 5.43 37.41
N LEU C 383 12.65 6.49 38.21
CA LEU C 383 13.62 7.59 38.06
C LEU C 383 15.00 7.13 38.47
N THR C 384 16.01 7.65 37.76
CA THR C 384 17.41 7.29 37.95
C THR C 384 18.21 8.55 38.29
N VAL C 385 19.12 8.43 39.24
CA VAL C 385 20.01 9.54 39.61
C VAL C 385 21.45 9.08 39.42
N GLU C 386 22.23 9.90 38.72
CA GLU C 386 23.67 9.70 38.62
C GLU C 386 24.34 10.80 39.43
N THR C 387 25.07 10.39 40.47
CA THR C 387 25.81 11.29 41.34
C THR C 387 27.29 11.13 41.04
N VAL C 388 27.94 12.21 40.62
CA VAL C 388 29.39 12.22 40.45
C VAL C 388 29.97 13.18 41.47
N VAL C 389 30.95 12.71 42.24
CA VAL C 389 31.65 13.56 43.18
C VAL C 389 32.88 14.09 42.46
N LEU C 390 33.07 15.41 42.51
CA LEU C 390 34.10 16.10 41.77
C LEU C 390 35.03 16.85 42.71
N ARG C 391 36.25 17.05 42.26
CA ARG C 391 37.17 17.92 42.95
C ARG C 391 37.84 18.84 41.94
N SER C 392 37.81 20.13 42.23
CA SER C 392 38.34 21.15 41.34
C SER C 392 39.86 21.09 41.25
N VAL C 393 40.41 22.00 40.47
CA VAL C 393 41.85 22.16 40.34
C VAL C 393 42.21 23.62 40.59
N ALA C 394 43.35 23.84 41.23
CA ALA C 394 43.79 25.19 41.58
C ALA C 394 44.02 26.05 40.35
N ILE C 395 43.51 27.27 40.37
CA ILE C 395 43.79 28.23 39.31
C ILE C 395 44.85 29.22 39.77
N SER D 15 -31.57 31.89 -30.43
CA SER D 15 -31.61 31.88 -28.97
C SER D 15 -30.29 31.38 -28.38
N LYS D 16 -29.84 32.01 -27.28
CA LYS D 16 -28.73 31.43 -26.54
C LYS D 16 -29.10 30.07 -25.98
N VAL D 17 -30.36 29.88 -25.59
CA VAL D 17 -30.81 28.58 -25.09
C VAL D 17 -30.58 27.49 -26.12
N GLU D 18 -30.98 27.74 -27.38
CA GLU D 18 -30.78 26.76 -28.44
C GLU D 18 -29.31 26.63 -28.83
N SER D 19 -28.53 27.70 -28.71
CA SER D 19 -27.12 27.65 -29.12
C SER D 19 -26.31 26.71 -28.23
N ARG D 20 -26.56 26.73 -26.92
CA ARG D 20 -25.77 25.97 -25.97
C ARG D 20 -26.11 24.50 -25.94
N GLN D 21 -27.15 24.08 -26.65
CA GLN D 21 -27.68 22.77 -26.44
C GLN D 21 -27.45 21.86 -27.63
N ALA D 22 -27.32 20.57 -27.33
CA ALA D 22 -27.04 19.57 -28.33
C ALA D 22 -28.06 19.62 -29.46
N ALA D 23 -27.58 19.43 -30.67
CA ALA D 23 -28.41 19.42 -31.86
C ALA D 23 -28.01 18.26 -32.75
N VAL D 24 -28.97 17.82 -33.57
CA VAL D 24 -28.70 16.82 -34.60
C VAL D 24 -28.24 17.56 -35.86
N LEU D 25 -27.04 17.23 -36.33
CA LEU D 25 -26.43 17.95 -37.46
C LEU D 25 -26.63 17.27 -38.81
N ALA D 26 -26.87 15.96 -38.84
CA ALA D 26 -27.08 15.22 -40.09
C ALA D 26 -27.79 13.91 -39.77
N ILE D 27 -28.53 13.39 -40.76
CA ILE D 27 -29.20 12.09 -40.66
C ILE D 27 -29.12 11.43 -42.03
N ALA D 28 -28.97 10.10 -42.04
CA ALA D 28 -28.96 9.33 -43.27
C ALA D 28 -29.28 7.88 -42.94
N THR D 29 -29.70 7.12 -43.94
CA THR D 29 -30.14 5.75 -43.70
C THR D 29 -29.62 4.81 -44.79
N ALA D 30 -29.63 3.51 -44.49
CA ALA D 30 -29.29 2.49 -45.46
C ALA D 30 -30.04 1.22 -45.12
N ASN D 31 -30.29 0.40 -46.13
CA ASN D 31 -30.94 -0.90 -45.96
C ASN D 31 -30.34 -1.91 -46.90
N PRO D 32 -30.45 -3.21 -46.60
CA PRO D 32 -29.99 -4.22 -47.53
C PRO D 32 -30.78 -4.17 -48.81
N PRO D 33 -30.20 -4.62 -49.95
CA PRO D 33 -30.84 -4.40 -51.25
C PRO D 33 -32.05 -5.27 -51.54
N ASN D 34 -32.15 -6.44 -50.92
CA ASN D 34 -33.21 -7.38 -51.27
C ASN D 34 -34.51 -6.98 -50.59
N ILE D 35 -35.54 -6.72 -51.40
CA ILE D 35 -36.85 -6.26 -50.94
C ILE D 35 -37.78 -7.45 -50.85
N PHE D 36 -38.57 -7.51 -49.78
CA PHE D 36 -39.57 -8.55 -49.59
C PHE D 36 -40.91 -7.86 -49.39
N TYR D 37 -41.80 -7.98 -50.37
CA TYR D 37 -43.15 -7.45 -50.23
C TYR D 37 -43.97 -8.34 -49.31
N GLN D 38 -44.72 -7.69 -48.41
CA GLN D 38 -45.46 -8.42 -47.40
C GLN D 38 -46.53 -9.32 -48.01
N ALA D 39 -47.07 -8.93 -49.17
CA ALA D 39 -48.13 -9.71 -49.80
C ALA D 39 -47.64 -11.10 -50.19
N ASP D 40 -46.35 -11.23 -50.53
CA ASP D 40 -45.73 -12.50 -50.89
C ASP D 40 -45.00 -13.16 -49.72
N TYR D 41 -44.92 -12.49 -48.59
CA TYR D 41 -44.04 -13.02 -47.55
C TYR D 41 -44.56 -14.31 -46.92
N PRO D 42 -45.86 -14.46 -46.62
CA PRO D 42 -46.33 -15.75 -46.10
C PRO D 42 -45.96 -16.95 -46.97
N ASP D 43 -46.07 -16.82 -48.30
CA ASP D 43 -45.72 -17.93 -49.19
C ASP D 43 -44.24 -18.25 -49.13
N PHE D 44 -43.41 -17.21 -49.10
CA PHE D 44 -41.96 -17.37 -49.06
C PHE D 44 -41.49 -17.89 -47.71
N TYR D 45 -41.99 -17.27 -46.63
CA TYR D 45 -41.59 -17.64 -45.27
C TYR D 45 -41.88 -19.11 -44.98
N PHE D 46 -43.11 -19.56 -45.27
CA PHE D 46 -43.44 -20.96 -45.03
C PHE D 46 -42.79 -21.91 -46.02
N ARG D 47 -42.25 -21.41 -47.13
CA ARG D 47 -41.59 -22.28 -48.10
C ARG D 47 -40.11 -22.49 -47.82
N VAL D 48 -39.37 -21.43 -47.49
CA VAL D 48 -37.94 -21.60 -47.24
C VAL D 48 -37.67 -22.29 -45.89
N THR D 49 -38.62 -22.25 -44.94
CA THR D 49 -38.55 -23.02 -43.71
C THR D 49 -39.23 -24.38 -43.84
N LYS D 50 -39.64 -24.76 -45.06
CA LYS D 50 -40.12 -26.10 -45.40
C LYS D 50 -41.26 -26.56 -44.49
N SER D 51 -42.17 -25.63 -44.18
CA SER D 51 -43.26 -25.86 -43.25
C SER D 51 -44.62 -25.78 -43.91
N GLU D 52 -44.68 -25.97 -45.24
CA GLU D 52 -45.90 -25.69 -46.00
C GLU D 52 -47.08 -26.54 -45.52
N HIS D 53 -46.83 -27.59 -44.74
CA HIS D 53 -47.89 -28.44 -44.24
C HIS D 53 -48.62 -27.86 -43.03
N MET D 54 -48.13 -26.77 -42.45
CA MET D 54 -48.79 -26.14 -41.31
C MET D 54 -49.80 -25.10 -41.81
N THR D 55 -50.86 -25.62 -42.43
CA THR D 55 -51.84 -24.79 -43.13
C THR D 55 -52.56 -23.81 -42.21
N GLN D 56 -53.12 -24.32 -41.10
CA GLN D 56 -53.76 -23.47 -40.09
C GLN D 56 -52.83 -22.38 -39.61
N LEU D 57 -51.56 -22.75 -39.38
CA LEU D 57 -50.55 -21.78 -38.95
C LEU D 57 -50.29 -20.73 -40.03
N LYS D 58 -50.19 -21.16 -41.30
CA LYS D 58 -49.94 -20.20 -42.37
C LYS D 58 -51.07 -19.19 -42.48
N ASP D 59 -52.31 -19.66 -42.41
CA ASP D 59 -53.46 -18.75 -42.41
C ASP D 59 -53.36 -17.74 -41.28
N LYS D 60 -53.01 -18.20 -40.07
CA LYS D 60 -52.84 -17.30 -38.94
C LYS D 60 -51.73 -16.30 -39.21
N PHE D 61 -50.64 -16.76 -39.85
CA PHE D 61 -49.53 -15.87 -40.18
C PHE D 61 -49.88 -14.93 -41.32
N LYS D 62 -50.62 -15.43 -42.32
CA LYS D 62 -51.17 -14.55 -43.36
C LYS D 62 -51.93 -13.38 -42.76
N ARG D 63 -52.88 -13.68 -41.88
CA ARG D 63 -53.67 -12.64 -41.23
C ARG D 63 -52.78 -11.65 -40.48
N MET D 64 -51.69 -12.15 -39.92
CA MET D 64 -50.75 -11.34 -39.16
C MET D 64 -50.06 -10.29 -40.04
N CYS D 65 -49.64 -10.70 -41.23
CA CYS D 65 -48.95 -9.82 -42.15
C CYS D 65 -49.90 -8.80 -42.80
N GLU D 66 -51.14 -9.19 -42.98
CA GLU D 66 -52.14 -8.31 -43.59
C GLU D 66 -52.49 -7.12 -42.70
N LYS D 67 -52.62 -7.37 -41.40
CA LYS D 67 -52.96 -6.31 -40.46
C LYS D 67 -51.73 -5.63 -39.86
N SER D 68 -50.55 -5.98 -40.36
CA SER D 68 -49.30 -5.41 -39.87
C SER D 68 -49.02 -4.04 -40.44
N MET D 69 -49.80 -3.64 -41.44
CA MET D 69 -49.60 -2.33 -42.08
C MET D 69 -48.17 -2.16 -42.60
N ILE D 70 -47.51 -3.27 -42.92
CA ILE D 70 -46.20 -3.25 -43.57
C ILE D 70 -46.39 -3.63 -45.03
N ARG D 71 -45.81 -2.83 -45.92
CA ARG D 71 -45.91 -3.08 -47.34
C ARG D 71 -44.68 -3.79 -47.88
N LYS D 72 -43.49 -3.34 -47.48
CA LYS D 72 -42.26 -4.01 -47.88
C LYS D 72 -41.25 -3.95 -46.74
N ARG D 73 -40.32 -4.91 -46.78
CA ARG D 73 -39.20 -4.98 -45.85
C ARG D 73 -37.92 -5.28 -46.63
N HIS D 74 -36.82 -4.71 -46.15
CA HIS D 74 -35.49 -5.00 -46.66
C HIS D 74 -34.82 -6.00 -45.75
N MET D 75 -34.16 -7.00 -46.33
CA MET D 75 -33.59 -8.08 -45.52
C MET D 75 -32.29 -8.63 -46.10
N TYR D 76 -31.30 -8.79 -45.23
CA TYR D 76 -30.06 -9.46 -45.62
C TYR D 76 -30.30 -10.94 -45.83
N LEU D 77 -31.15 -11.54 -44.99
CA LEU D 77 -31.39 -12.97 -45.02
C LEU D 77 -32.30 -13.26 -46.23
N THR D 78 -31.67 -13.72 -47.32
CA THR D 78 -32.36 -14.16 -48.52
C THR D 78 -32.46 -15.68 -48.51
N GLU D 79 -33.13 -16.23 -49.52
CA GLU D 79 -33.22 -17.69 -49.62
C GLU D 79 -31.86 -18.32 -49.89
N ASP D 80 -30.98 -17.63 -50.63
CA ASP D 80 -29.65 -18.17 -50.87
C ASP D 80 -28.83 -18.22 -49.60
N VAL D 81 -29.02 -17.24 -48.70
CA VAL D 81 -28.27 -17.25 -47.45
C VAL D 81 -28.81 -18.32 -46.50
N ILE D 82 -30.13 -18.61 -46.56
CA ILE D 82 -30.67 -19.74 -45.80
C ILE D 82 -30.16 -21.07 -46.37
N LYS D 83 -29.99 -21.16 -47.69
CA LYS D 83 -29.49 -22.40 -48.28
C LYS D 83 -28.02 -22.66 -47.93
N GLU D 84 -27.25 -21.60 -47.65
CA GLU D 84 -25.86 -21.73 -47.24
C GLU D 84 -25.72 -21.91 -45.73
N ASN D 85 -26.72 -21.52 -44.95
CA ASN D 85 -26.71 -21.69 -43.51
C ASN D 85 -28.02 -22.34 -43.08
N PRO D 86 -28.25 -23.58 -43.54
CA PRO D 86 -29.63 -24.14 -43.47
C PRO D 86 -30.15 -24.39 -42.07
N ASN D 87 -29.30 -24.43 -41.04
CA ASN D 87 -29.80 -24.54 -39.68
C ASN D 87 -30.60 -23.30 -39.27
N ILE D 88 -30.36 -22.16 -39.91
CA ILE D 88 -31.12 -20.97 -39.58
C ILE D 88 -32.61 -21.18 -39.93
N GLY D 89 -32.89 -22.04 -40.92
CA GLY D 89 -34.24 -22.34 -41.34
C GLY D 89 -34.85 -23.58 -40.72
N ILE D 90 -34.17 -24.20 -39.75
CA ILE D 90 -34.61 -25.44 -39.10
C ILE D 90 -34.81 -25.15 -37.62
N LEU D 91 -36.06 -25.24 -37.15
CA LEU D 91 -36.37 -24.86 -35.77
C LEU D 91 -35.58 -25.68 -34.78
N ASN D 92 -35.08 -25.01 -33.74
CA ASN D 92 -34.29 -25.58 -32.65
C ASN D 92 -32.88 -26.01 -33.05
N ALA D 93 -32.51 -25.91 -34.34
CA ALA D 93 -31.21 -26.40 -34.78
C ALA D 93 -30.10 -25.42 -34.38
N PRO D 94 -28.88 -25.93 -34.11
CA PRO D 94 -27.75 -25.03 -33.77
C PRO D 94 -27.35 -24.16 -34.94
N SER D 95 -27.59 -22.85 -34.82
CA SER D 95 -27.30 -21.95 -35.92
C SER D 95 -26.71 -20.65 -35.39
N PHE D 96 -26.38 -20.59 -34.10
CA PHE D 96 -25.89 -19.37 -33.48
C PHE D 96 -24.55 -18.96 -34.08
N ASN D 97 -23.67 -19.95 -34.32
CA ASN D 97 -22.35 -19.62 -34.87
C ASN D 97 -22.48 -19.09 -36.28
N ALA D 98 -23.36 -19.68 -37.08
CA ALA D 98 -23.60 -19.19 -38.45
C ALA D 98 -24.15 -17.77 -38.46
N ARG D 99 -25.14 -17.49 -37.60
CA ARG D 99 -25.68 -16.14 -37.50
C ARG D 99 -24.61 -15.15 -37.07
N GLN D 100 -23.77 -15.54 -36.10
CA GLN D 100 -22.74 -14.65 -35.58
C GLN D 100 -21.73 -14.26 -36.65
N GLU D 101 -21.28 -15.22 -37.46
CA GLU D 101 -20.28 -14.94 -38.47
C GLU D 101 -20.78 -13.91 -39.49
N ILE D 102 -22.04 -14.03 -39.89
CA ILE D 102 -22.64 -13.06 -40.81
C ILE D 102 -22.73 -11.69 -40.16
N MET D 103 -23.31 -11.64 -38.96
CA MET D 103 -23.64 -10.35 -38.36
C MET D 103 -22.40 -9.58 -37.96
N VAL D 104 -21.37 -10.26 -37.47
CA VAL D 104 -20.16 -9.56 -37.05
C VAL D 104 -19.51 -8.86 -38.24
N GLU D 105 -19.68 -9.42 -39.44
CA GLU D 105 -19.16 -8.79 -40.66
C GLU D 105 -20.11 -7.75 -41.23
N GLU D 106 -21.39 -8.09 -41.34
CA GLU D 106 -22.33 -7.27 -42.10
C GLU D 106 -22.92 -6.11 -41.31
N VAL D 107 -23.08 -6.22 -39.98
CA VAL D 107 -23.64 -5.11 -39.21
C VAL D 107 -22.80 -3.84 -39.35
N PRO D 108 -21.47 -3.86 -39.12
CA PRO D 108 -20.69 -2.62 -39.37
C PRO D 108 -20.68 -2.15 -40.82
N LYS D 109 -20.69 -3.06 -41.81
CA LYS D 109 -20.65 -2.63 -43.21
C LYS D 109 -21.86 -1.78 -43.55
N LEU D 110 -23.06 -2.29 -43.27
CA LEU D 110 -24.28 -1.52 -43.51
C LEU D 110 -24.29 -0.24 -42.68
N GLY D 111 -23.72 -0.27 -41.48
CA GLY D 111 -23.58 0.96 -40.72
C GLY D 111 -22.66 1.95 -41.39
N LYS D 112 -21.65 1.46 -42.12
CA LYS D 112 -20.77 2.36 -42.84
C LYS D 112 -21.50 3.05 -43.98
N GLU D 113 -22.35 2.31 -44.71
CA GLU D 113 -23.12 2.89 -45.80
C GLU D 113 -23.95 4.07 -45.31
N ALA D 114 -24.60 3.93 -44.15
CA ALA D 114 -25.42 5.03 -43.66
C ALA D 114 -24.56 6.15 -43.09
N ALA D 115 -23.46 5.80 -42.41
CA ALA D 115 -22.64 6.82 -41.79
C ALA D 115 -21.90 7.66 -42.83
N LEU D 116 -21.51 7.06 -43.96
CA LEU D 116 -20.86 7.83 -45.01
C LEU D 116 -21.79 8.91 -45.53
N LYS D 117 -23.09 8.61 -45.65
CA LYS D 117 -24.04 9.59 -46.15
C LYS D 117 -24.31 10.68 -45.12
N ALA D 118 -24.41 10.32 -43.85
CA ALA D 118 -24.62 11.31 -42.80
C ALA D 118 -23.45 12.29 -42.74
N ILE D 119 -22.22 11.76 -42.78
CA ILE D 119 -21.03 12.60 -42.76
C ILE D 119 -20.97 13.50 -44.00
N LYS D 120 -21.44 13.01 -45.15
CA LYS D 120 -21.48 13.85 -46.34
C LYS D 120 -22.41 15.05 -46.13
N GLU D 121 -23.54 14.84 -45.43
CA GLU D 121 -24.45 15.95 -45.15
C GLU D 121 -23.86 16.92 -44.12
N TRP D 122 -23.28 16.38 -43.04
CA TRP D 122 -22.64 17.22 -42.03
C TRP D 122 -21.60 18.16 -42.65
N GLY D 123 -20.85 17.67 -43.64
CA GLY D 123 -19.93 18.51 -44.37
C GLY D 123 -18.62 18.80 -43.68
N GLN D 124 -18.17 17.96 -42.76
CA GLN D 124 -16.91 18.14 -42.08
C GLN D 124 -16.03 16.90 -42.23
N PRO D 125 -14.72 17.02 -42.03
CA PRO D 125 -13.84 15.86 -42.17
C PRO D 125 -14.04 14.85 -41.05
N LEU D 126 -13.63 13.60 -41.33
CA LEU D 126 -13.67 12.56 -40.30
C LEU D 126 -12.91 12.97 -39.05
N SER D 127 -11.82 13.73 -39.23
CA SER D 127 -10.95 14.12 -38.13
C SER D 127 -11.61 15.06 -37.15
N LYS D 128 -12.81 15.57 -37.44
CA LYS D 128 -13.51 16.42 -36.50
C LYS D 128 -14.54 15.70 -35.66
N LEU D 129 -14.75 14.41 -35.93
CA LEU D 129 -15.47 13.56 -35.01
C LEU D 129 -14.64 13.34 -33.74
N THR D 130 -15.31 13.38 -32.60
CA THR D 130 -14.69 13.07 -31.32
C THR D 130 -15.24 11.80 -30.68
N HIS D 131 -16.46 11.40 -31.01
CA HIS D 131 -17.14 10.29 -30.35
C HIS D 131 -17.91 9.46 -31.37
N LEU D 132 -18.06 8.18 -31.05
CA LEU D 132 -18.89 7.26 -31.82
C LEU D 132 -19.74 6.47 -30.85
N ILE D 133 -21.06 6.48 -31.06
CA ILE D 133 -22.00 5.61 -30.34
C ILE D 133 -22.59 4.65 -31.35
N PHE D 134 -22.34 3.34 -31.16
CA PHE D 134 -22.86 2.29 -32.04
C PHE D 134 -23.89 1.47 -31.28
N CYS D 135 -25.07 1.27 -31.88
CA CYS D 135 -26.15 0.51 -31.27
C CYS D 135 -26.54 -0.65 -32.18
N THR D 136 -26.67 -1.84 -31.59
CA THR D 136 -27.19 -2.98 -32.33
C THR D 136 -27.59 -4.08 -31.36
N SER D 137 -28.62 -4.83 -31.73
CA SER D 137 -28.95 -6.08 -31.07
C SER D 137 -28.75 -7.28 -32.00
N SER D 138 -27.92 -7.13 -33.02
CA SER D 138 -27.68 -8.16 -34.04
C SER D 138 -26.22 -8.59 -34.03
N GLY D 139 -25.87 -9.55 -33.18
CA GLY D 139 -24.51 -10.07 -33.08
C GLY D 139 -23.75 -9.41 -31.95
N VAL D 140 -22.83 -10.15 -31.34
CA VAL D 140 -21.92 -9.62 -30.32
C VAL D 140 -20.53 -10.19 -30.57
N ASN D 141 -19.51 -9.37 -30.33
CA ASN D 141 -18.12 -9.70 -30.62
C ASN D 141 -17.19 -8.86 -29.75
N MET D 142 -15.99 -9.37 -29.54
CA MET D 142 -14.91 -8.57 -28.95
C MET D 142 -13.68 -8.61 -29.87
N PRO D 143 -13.24 -7.44 -30.38
CA PRO D 143 -13.84 -6.12 -30.18
C PRO D 143 -15.17 -6.00 -30.88
N SER D 144 -15.98 -5.01 -30.53
CA SER D 144 -17.37 -5.00 -30.92
C SER D 144 -17.58 -4.18 -32.19
N ALA D 145 -18.84 -4.09 -32.63
CA ALA D 145 -19.14 -3.48 -33.92
C ALA D 145 -18.76 -2.00 -33.98
N ASP D 146 -18.76 -1.30 -32.84
CA ASP D 146 -18.25 0.07 -32.81
C ASP D 146 -16.78 0.12 -33.27
N TYR D 147 -15.92 -0.76 -32.73
CA TYR D 147 -14.55 -0.82 -33.18
C TYR D 147 -14.47 -1.15 -34.67
N HIS D 148 -15.19 -2.19 -35.10
CA HIS D 148 -15.12 -2.61 -36.50
C HIS D 148 -15.59 -1.50 -37.44
N LEU D 149 -16.62 -0.75 -37.05
CA LEU D 149 -17.02 0.41 -37.85
C LEU D 149 -15.88 1.41 -37.94
N ALA D 150 -15.25 1.72 -36.79
CA ALA D 150 -14.16 2.68 -36.77
C ALA D 150 -13.01 2.23 -37.68
N LYS D 151 -12.73 0.93 -37.68
CA LYS D 151 -11.65 0.41 -38.51
C LYS D 151 -11.97 0.60 -39.99
N ILE D 152 -13.10 0.06 -40.45
CA ILE D 152 -13.42 0.08 -41.88
C ILE D 152 -13.78 1.45 -42.39
N MET D 153 -14.00 2.43 -41.51
CA MET D 153 -14.15 3.82 -41.93
C MET D 153 -12.87 4.63 -41.81
N GLY D 154 -11.85 4.12 -41.12
CA GLY D 154 -10.63 4.86 -40.93
C GLY D 154 -10.78 6.03 -39.99
N LEU D 155 -11.59 5.87 -38.95
CA LEU D 155 -11.71 6.91 -37.95
C LEU D 155 -10.38 7.10 -37.22
N PRO D 156 -10.08 8.33 -36.80
CA PRO D 156 -8.84 8.58 -36.07
C PRO D 156 -8.80 7.82 -34.76
N PRO D 157 -7.61 7.62 -34.19
CA PRO D 157 -7.52 6.87 -32.92
C PRO D 157 -8.18 7.55 -31.76
N TYR D 158 -8.45 8.85 -31.85
CA TYR D 158 -8.99 9.61 -30.73
C TYR D 158 -10.51 9.64 -30.70
N VAL D 159 -11.17 8.99 -31.65
CA VAL D 159 -12.62 8.86 -31.63
C VAL D 159 -13.01 7.90 -30.49
N GLN D 160 -13.75 8.41 -29.53
CA GLN D 160 -14.07 7.68 -28.31
C GLN D 160 -15.38 6.91 -28.52
N ARG D 161 -15.31 5.59 -28.34
CA ARG D 161 -16.39 4.69 -28.74
C ARG D 161 -17.23 4.24 -27.56
N THR D 162 -18.53 4.17 -27.78
CA THR D 162 -19.48 3.60 -26.84
C THR D 162 -20.35 2.61 -27.60
N MET D 163 -20.46 1.40 -27.07
CA MET D 163 -21.15 0.30 -27.74
C MET D 163 -22.40 -0.07 -26.94
N ILE D 164 -23.56 0.06 -27.58
CA ILE D 164 -24.87 -0.22 -26.97
C ILE D 164 -25.41 -1.47 -27.64
N TYR D 165 -25.22 -2.62 -26.98
CA TYR D 165 -25.63 -3.95 -27.45
C TYR D 165 -26.95 -4.37 -26.81
N GLN D 166 -27.84 -4.95 -27.62
CA GLN D 166 -29.01 -5.70 -27.14
C GLN D 166 -30.04 -4.83 -26.40
N GLN D 167 -30.13 -3.53 -26.69
CA GLN D 167 -31.14 -2.72 -26.02
C GLN D 167 -32.43 -2.60 -26.82
N GLY D 168 -32.56 -3.37 -27.89
CA GLY D 168 -33.83 -3.47 -28.59
C GLY D 168 -34.22 -2.17 -29.28
N CYS D 169 -35.52 -1.89 -29.23
CA CYS D 169 -36.07 -0.80 -30.02
C CYS D 169 -36.00 0.55 -29.33
N PHE D 170 -35.33 0.68 -28.18
CA PHE D 170 -35.11 2.00 -27.61
C PHE D 170 -33.66 2.46 -27.73
N ALA D 171 -32.82 1.71 -28.45
CA ALA D 171 -31.40 2.01 -28.51
C ALA D 171 -31.11 3.30 -29.27
N GLY D 172 -31.86 3.57 -30.34
CA GLY D 172 -31.70 4.82 -31.05
C GLY D 172 -32.00 6.02 -30.18
N ALA D 173 -33.12 5.96 -29.46
CA ALA D 173 -33.46 7.01 -28.51
C ALA D 173 -32.41 7.13 -27.41
N THR D 174 -31.91 6.00 -26.91
CA THR D 174 -30.94 6.06 -25.81
C THR D 174 -29.62 6.64 -26.28
N ALA D 175 -29.24 6.42 -27.55
CA ALA D 175 -28.02 7.02 -28.05
C ALA D 175 -28.09 8.56 -28.01
N LEU D 176 -29.27 9.14 -28.30
CA LEU D 176 -29.47 10.59 -28.22
C LEU D 176 -29.41 11.10 -26.79
N ARG D 177 -29.97 10.36 -25.82
CA ARG D 177 -29.85 10.73 -24.41
C ARG D 177 -28.38 10.82 -24.00
N LEU D 178 -27.58 9.81 -24.37
CA LEU D 178 -26.16 9.84 -24.06
C LEU D 178 -25.45 10.95 -24.84
N ALA D 179 -25.75 11.07 -26.14
CA ALA D 179 -25.09 12.07 -26.98
C ALA D 179 -25.33 13.48 -26.48
N LYS D 180 -26.50 13.75 -25.91
CA LYS D 180 -26.79 15.11 -25.46
C LYS D 180 -25.87 15.51 -24.30
N ASP D 181 -25.67 14.60 -23.35
CA ASP D 181 -24.83 14.92 -22.20
C ASP D 181 -23.34 14.95 -22.59
N ILE D 182 -22.92 14.04 -23.48
CA ILE D 182 -21.55 14.11 -23.99
C ILE D 182 -21.31 15.41 -24.74
N ALA D 183 -22.22 15.75 -25.65
CA ALA D 183 -22.02 16.94 -26.49
C ALA D 183 -21.98 18.22 -25.66
N GLU D 184 -22.85 18.33 -24.65
CA GLU D 184 -22.97 19.58 -23.92
C GLU D 184 -21.91 19.73 -22.84
N ASN D 185 -21.39 18.63 -22.30
CA ASN D 185 -20.48 18.74 -21.18
C ASN D 185 -19.00 18.86 -21.58
N ASN D 186 -18.66 18.60 -22.84
CA ASN D 186 -17.27 18.73 -23.27
C ASN D 186 -17.02 19.91 -24.20
N GLY D 187 -18.05 20.53 -24.75
CA GLY D 187 -17.89 21.76 -25.47
C GLY D 187 -17.98 21.59 -26.97
N GLY D 188 -17.91 22.73 -27.65
CA GLY D 188 -18.15 22.86 -29.08
C GLY D 188 -17.22 22.06 -29.97
N HIS D 189 -16.10 21.57 -29.44
CA HIS D 189 -15.29 20.66 -30.23
C HIS D 189 -16.01 19.32 -30.44
N THR D 190 -16.72 18.86 -29.41
CA THR D 190 -17.29 17.51 -29.34
C THR D 190 -18.35 17.28 -30.41
N ARG D 191 -18.15 16.26 -31.24
CA ARG D 191 -19.09 15.84 -32.28
C ARG D 191 -19.25 14.32 -32.22
N ILE D 192 -20.47 13.86 -31.99
CA ILE D 192 -20.75 12.44 -31.81
C ILE D 192 -21.38 11.89 -33.09
N LEU D 193 -20.81 10.82 -33.62
CA LEU D 193 -21.46 10.03 -34.66
C LEU D 193 -22.25 8.89 -34.01
N ILE D 194 -23.53 8.80 -34.30
CA ILE D 194 -24.40 7.72 -33.81
C ILE D 194 -24.74 6.82 -34.99
N VAL D 195 -24.59 5.49 -34.81
CA VAL D 195 -24.89 4.52 -35.86
C VAL D 195 -25.69 3.38 -35.24
N CYS D 196 -26.91 3.14 -35.74
CA CYS D 196 -27.76 2.05 -35.27
C CYS D 196 -28.07 1.12 -36.43
N VAL D 197 -27.85 -0.17 -36.25
CA VAL D 197 -27.99 -1.18 -37.30
C VAL D 197 -28.74 -2.37 -36.73
N GLU D 198 -29.64 -2.95 -37.54
CA GLU D 198 -30.28 -4.20 -37.17
C GLU D 198 -30.37 -5.12 -38.38
N LEU D 199 -30.01 -6.40 -38.18
CA LEU D 199 -30.13 -7.46 -39.17
C LEU D 199 -30.91 -8.60 -38.54
N MET D 200 -32.05 -8.95 -39.13
CA MET D 200 -32.91 -9.97 -38.56
C MET D 200 -32.38 -11.37 -38.74
N VAL D 201 -31.16 -11.51 -39.27
CA VAL D 201 -30.43 -12.78 -39.16
C VAL D 201 -30.39 -13.23 -37.71
N VAL D 202 -30.40 -12.29 -36.77
CA VAL D 202 -30.17 -12.63 -35.36
C VAL D 202 -31.30 -13.48 -34.80
N CYS D 203 -32.54 -13.21 -35.22
CA CYS D 203 -33.71 -13.73 -34.54
C CYS D 203 -34.71 -14.43 -35.45
N PHE D 204 -34.42 -14.58 -36.75
CA PHE D 204 -35.31 -15.31 -37.62
C PHE D 204 -35.51 -16.73 -37.10
N GLN D 205 -36.77 -17.18 -37.04
CA GLN D 205 -37.06 -18.53 -36.57
C GLN D 205 -38.14 -19.17 -37.43
N ALA D 206 -38.02 -20.47 -37.63
CA ALA D 206 -39.01 -21.22 -38.43
C ALA D 206 -40.33 -21.32 -37.67
N PRO D 207 -41.44 -21.50 -38.38
CA PRO D 207 -42.76 -21.51 -37.72
C PRO D 207 -42.99 -22.75 -36.88
N SER D 208 -43.70 -22.57 -35.76
CA SER D 208 -44.14 -23.69 -34.93
C SER D 208 -45.35 -23.27 -34.10
N ASP D 209 -46.27 -24.22 -33.91
CA ASP D 209 -47.50 -23.98 -33.15
C ASP D 209 -47.29 -23.99 -31.65
N THR D 210 -46.11 -24.43 -31.20
CA THR D 210 -45.80 -24.35 -29.78
C THR D 210 -45.42 -22.92 -29.38
N TYR D 211 -44.68 -22.23 -30.23
CA TYR D 211 -44.11 -20.92 -29.93
C TYR D 211 -44.86 -19.85 -30.73
N LEU D 212 -46.08 -19.55 -30.30
CA LEU D 212 -46.87 -18.58 -31.04
C LEU D 212 -46.33 -17.18 -30.86
N ASP D 213 -45.52 -16.95 -29.83
CA ASP D 213 -44.96 -15.62 -29.59
C ASP D 213 -43.86 -15.28 -30.57
N LEU D 214 -43.30 -16.29 -31.23
CA LEU D 214 -42.26 -16.01 -32.21
C LEU D 214 -42.81 -15.72 -33.60
N LEU D 215 -44.02 -16.20 -33.88
CA LEU D 215 -44.64 -16.00 -35.18
C LEU D 215 -44.84 -14.54 -35.56
N VAL D 216 -45.22 -13.71 -34.59
CA VAL D 216 -45.46 -12.29 -34.85
C VAL D 216 -44.20 -11.59 -35.31
N GLY D 217 -43.05 -11.92 -34.69
CA GLY D 217 -41.81 -11.24 -35.03
C GLY D 217 -41.43 -11.40 -36.49
N ASN D 218 -41.69 -12.57 -37.07
CA ASN D 218 -41.39 -12.80 -38.48
C ASN D 218 -42.31 -12.03 -39.42
N ALA D 219 -43.37 -11.41 -38.90
CA ALA D 219 -44.21 -10.55 -39.72
C ALA D 219 -43.82 -9.09 -39.67
N ILE D 220 -42.99 -8.67 -38.70
CA ILE D 220 -42.75 -7.23 -38.54
C ILE D 220 -41.28 -6.85 -38.64
N PHE D 221 -40.37 -7.73 -38.22
CA PHE D 221 -38.97 -7.32 -38.08
C PHE D 221 -38.24 -7.31 -39.41
N SER D 222 -37.36 -6.31 -39.57
CA SER D 222 -36.69 -6.03 -40.84
C SER D 222 -35.33 -5.42 -40.55
N ASP D 223 -34.59 -5.09 -41.61
CA ASP D 223 -33.20 -4.68 -41.54
C ASP D 223 -33.03 -3.24 -42.02
N GLY D 224 -32.08 -2.54 -41.42
CA GLY D 224 -31.76 -1.20 -41.85
C GLY D 224 -30.70 -0.60 -40.93
N ALA D 225 -30.13 0.52 -41.38
CA ALA D 225 -29.12 1.25 -40.62
C ALA D 225 -29.40 2.74 -40.74
N ALA D 226 -29.25 3.46 -39.63
CA ALA D 226 -29.37 4.91 -39.63
C ALA D 226 -28.19 5.52 -38.89
N ALA D 227 -27.71 6.65 -39.38
CA ALA D 227 -26.60 7.36 -38.78
C ALA D 227 -27.00 8.82 -38.54
N ALA D 228 -26.38 9.43 -37.53
CA ALA D 228 -26.61 10.83 -37.23
C ALA D 228 -25.37 11.44 -36.60
N ILE D 229 -25.22 12.76 -36.77
CA ILE D 229 -24.19 13.54 -36.09
C ILE D 229 -24.87 14.45 -35.07
N VAL D 230 -24.32 14.53 -33.86
CA VAL D 230 -24.82 15.39 -32.80
C VAL D 230 -23.67 16.26 -32.27
N GLY D 231 -23.96 17.54 -32.06
CA GLY D 231 -23.01 18.43 -31.43
C GLY D 231 -23.71 19.64 -30.87
N ALA D 232 -23.04 20.33 -29.95
CA ALA D 232 -23.51 21.61 -29.42
C ALA D 232 -22.51 22.70 -29.76
N ASP D 233 -22.93 23.95 -29.59
CA ASP D 233 -22.11 25.11 -29.96
C ASP D 233 -21.63 24.97 -31.40
N LEU D 234 -22.52 25.21 -32.36
CA LEU D 234 -22.24 24.94 -33.76
C LEU D 234 -21.43 26.06 -34.39
N ASP D 235 -20.57 25.68 -35.34
CA ASP D 235 -19.87 26.65 -36.16
C ASP D 235 -20.86 27.27 -37.14
N THR D 236 -21.08 28.57 -37.05
CA THR D 236 -22.23 29.16 -37.74
C THR D 236 -22.07 29.22 -39.25
N THR D 237 -20.99 28.68 -39.84
CA THR D 237 -20.82 28.69 -41.29
C THR D 237 -20.83 27.32 -41.95
N THR D 238 -20.49 26.25 -41.22
CA THR D 238 -20.43 24.91 -41.82
C THR D 238 -21.60 24.01 -41.43
N GLU D 239 -22.06 24.04 -40.18
CA GLU D 239 -23.04 23.10 -39.68
C GLU D 239 -24.32 23.85 -39.33
N ARG D 240 -25.47 23.26 -39.67
CA ARG D 240 -26.70 23.78 -39.11
C ARG D 240 -27.57 22.66 -38.58
N PRO D 241 -28.28 22.91 -37.49
CA PRO D 241 -29.07 21.85 -36.86
C PRO D 241 -30.36 21.56 -37.62
N ILE D 242 -30.75 20.28 -37.56
CA ILE D 242 -32.05 19.86 -38.08
C ILE D 242 -33.09 19.85 -36.96
N PHE D 243 -32.68 19.37 -35.78
CA PHE D 243 -33.46 19.36 -34.55
C PHE D 243 -32.54 19.64 -33.37
N ASN D 244 -33.08 20.30 -32.35
CA ASN D 244 -32.40 20.44 -31.06
C ASN D 244 -32.93 19.40 -30.07
N ILE D 245 -32.01 18.79 -29.31
CA ILE D 245 -32.36 17.81 -28.28
C ILE D 245 -32.58 18.59 -26.98
N VAL D 246 -33.85 18.86 -26.65
CA VAL D 246 -34.16 19.68 -25.48
C VAL D 246 -33.91 18.92 -24.20
N SER D 247 -34.46 17.70 -24.11
CA SER D 247 -34.31 16.85 -22.94
C SER D 247 -34.59 15.41 -23.36
N ALA D 248 -34.11 14.47 -22.53
CA ALA D 248 -34.18 13.05 -22.82
C ALA D 248 -34.19 12.31 -21.50
N ASN D 249 -35.21 11.48 -21.28
CA ASN D 249 -35.37 10.75 -20.04
C ASN D 249 -35.87 9.34 -20.30
N GLN D 250 -35.31 8.38 -19.56
CA GLN D 250 -35.75 6.99 -19.64
C GLN D 250 -36.60 6.65 -18.41
N THR D 251 -37.68 5.91 -18.64
CA THR D 251 -38.49 5.38 -17.56
C THR D 251 -38.80 3.91 -17.84
N THR D 252 -39.17 3.21 -16.78
CA THR D 252 -39.43 1.78 -16.84
C THR D 252 -40.84 1.54 -16.33
N ILE D 253 -41.58 0.69 -17.00
CA ILE D 253 -42.95 0.36 -16.61
C ILE D 253 -42.89 -0.78 -15.60
N PRO D 254 -43.37 -0.59 -14.38
CA PRO D 254 -43.24 -1.64 -13.38
C PRO D 254 -44.00 -2.90 -13.80
N ASP D 255 -43.43 -4.05 -13.42
CA ASP D 255 -44.05 -5.38 -13.55
C ASP D 255 -44.46 -5.69 -14.99
N SER D 256 -43.55 -5.47 -15.93
CA SER D 256 -43.86 -5.66 -17.35
C SER D 256 -42.71 -6.37 -18.06
N GLU D 257 -41.84 -7.05 -17.31
CA GLU D 257 -40.59 -7.57 -17.86
C GLU D 257 -40.82 -8.62 -18.95
N ASP D 258 -41.96 -9.30 -18.92
CA ASP D 258 -42.32 -10.35 -19.86
C ASP D 258 -43.04 -9.81 -21.10
N GLY D 259 -43.11 -8.49 -21.25
CA GLY D 259 -43.76 -7.95 -22.44
C GLY D 259 -42.95 -8.21 -23.69
N ILE D 260 -41.68 -7.83 -23.69
CA ILE D 260 -40.75 -8.08 -24.78
C ILE D 260 -39.55 -8.80 -24.15
N VAL D 261 -39.27 -10.01 -24.63
CA VAL D 261 -38.21 -10.86 -24.07
C VAL D 261 -37.36 -11.41 -25.20
N GLY D 262 -36.04 -11.24 -25.10
CA GLY D 262 -35.10 -11.78 -26.08
C GLY D 262 -34.12 -12.75 -25.45
N HIS D 263 -34.14 -14.00 -25.90
CA HIS D 263 -33.30 -15.05 -25.33
C HIS D 263 -32.31 -15.48 -26.39
N ILE D 264 -31.04 -15.19 -26.13
CA ILE D 264 -29.98 -15.50 -27.09
C ILE D 264 -29.48 -16.91 -26.79
N ARG D 265 -29.61 -17.81 -27.77
CA ARG D 265 -29.47 -19.25 -27.59
C ARG D 265 -28.65 -19.83 -28.72
N GLU D 266 -28.35 -21.14 -28.59
CA GLU D 266 -27.65 -21.89 -29.62
C GLU D 266 -28.40 -21.92 -30.94
N MET D 267 -29.70 -21.67 -30.89
CA MET D 267 -30.53 -21.64 -32.09
C MET D 267 -30.85 -20.20 -32.46
N GLY D 268 -29.95 -19.27 -32.15
CA GLY D 268 -30.21 -17.88 -32.44
C GLY D 268 -31.04 -17.24 -31.35
N MET D 269 -31.54 -16.03 -31.61
CA MET D 269 -32.32 -15.31 -30.62
C MET D 269 -33.80 -15.68 -30.68
N LYS D 270 -34.38 -15.94 -29.51
CA LYS D 270 -35.79 -16.28 -29.40
C LYS D 270 -36.58 -15.11 -28.82
N TYR D 271 -37.24 -14.36 -29.71
CA TYR D 271 -38.04 -13.22 -29.32
C TYR D 271 -39.42 -13.67 -28.84
N TYR D 272 -39.87 -13.08 -27.75
CA TYR D 272 -41.21 -13.31 -27.24
C TYR D 272 -41.91 -11.97 -27.13
N LEU D 273 -43.02 -11.81 -27.85
CA LEU D 273 -43.80 -10.58 -27.91
C LEU D 273 -45.17 -10.84 -27.28
N SER D 274 -45.45 -10.19 -26.15
CA SER D 274 -46.75 -10.35 -25.52
C SER D 274 -47.82 -9.63 -26.33
N ARG D 275 -49.04 -10.19 -26.31
CA ARG D 275 -50.16 -9.59 -27.04
C ARG D 275 -50.50 -8.22 -26.50
N THR D 276 -50.21 -7.99 -25.23
CA THR D 276 -50.64 -6.77 -24.55
C THR D 276 -49.63 -5.64 -24.64
N VAL D 277 -48.44 -5.88 -25.21
CA VAL D 277 -47.43 -4.82 -25.32
C VAL D 277 -47.96 -3.54 -25.95
N PRO D 278 -48.65 -3.57 -27.10
CA PRO D 278 -49.06 -2.30 -27.72
C PRO D 278 -50.02 -1.48 -26.86
N GLN D 279 -50.94 -2.12 -26.13
CA GLN D 279 -51.82 -1.39 -25.23
C GLN D 279 -51.05 -0.78 -24.07
N VAL D 280 -50.14 -1.56 -23.48
CA VAL D 280 -49.36 -1.07 -22.34
C VAL D 280 -48.42 0.05 -22.78
N ILE D 281 -47.73 -0.15 -23.90
CA ILE D 281 -46.86 0.91 -24.40
C ILE D 281 -47.68 2.13 -24.79
N GLY D 282 -48.73 1.92 -25.60
CA GLY D 282 -49.55 3.04 -26.04
C GLY D 282 -50.17 3.80 -24.89
N ASN D 283 -50.64 3.08 -23.89
CA ASN D 283 -51.22 3.72 -22.72
C ASN D 283 -50.18 4.49 -21.92
N ASN D 284 -48.93 4.03 -21.95
CA ASN D 284 -47.87 4.71 -21.19
C ASN D 284 -47.31 5.92 -21.95
N ILE D 285 -47.08 5.79 -23.26
CA ILE D 285 -46.51 6.92 -23.96
C ILE D 285 -47.52 8.07 -24.08
N VAL D 286 -48.82 7.77 -24.14
CA VAL D 286 -49.83 8.84 -24.08
C VAL D 286 -49.68 9.61 -22.78
N GLN D 287 -49.52 8.87 -21.67
CA GLN D 287 -49.19 9.47 -20.38
C GLN D 287 -47.97 10.37 -20.47
N CYS D 288 -46.83 9.82 -20.93
CA CYS D 288 -45.59 10.59 -21.02
C CYS D 288 -45.81 11.90 -21.76
N CYS D 289 -46.50 11.85 -22.90
CA CYS D 289 -46.87 13.05 -23.62
C CYS D 289 -47.49 14.08 -22.69
N ARG D 290 -48.52 13.67 -21.96
CA ARG D 290 -49.20 14.55 -21.04
C ARG D 290 -48.28 14.95 -19.89
N ASP D 291 -47.62 13.98 -19.26
CA ASP D 291 -46.70 14.27 -18.16
C ASP D 291 -45.58 15.23 -18.59
N THR D 292 -45.22 15.24 -19.88
CA THR D 292 -44.08 16.01 -20.35
C THR D 292 -44.45 17.36 -20.95
N PHE D 293 -45.62 17.49 -21.56
CA PHE D 293 -46.02 18.75 -22.18
C PHE D 293 -47.30 19.33 -21.52
N ASP D 300 -53.01 22.37 -27.39
CA ASP D 300 -53.57 21.43 -28.36
C ASP D 300 -52.54 20.37 -28.78
N TRP D 301 -53.00 19.12 -28.91
CA TRP D 301 -52.12 18.01 -29.24
C TRP D 301 -51.82 17.90 -30.73
N ASN D 302 -52.47 18.70 -31.57
CA ASN D 302 -52.10 18.74 -32.97
C ASN D 302 -51.06 19.81 -33.28
N SER D 303 -50.59 20.53 -32.26
CA SER D 303 -49.64 21.62 -32.44
C SER D 303 -48.21 21.21 -32.14
N MET D 304 -47.94 19.91 -32.15
CA MET D 304 -46.59 19.39 -31.95
C MET D 304 -46.40 18.19 -32.88
N PHE D 305 -45.15 17.86 -33.19
CA PHE D 305 -44.86 16.75 -34.08
C PHE D 305 -44.39 15.54 -33.29
N TYR D 306 -44.48 14.38 -33.92
CA TYR D 306 -44.31 13.11 -33.23
C TYR D 306 -43.47 12.15 -34.05
N ILE D 307 -42.61 11.41 -33.36
CA ILE D 307 -41.87 10.27 -33.91
C ILE D 307 -42.11 9.13 -32.93
N VAL D 308 -42.91 8.14 -33.33
CA VAL D 308 -43.21 6.98 -32.50
C VAL D 308 -42.63 5.75 -33.16
N HIS D 309 -41.87 4.97 -32.40
CA HIS D 309 -41.32 3.71 -32.89
C HIS D 309 -42.45 2.81 -33.39
N PRO D 310 -42.45 2.41 -34.67
CA PRO D 310 -43.60 1.66 -35.21
C PRO D 310 -43.60 0.21 -34.73
N GLY D 311 -43.76 0.04 -33.42
CA GLY D 311 -43.76 -1.30 -32.86
C GLY D 311 -44.87 -2.15 -33.41
N GLY D 312 -46.03 -1.56 -33.60
CA GLY D 312 -47.11 -2.19 -34.29
C GLY D 312 -48.12 -1.12 -34.62
N PRO D 313 -49.06 -1.43 -35.52
CA PRO D 313 -50.08 -0.44 -35.85
C PRO D 313 -50.89 0.00 -34.63
N ALA D 314 -51.03 -0.84 -33.61
CA ALA D 314 -51.91 -0.48 -32.49
C ALA D 314 -51.35 0.66 -31.65
N VAL D 315 -50.02 0.76 -31.52
CA VAL D 315 -49.41 1.86 -30.77
C VAL D 315 -49.67 3.20 -31.47
N LEU D 316 -49.42 3.25 -32.79
CA LEU D 316 -49.66 4.48 -33.52
C LEU D 316 -51.13 4.88 -33.46
N ARG D 317 -52.04 3.91 -33.51
CA ARG D 317 -53.46 4.22 -33.47
C ARG D 317 -53.88 4.78 -32.12
N MET D 318 -53.32 4.25 -31.03
CA MET D 318 -53.71 4.72 -29.72
C MET D 318 -53.28 6.16 -29.47
N MET D 319 -52.09 6.53 -29.94
CA MET D 319 -51.68 7.93 -29.97
C MET D 319 -52.74 8.81 -30.64
N GLU D 320 -53.20 8.40 -31.82
CA GLU D 320 -54.19 9.18 -32.55
C GLU D 320 -55.47 9.30 -31.75
N GLU D 321 -56.00 8.18 -31.29
CA GLU D 321 -57.31 8.20 -30.63
C GLU D 321 -57.23 8.91 -29.28
N LYS D 322 -56.25 8.57 -28.46
CA LYS D 322 -56.23 9.10 -27.10
C LYS D 322 -55.83 10.56 -27.04
N LEU D 323 -55.05 11.02 -28.03
CA LEU D 323 -54.67 12.42 -28.11
C LEU D 323 -55.48 13.22 -29.11
N GLY D 324 -56.36 12.59 -29.87
CA GLY D 324 -57.20 13.30 -30.83
C GLY D 324 -56.42 13.85 -32.00
N LEU D 325 -55.42 13.13 -32.48
CA LEU D 325 -54.51 13.62 -33.51
C LEU D 325 -55.14 13.56 -34.89
N SER D 326 -54.80 14.56 -35.70
CA SER D 326 -55.10 14.48 -37.13
C SER D 326 -54.26 13.38 -37.77
N LYS D 327 -54.61 13.06 -39.03
CA LYS D 327 -53.88 12.02 -39.73
C LYS D 327 -52.43 12.39 -39.97
N GLU D 328 -52.13 13.68 -40.12
CA GLU D 328 -50.79 14.10 -40.48
C GLU D 328 -49.80 14.01 -39.32
N ARG D 329 -50.30 13.89 -38.08
CA ARG D 329 -49.39 13.88 -36.95
C ARG D 329 -48.53 12.62 -36.91
N MET D 330 -49.10 11.48 -37.30
CA MET D 330 -48.45 10.17 -37.25
C MET D 330 -47.95 9.71 -38.62
N ARG D 331 -48.04 10.56 -39.65
CA ARG D 331 -47.86 10.11 -41.03
C ARG D 331 -46.44 9.59 -41.28
N ALA D 332 -45.43 10.28 -40.74
CA ALA D 332 -44.06 9.83 -40.97
C ALA D 332 -43.78 8.48 -40.32
N SER D 333 -44.46 8.15 -39.21
CA SER D 333 -44.23 6.87 -38.55
C SER D 333 -44.98 5.74 -39.24
N TRP D 334 -46.24 5.97 -39.64
CA TRP D 334 -46.93 5.02 -40.49
C TRP D 334 -46.14 4.76 -41.77
N HIS D 335 -45.52 5.81 -42.28
CA HIS D 335 -44.76 5.71 -43.53
C HIS D 335 -43.58 4.75 -43.42
N VAL D 336 -42.76 4.94 -42.40
CA VAL D 336 -41.58 4.08 -42.23
C VAL D 336 -41.99 2.65 -41.94
N LEU D 337 -43.06 2.46 -41.16
CA LEU D 337 -43.62 1.11 -40.97
C LEU D 337 -44.01 0.47 -42.30
N SER D 338 -44.69 1.23 -43.18
CA SER D 338 -45.14 0.65 -44.43
C SER D 338 -43.97 0.32 -45.36
N GLU D 339 -43.02 1.25 -45.49
CA GLU D 339 -41.94 1.06 -46.46
C GLU D 339 -40.80 0.20 -45.94
N TYR D 340 -40.63 0.09 -44.64
CA TYR D 340 -39.47 -0.62 -44.11
C TYR D 340 -39.78 -1.64 -43.04
N GLY D 341 -40.94 -1.59 -42.41
CA GLY D 341 -41.23 -2.50 -41.33
C GLY D 341 -40.61 -2.05 -40.01
N ASN D 342 -40.59 -2.98 -39.06
CA ASN D 342 -40.07 -2.73 -37.72
C ASN D 342 -38.57 -3.01 -37.73
N MET D 343 -37.76 -1.96 -37.86
CA MET D 343 -36.31 -2.12 -37.90
C MET D 343 -35.65 -2.01 -36.54
N GLN D 344 -36.42 -1.98 -35.46
CA GLN D 344 -35.91 -1.93 -34.07
C GLN D 344 -35.09 -0.65 -33.91
N GLY D 345 -33.85 -0.72 -33.43
CA GLY D 345 -33.05 0.43 -33.05
C GLY D 345 -33.12 1.65 -33.95
N PRO D 346 -32.75 1.48 -35.23
CA PRO D 346 -32.68 2.64 -36.14
C PRO D 346 -34.02 3.27 -36.57
N SER D 347 -35.16 2.66 -36.21
CA SER D 347 -36.43 3.05 -36.82
C SER D 347 -36.80 4.50 -36.51
N VAL D 348 -36.56 4.97 -35.28
CA VAL D 348 -36.92 6.33 -34.93
C VAL D 348 -36.09 7.34 -35.72
N LEU D 349 -34.88 6.96 -36.15
CA LEU D 349 -34.07 7.86 -36.97
C LEU D 349 -34.52 7.86 -38.43
N PHE D 350 -35.05 6.75 -38.94
CA PHE D 350 -35.69 6.76 -40.24
C PHE D 350 -36.88 7.73 -40.25
N ILE D 351 -37.67 7.72 -39.16
CA ILE D 351 -38.85 8.59 -39.09
C ILE D 351 -38.43 10.06 -38.97
N LEU D 352 -37.39 10.32 -38.17
CA LEU D 352 -36.85 11.67 -38.07
C LEU D 352 -36.37 12.17 -39.42
N ASP D 353 -35.69 11.32 -40.18
CA ASP D 353 -35.26 11.69 -41.53
C ASP D 353 -36.45 11.89 -42.45
N GLU D 354 -37.44 10.99 -42.39
CA GLU D 354 -38.60 11.12 -43.25
C GLU D 354 -39.41 12.37 -42.93
N MET D 355 -39.48 12.75 -41.65
CA MET D 355 -40.24 13.93 -41.29
C MET D 355 -39.59 15.21 -41.85
N ARG D 356 -38.27 15.34 -41.69
CA ARG D 356 -37.61 16.58 -42.11
C ARG D 356 -37.56 16.71 -43.62
N ASN D 357 -37.42 15.61 -44.35
CA ASN D 357 -37.32 15.70 -45.81
C ASN D 357 -38.66 16.10 -46.42
N LYS D 358 -39.74 15.47 -45.98
CA LYS D 358 -41.05 15.89 -46.46
C LYS D 358 -41.39 17.31 -46.02
N SER D 359 -40.96 17.70 -44.82
CA SER D 359 -41.21 19.07 -44.38
C SER D 359 -40.56 20.08 -45.33
N MET D 360 -39.36 19.77 -45.83
CA MET D 360 -38.69 20.68 -46.74
C MET D 360 -39.22 20.55 -48.17
N GLU D 361 -39.54 19.33 -48.61
CA GLU D 361 -40.11 19.15 -49.94
C GLU D 361 -41.45 19.84 -50.08
N GLU D 362 -42.28 19.77 -49.04
CA GLU D 362 -43.57 20.44 -49.05
C GLU D 362 -43.47 21.90 -48.58
N GLY D 363 -42.26 22.43 -48.43
CA GLY D 363 -42.07 23.83 -48.11
C GLY D 363 -42.71 24.25 -46.80
N LYS D 364 -42.71 23.38 -45.80
CA LYS D 364 -43.31 23.76 -44.53
C LYS D 364 -42.37 24.69 -43.76
N SER D 365 -42.92 25.36 -42.75
CA SER D 365 -42.17 26.38 -42.01
C SER D 365 -40.97 25.79 -41.30
N THR D 366 -41.11 24.59 -40.73
CA THR D 366 -40.12 23.98 -39.87
C THR D 366 -39.82 22.56 -40.32
N THR D 367 -38.69 22.02 -39.85
CA THR D 367 -38.36 20.61 -40.06
C THR D 367 -39.29 19.65 -39.32
N GLY D 368 -40.07 20.15 -38.36
CA GLY D 368 -41.11 19.37 -37.73
C GLY D 368 -42.50 19.63 -38.29
N GLU D 369 -42.63 19.60 -39.62
CA GLU D 369 -43.92 19.67 -40.30
C GLU D 369 -44.64 21.00 -40.03
N GLY D 370 -43.85 22.04 -39.75
CA GLY D 370 -44.36 23.38 -39.53
C GLY D 370 -44.56 23.76 -38.08
N LEU D 371 -44.27 22.84 -37.15
CA LEU D 371 -44.50 23.05 -35.72
C LEU D 371 -43.18 23.22 -34.99
N GLU D 372 -43.28 23.63 -33.72
CA GLU D 372 -42.12 24.00 -32.94
C GLU D 372 -41.63 22.86 -32.08
N TRP D 373 -42.49 22.34 -31.21
CA TRP D 373 -42.13 21.32 -30.23
C TRP D 373 -42.52 19.94 -30.75
N GLY D 374 -41.74 18.94 -30.36
CA GLY D 374 -41.99 17.58 -30.76
C GLY D 374 -41.42 16.59 -29.76
N VAL D 375 -41.94 15.36 -29.83
CA VAL D 375 -41.55 14.28 -28.94
C VAL D 375 -41.11 13.09 -29.79
N MET D 376 -40.13 12.34 -29.28
CA MET D 376 -39.72 11.07 -29.87
C MET D 376 -39.82 9.98 -28.81
N PHE D 377 -40.41 8.84 -29.16
CA PHE D 377 -40.57 7.72 -28.24
C PHE D 377 -39.89 6.48 -28.80
N GLY D 378 -38.92 5.94 -28.04
CA GLY D 378 -38.45 4.59 -28.23
C GLY D 378 -38.91 3.77 -27.03
N PHE D 379 -39.05 2.46 -27.24
CA PHE D 379 -39.43 1.56 -26.18
C PHE D 379 -38.97 0.16 -26.56
N GLY D 380 -38.95 -0.74 -25.57
CA GLY D 380 -38.46 -2.07 -25.77
C GLY D 380 -38.44 -2.86 -24.46
N PRO D 381 -37.59 -3.89 -24.40
CA PRO D 381 -37.59 -4.81 -23.26
C PRO D 381 -37.51 -4.08 -21.92
N GLY D 382 -38.28 -4.57 -20.94
CA GLY D 382 -38.29 -3.94 -19.63
C GLY D 382 -39.61 -3.99 -18.88
N LEU D 383 -40.66 -3.32 -19.36
CA LEU D 383 -40.63 -2.43 -20.53
C LEU D 383 -39.95 -1.10 -20.22
N THR D 384 -39.16 -0.63 -21.17
CA THR D 384 -38.42 0.61 -21.04
C THR D 384 -38.96 1.61 -22.05
N VAL D 385 -39.12 2.86 -21.62
CA VAL D 385 -39.53 3.92 -22.51
C VAL D 385 -38.46 5.02 -22.48
N GLU D 386 -38.02 5.45 -23.65
CA GLU D 386 -37.14 6.59 -23.79
C GLU D 386 -37.94 7.72 -24.43
N THR D 387 -37.98 8.88 -23.77
CA THR D 387 -38.70 10.06 -24.25
C THR D 387 -37.71 11.19 -24.54
N VAL D 388 -37.68 11.65 -25.78
CA VAL D 388 -36.80 12.74 -26.20
C VAL D 388 -37.67 13.94 -26.55
N VAL D 389 -37.45 15.04 -25.85
CA VAL D 389 -38.13 16.30 -26.22
C VAL D 389 -37.31 16.98 -27.30
N LEU D 390 -37.96 17.26 -28.44
CA LEU D 390 -37.31 17.85 -29.60
C LEU D 390 -37.91 19.19 -29.93
N ARG D 391 -37.18 19.93 -30.76
CA ARG D 391 -37.70 21.15 -31.31
C ARG D 391 -37.19 21.33 -32.74
N SER D 392 -38.09 21.76 -33.62
CA SER D 392 -37.79 21.98 -35.02
C SER D 392 -36.74 23.08 -35.20
N VAL D 393 -36.32 23.23 -36.45
CA VAL D 393 -35.56 24.41 -36.88
C VAL D 393 -36.32 25.02 -38.05
N ALA D 394 -36.33 26.36 -38.11
CA ALA D 394 -37.07 27.03 -39.16
C ALA D 394 -36.46 26.75 -40.53
N ILE D 395 -37.30 26.43 -41.50
CA ILE D 395 -36.89 26.30 -42.89
C ILE D 395 -37.07 27.61 -43.64
S SO4 E . -13.70 -19.18 -34.23
O1 SO4 E . -13.18 -18.61 -35.48
O2 SO4 E . -13.25 -18.36 -33.11
O3 SO4 E . -15.16 -19.22 -34.29
O4 SO4 E . -13.22 -20.56 -34.05
S SO4 F . 1.68 11.37 3.98
O1 SO4 F . 1.67 10.80 5.33
O2 SO4 F . 1.79 12.84 3.97
O3 SO4 F . 2.85 10.85 3.25
O4 SO4 F . 0.44 11.01 3.29
N1A COA G . -0.06 -17.26 -25.96
C2A COA G . 0.46 -18.52 -26.01
N3A COA G . 1.39 -18.93 -25.10
C4A COA G . 1.81 -18.08 -24.14
C5A COA G . 1.29 -16.82 -24.07
C6A COA G . 0.34 -16.42 -25.00
N6A COA G . -0.41 -15.12 -25.21
N7A COA G . 1.87 -16.19 -23.04
C8A COA G . 2.74 -17.05 -22.45
N9A COA G . 2.70 -18.20 -23.13
C1B COA G . 3.48 -19.35 -22.81
C2B COA G . 4.73 -19.20 -23.25
O2B COA G . 4.83 -19.63 -24.64
C3B COA G . 5.54 -20.12 -22.30
O3B COA G . 5.56 -21.38 -22.74
P3B COA G . 6.80 -22.39 -22.23
O7A COA G . 6.93 -22.30 -20.73
O8A COA G . 6.50 -23.80 -22.63
O9A COA G . 8.09 -21.95 -22.87
C4B COA G . 4.78 -20.03 -20.92
O4B COA G . 3.61 -19.52 -21.17
C5B COA G . 5.56 -19.13 -19.95
O5B COA G . 6.14 -18.05 -20.67
P1A COA G . 7.16 -17.01 -19.87
O1A COA G . 7.60 -15.91 -20.83
O2A COA G . 8.36 -17.76 -19.38
O3A COA G . 6.33 -16.32 -18.55
P2A COA G . 5.28 -14.97 -18.71
O4A COA G . 5.75 -13.87 -17.78
O5A COA G . 5.30 -14.48 -20.15
O6A COA G . 3.73 -15.43 -18.30
CBP COA G . 1.37 -14.96 -17.82
CCP COA G . 2.65 -14.55 -18.61
CDP COA G . 0.64 -16.10 -18.58
CEP COA G . 1.75 -15.44 -16.46
CAP COA G . 0.45 -13.77 -17.70
OAP COA G . 1.05 -12.80 -16.90
C9P COA G . 0.18 -13.16 -19.08
O9P COA G . 0.28 -13.84 -20.05
N8P COA G . -0.21 -11.75 -19.20
C7P COA G . -0.49 -11.15 -20.56
C6P COA G . -1.74 -11.83 -21.17
C5P COA G . -2.63 -10.77 -21.82
O5P COA G . -2.57 -10.60 -23.01
N4P COA G . -3.55 -9.97 -20.98
C3P COA G . -4.40 -8.95 -21.60
C2P COA G . -5.93 -9.24 -21.24
S1P COA G . -6.46 -8.13 -19.89
S SO4 H . 15.31 3.04 3.85
O1 SO4 H . 16.11 4.12 3.25
O2 SO4 H . 14.33 3.63 4.78
O3 SO4 H . 16.21 2.11 4.57
O4 SO4 H . 14.60 2.30 2.79
N1A COA I . 22.31 -10.37 -0.76
C2A COA I . 21.58 -10.63 -1.88
N3A COA I . 21.42 -11.91 -2.33
C4A COA I . 22.00 -12.93 -1.67
C5A COA I . 22.73 -12.68 -0.55
C6A COA I . 22.88 -11.38 -0.10
N6A COA I . 23.61 -10.78 1.08
N7A COA I . 23.18 -13.86 -0.09
C8A COA I . 22.74 -14.84 -0.92
N9A COA I . 22.00 -14.27 -1.88
C1B COA I . 21.36 -14.97 -2.93
C2B COA I . 21.98 -14.75 -4.09
O2B COA I . 21.26 -13.73 -4.85
C3B COA I . 21.97 -16.11 -4.81
O3B COA I . 20.82 -16.31 -5.48
P3B COA I . 20.61 -17.76 -6.29
O7A COA I . 20.41 -18.88 -5.29
O8A COA I . 19.40 -17.67 -7.18
O9A COA I . 21.82 -18.04 -7.13
C4B COA I . 22.08 -17.15 -3.63
O4B COA I . 21.43 -16.61 -2.65
C5B COA I . 23.55 -17.35 -3.26
O5B COA I . 23.65 -18.39 -2.29
P1A COA I . 24.99 -19.37 -2.32
O1A COA I . 26.23 -18.53 -2.58
O2A COA I . 24.83 -20.40 -3.38
O3A COA I . 25.14 -20.12 -0.80
P2A COA I . 25.50 -19.29 0.66
O4A COA I . 26.81 -19.82 1.24
O5A COA I . 25.64 -17.80 0.37
O6A COA I . 24.25 -19.54 1.75
CBP COA I . 23.32 -17.86 3.26
CCP COA I . 23.23 -18.55 1.87
CDP COA I . 22.08 -17.01 3.50
CEP COA I . 23.41 -18.92 4.32
CAP COA I . 24.57 -17.00 3.29
OAP COA I . 24.56 -16.15 2.19
C9P COA I . 24.58 -16.17 4.58
O9P COA I . 24.60 -16.70 5.63
N8P COA I . 24.61 -14.69 4.49
C7P COA I . 24.64 -13.86 5.74
C6P COA I . 25.63 -14.48 6.76
C5P COA I . 26.28 -13.38 7.60
O5P COA I . 27.45 -13.45 7.87
N4P COA I . 25.48 -12.23 8.08
C3P COA I . 26.11 -11.19 8.89
C2P COA I . 25.07 -10.63 9.96
S1P COA I . 25.68 -10.96 11.64
S SO4 J . 1.12 5.63 23.68
O1 SO4 J . 2.25 6.38 24.22
O2 SO4 J . -0.04 6.53 23.50
O3 SO4 J . 1.46 5.07 22.36
O4 SO4 J . 0.79 4.57 24.63
S SO4 K . 6.31 13.64 5.92
O1 SO4 K . 7.72 13.77 5.55
O2 SO4 K . 5.86 14.86 6.58
O3 SO4 K . 6.18 12.46 6.79
O4 SO4 K . 5.49 13.49 4.70
S SO4 L . 38.07 32.38 46.24
O1 SO4 L . 38.88 31.76 47.29
O2 SO4 L . 38.46 33.77 46.09
O3 SO4 L . 38.30 31.67 44.98
O4 SO4 L . 36.65 32.30 46.58
S SO4 M . 25.40 34.95 35.02
O1 SO4 M . 26.62 35.79 35.15
O2 SO4 M . 24.81 34.72 36.35
O3 SO4 M . 25.77 33.65 34.42
O4 SO4 M . 24.43 35.65 34.15
N1A COA N . 2.17 18.25 33.45
C2A COA N . 1.03 18.82 32.94
N3A COA N . 0.81 20.16 33.12
C4A COA N . 1.71 20.91 33.82
C5A COA N . 2.83 20.32 34.33
C6A COA N . 3.06 18.97 34.13
N6A COA N . 4.20 18.09 34.59
N7A COA N . 3.55 21.26 34.97
C8A COA N . 2.89 22.44 34.86
N9A COA N . 1.75 22.23 34.16
C1B COA N . 0.79 23.25 33.84
C2B COA N . -0.13 23.41 34.80
O2B COA N . -1.43 22.83 34.43
C3B COA N . -0.32 24.94 34.91
O3B COA N . -1.27 25.38 34.08
P3B COA N . -2.42 26.33 34.81
O7A COA N . -1.76 27.66 35.10
O8A COA N . -3.55 26.53 33.86
O9A COA N . -2.88 25.68 36.09
C4B COA N . 1.08 25.53 34.49
O4B COA N . 1.53 24.72 33.58
C5B COA N . 1.90 25.29 35.74
O5B COA N . 2.88 26.28 35.83
P1A COA N . 3.13 26.79 37.39
O1A COA N . 2.97 25.62 38.36
O2A COA N . 2.16 27.89 37.67
O3A COA N . 4.72 27.37 37.47
P2A COA N . 6.10 26.36 37.32
O4A COA N . 7.16 26.86 38.30
O5A COA N . 6.61 26.35 35.88
O6A COA N . 5.61 24.80 37.68
CBP COA N . 7.63 23.35 37.75
CCP COA N . 6.43 23.98 38.52
CDP COA N . 8.85 24.30 37.89
CEP COA N . 7.97 22.07 38.46
CAP COA N . 7.27 23.01 36.30
OAP COA N . 6.88 24.13 35.53
C9P COA N . 8.41 22.29 35.54
O9P COA N . 9.51 22.71 35.54
N8P COA N . 8.10 21.06 34.80
C7P COA N . 9.23 20.37 34.08
C6P COA N . 10.24 19.81 35.12
C5P COA N . 10.51 18.36 34.74
O5P COA N . 9.60 17.58 34.79
N4P COA N . 11.85 17.95 34.32
C3P COA N . 12.07 16.55 33.96
C2P COA N . 12.65 16.48 32.49
S1P COA N . 14.43 16.11 32.63
S SO4 O . -35.82 -20.62 -23.83
O1 SO4 O . -36.45 -20.77 -22.51
O2 SO4 O . -36.21 -19.32 -24.43
O3 SO4 O . -36.26 -21.72 -24.73
O4 SO4 O . -34.35 -20.67 -23.69
N1A COA P . -48.74 -13.45 -29.43
C2A COA P . -49.40 -14.54 -29.95
N3A COA P . -50.35 -14.37 -30.91
C4A COA P . -50.66 -13.13 -31.35
C5A COA P . -50.01 -12.05 -30.84
C6A COA P . -49.04 -12.22 -29.86
N6A COA P . -48.16 -11.27 -29.10
N7A COA P . -50.50 -10.95 -31.43
C8A COA P . -51.44 -11.34 -32.33
N9A COA P . -51.54 -12.68 -32.27
C1B COA P . -52.43 -13.45 -33.07
C2B COA P . -53.69 -13.19 -32.72
O2B COA P . -54.16 -14.18 -31.76
C3B COA P . -54.47 -13.29 -34.06
O3B COA P . -54.75 -14.57 -34.36
P3B COA P . -56.18 -14.89 -35.18
O7A COA P . -56.82 -13.58 -35.60
O8A COA P . -55.88 -15.71 -36.40
O9A COA P . -57.11 -15.65 -34.27
C4B COA P . -53.45 -12.71 -35.12
O4B COA P . -52.27 -13.03 -34.66
C5B COA P . -53.60 -11.18 -35.20
O5B COA P . -54.98 -10.85 -35.22
P1A COA P . -55.48 -9.43 -34.52
O1A COA P . -56.35 -9.74 -33.31
O2A COA P . -56.27 -8.62 -35.52
O3A COA P . -54.12 -8.54 -34.01
P2A COA P . -53.53 -7.16 -34.86
O4A COA P . -54.51 -6.78 -35.96
O5A COA P . -53.35 -6.00 -33.89
O6A COA P . -52.04 -7.55 -35.55
CBP COA P . -49.75 -7.07 -36.27
CCP COA P . -51.14 -6.48 -35.88
CDP COA P . -49.88 -7.81 -37.61
CEP COA P . -48.75 -5.96 -36.42
CAP COA P . -49.29 -8.02 -35.20
OAP COA P . -48.14 -8.68 -35.64
C9P COA P . -49.00 -7.25 -33.92
O9P COA P . -49.67 -6.34 -33.61
N8P COA P . -47.86 -7.66 -33.06
C7P COA P . -47.56 -6.90 -31.80
C6P COA P . -46.51 -5.79 -32.07
C5P COA P . -45.54 -5.70 -30.90
O5P COA P . -45.80 -6.25 -29.85
N4P COA P . -44.28 -4.94 -31.03
C3P COA P . -43.35 -4.85 -29.90
C2P COA P . -42.54 -3.48 -29.98
S1P COA P . -40.79 -3.81 -30.38
#